data_7OCZ
# 
_entry.id   7OCZ 
# 
_audit_conform.dict_name       mmcif_pdbx.dic 
_audit_conform.dict_version    5.384 
_audit_conform.dict_location   http://mmcif.pdb.org/dictionaries/ascii/mmcif_pdbx.dic 
# 
loop_
_database_2.database_id 
_database_2.database_code 
_database_2.pdbx_database_accession 
_database_2.pdbx_DOI 
PDB   7OCZ         pdb_00007ocz 10.2210/pdb7ocz/pdb 
WWPDB D_1292115444 ?            ?                   
# 
loop_
_pdbx_audit_revision_history.ordinal 
_pdbx_audit_revision_history.data_content_type 
_pdbx_audit_revision_history.major_revision 
_pdbx_audit_revision_history.minor_revision 
_pdbx_audit_revision_history.revision_date 
1 'Structure model' 1 0 2021-08-25 
2 'Structure model' 1 1 2021-10-06 
3 'Structure model' 1 2 2024-01-31 
# 
_pdbx_audit_revision_details.ordinal             1 
_pdbx_audit_revision_details.revision_ordinal    1 
_pdbx_audit_revision_details.data_content_type   'Structure model' 
_pdbx_audit_revision_details.provider            repository 
_pdbx_audit_revision_details.type                'Initial release' 
_pdbx_audit_revision_details.description         ? 
_pdbx_audit_revision_details.details             ? 
# 
loop_
_pdbx_audit_revision_group.ordinal 
_pdbx_audit_revision_group.revision_ordinal 
_pdbx_audit_revision_group.data_content_type 
_pdbx_audit_revision_group.group 
1 2 'Structure model' 'Data collection'        
2 2 'Structure model' 'Database references'    
3 2 'Structure model' 'Structure summary'      
4 3 'Structure model' 'Data collection'        
5 3 'Structure model' 'Refinement description' 
# 
loop_
_pdbx_audit_revision_category.ordinal 
_pdbx_audit_revision_category.revision_ordinal 
_pdbx_audit_revision_category.data_content_type 
_pdbx_audit_revision_category.category 
1 2 'Structure model' citation                      
2 2 'Structure model' citation_author               
3 2 'Structure model' pdbx_contact_author           
4 2 'Structure model' pdbx_database_proc            
5 3 'Structure model' chem_comp_atom                
6 3 'Structure model' chem_comp_bond                
7 3 'Structure model' pdbx_initial_refinement_model 
# 
loop_
_pdbx_audit_revision_item.ordinal 
_pdbx_audit_revision_item.revision_ordinal 
_pdbx_audit_revision_item.data_content_type 
_pdbx_audit_revision_item.item 
1 2 'Structure model' '_citation.journal_volume'          
2 2 'Structure model' '_citation.page_first'              
3 2 'Structure model' '_citation.page_last'               
4 2 'Structure model' '_citation.pdbx_database_id_PubMed' 
5 2 'Structure model' '_citation.title'                   
# 
_pdbx_database_status.status_code                     REL 
_pdbx_database_status.status_code_sf                  REL 
_pdbx_database_status.status_code_mr                  ? 
_pdbx_database_status.entry_id                        7OCZ 
_pdbx_database_status.recvd_initial_deposition_date   2021-04-28 
_pdbx_database_status.SG_entry                        N 
_pdbx_database_status.deposit_site                    PDBE 
_pdbx_database_status.process_site                    PDBE 
_pdbx_database_status.status_code_cs                  ? 
_pdbx_database_status.status_code_nmr_data            ? 
_pdbx_database_status.methods_development_category    ? 
_pdbx_database_status.pdb_format_compatible           Y 
# 
loop_
_audit_author.name 
_audit_author.pdbx_ordinal 
_audit_author.identifier_ORCID 
'Basquin, J.'   1 0000-0003-2151-3991 
'Ketting, R.F.' 2 0000-0001-6161-5621 
'Falk, S.'      3 0000-0001-7848-4621 
# 
_citation.abstract                  ? 
_citation.abstract_id_CAS           ? 
_citation.book_id_ISBN              ? 
_citation.book_publisher            ? 
_citation.book_publisher_city       ? 
_citation.book_title                ? 
_citation.coordinate_linkage        ? 
_citation.country                   US 
_citation.database_id_Medline       ? 
_citation.details                   ? 
_citation.id                        primary 
_citation.journal_abbrev            'Genes Dev.' 
_citation.journal_id_ASTM           GEDEEP 
_citation.journal_id_CSD            2056 
_citation.journal_id_ISSN           0890-9369 
_citation.journal_full              ? 
_citation.journal_issue             ? 
_citation.journal_volume            35 
_citation.language                  ? 
_citation.page_first                1304 
_citation.page_last                 1323 
_citation.title                     'Structural basis of PETISCO complex assembly during piRNA biogenesis in C. elegans .' 
_citation.year                      2021 
_citation.database_id_CSD           ? 
_citation.pdbx_database_id_DOI      10.1101/gad.348648.121 
_citation.pdbx_database_id_PubMed   34413138 
_citation.pdbx_database_id_patent   ? 
_citation.unpublished_flag          ? 
# 
loop_
_citation_author.citation_id 
_citation_author.name 
_citation_author.ordinal 
_citation_author.identifier_ORCID 
primary 'Perez-Borrajero, C.' 1  ? 
primary 'Podvalnaya, N.'      2  ? 
primary 'Holleis, K.'         3  ? 
primary 'Lichtenberger, R.'   4  ? 
primary 'Karaulanov, E.'      5  ? 
primary 'Simon, B.'           6  ? 
primary 'Basquin, J.'         7  ? 
primary 'Hennig, J.'          8  ? 
primary 'Ketting, R.F.'       9  ? 
primary 'Falk, S.'            10 ? 
# 
loop_
_entity.id 
_entity.type 
_entity.src_method 
_entity.pdbx_description 
_entity.formula_weight 
_entity.pdbx_number_of_molecules 
_entity.pdbx_ec 
_entity.pdbx_mutation 
_entity.pdbx_fragment 
_entity.details 
1 polymer     man 'Protein pid-3' 9160.454 2   ? ? ? ? 
2 non-polymer syn 'CHLORIDE ION'  35.453   2   ? ? ? ? 
3 water       nat water           18.015   106 ? ? ? ? 
# 
_entity_name_com.entity_id   1 
_entity_name_com.name        'piRNA biogenesis and chromosome segregation protein 1,piRNA-induced silencing defective protein 3' 
# 
_entity_poly.entity_id                      1 
_entity_poly.type                           'polypeptide(L)' 
_entity_poly.nstd_linkage                   no 
_entity_poly.nstd_monomer                   no 
_entity_poly.pdbx_seq_one_letter_code       
;GPDSMPRGADQENMLKISGYPGMLNTFGIAQLLTPYRVNGITITGAQSAVVALENKFQVYQAVQDFNGKKLDRNHKLQVS
SLVV
;
_entity_poly.pdbx_seq_one_letter_code_can   
;GPDSMPRGADQENMLKISGYPGMLNTFGIAQLLTPYRVNGITITGAQSAVVALENKFQVYQAVQDFNGKKLDRNHKLQVS
SLVV
;
_entity_poly.pdbx_strand_id                 A,B 
_entity_poly.pdbx_target_identifier         ? 
# 
loop_
_pdbx_entity_nonpoly.entity_id 
_pdbx_entity_nonpoly.name 
_pdbx_entity_nonpoly.comp_id 
2 'CHLORIDE ION' CL  
3 water          HOH 
# 
loop_
_entity_poly_seq.entity_id 
_entity_poly_seq.num 
_entity_poly_seq.mon_id 
_entity_poly_seq.hetero 
1 1  GLY n 
1 2  PRO n 
1 3  ASP n 
1 4  SER n 
1 5  MET n 
1 6  PRO n 
1 7  ARG n 
1 8  GLY n 
1 9  ALA n 
1 10 ASP n 
1 11 GLN n 
1 12 GLU n 
1 13 ASN n 
1 14 MET n 
1 15 LEU n 
1 16 LYS n 
1 17 ILE n 
1 18 SER n 
1 19 GLY n 
1 20 TYR n 
1 21 PRO n 
1 22 GLY n 
1 23 MET n 
1 24 LEU n 
1 25 ASN n 
1 26 THR n 
1 27 PHE n 
1 28 GLY n 
1 29 ILE n 
1 30 ALA n 
1 31 GLN n 
1 32 LEU n 
1 33 LEU n 
1 34 THR n 
1 35 PRO n 
1 36 TYR n 
1 37 ARG n 
1 38 VAL n 
1 39 ASN n 
1 40 GLY n 
1 41 ILE n 
1 42 THR n 
1 43 ILE n 
1 44 THR n 
1 45 GLY n 
1 46 ALA n 
1 47 GLN n 
1 48 SER n 
1 49 ALA n 
1 50 VAL n 
1 51 VAL n 
1 52 ALA n 
1 53 LEU n 
1 54 GLU n 
1 55 ASN n 
1 56 LYS n 
1 57 PHE n 
1 58 GLN n 
1 59 VAL n 
1 60 TYR n 
1 61 GLN n 
1 62 ALA n 
1 63 VAL n 
1 64 GLN n 
1 65 ASP n 
1 66 PHE n 
1 67 ASN n 
1 68 GLY n 
1 69 LYS n 
1 70 LYS n 
1 71 LEU n 
1 72 ASP n 
1 73 ARG n 
1 74 ASN n 
1 75 HIS n 
1 76 LYS n 
1 77 LEU n 
1 78 GLN n 
1 79 VAL n 
1 80 SER n 
1 81 SER n 
1 82 LEU n 
1 83 VAL n 
1 84 VAL n 
# 
_entity_src_gen.entity_id                          1 
_entity_src_gen.pdbx_src_id                        1 
_entity_src_gen.pdbx_alt_source_flag               sample 
_entity_src_gen.pdbx_seq_type                      'Biological sequence' 
_entity_src_gen.pdbx_beg_seq_num                   1 
_entity_src_gen.pdbx_end_seq_num                   84 
_entity_src_gen.gene_src_common_name               ? 
_entity_src_gen.gene_src_genus                     ? 
_entity_src_gen.pdbx_gene_src_gene                 'pid-3, pics-1, Y23H5A.3' 
_entity_src_gen.gene_src_species                   ? 
_entity_src_gen.gene_src_strain                    ? 
_entity_src_gen.gene_src_tissue                    ? 
_entity_src_gen.gene_src_tissue_fraction           ? 
_entity_src_gen.gene_src_details                   ? 
_entity_src_gen.pdbx_gene_src_fragment             ? 
_entity_src_gen.pdbx_gene_src_scientific_name      'Caenorhabditis elegans' 
_entity_src_gen.pdbx_gene_src_ncbi_taxonomy_id     6239 
_entity_src_gen.pdbx_gene_src_variant              ? 
_entity_src_gen.pdbx_gene_src_cell_line            ? 
_entity_src_gen.pdbx_gene_src_atcc                 ? 
_entity_src_gen.pdbx_gene_src_organ                ? 
_entity_src_gen.pdbx_gene_src_organelle            ? 
_entity_src_gen.pdbx_gene_src_cell                 ? 
_entity_src_gen.pdbx_gene_src_cellular_location    ? 
_entity_src_gen.host_org_common_name               ? 
_entity_src_gen.pdbx_host_org_scientific_name      'Escherichia coli BL21(DE3)' 
_entity_src_gen.pdbx_host_org_ncbi_taxonomy_id     469008 
_entity_src_gen.host_org_genus                     ? 
_entity_src_gen.pdbx_host_org_gene                 ? 
_entity_src_gen.pdbx_host_org_organ                ? 
_entity_src_gen.host_org_species                   ? 
_entity_src_gen.pdbx_host_org_tissue               ? 
_entity_src_gen.pdbx_host_org_tissue_fraction      ? 
_entity_src_gen.pdbx_host_org_strain               ? 
_entity_src_gen.pdbx_host_org_variant              ? 
_entity_src_gen.pdbx_host_org_cell_line            ? 
_entity_src_gen.pdbx_host_org_atcc                 ? 
_entity_src_gen.pdbx_host_org_culture_collection   ? 
_entity_src_gen.pdbx_host_org_cell                 ? 
_entity_src_gen.pdbx_host_org_organelle            ? 
_entity_src_gen.pdbx_host_org_cellular_location    ? 
_entity_src_gen.pdbx_host_org_vector_type          ? 
_entity_src_gen.pdbx_host_org_vector               ? 
_entity_src_gen.host_org_details                   ? 
_entity_src_gen.expression_system_id               ? 
_entity_src_gen.plasmid_name                       ? 
_entity_src_gen.plasmid_details                    ? 
_entity_src_gen.pdbx_description                   ? 
# 
loop_
_chem_comp.id 
_chem_comp.type 
_chem_comp.mon_nstd_flag 
_chem_comp.name 
_chem_comp.pdbx_synonyms 
_chem_comp.formula 
_chem_comp.formula_weight 
ALA 'L-peptide linking' y ALANINE         ? 'C3 H7 N O2'     89.093  
ARG 'L-peptide linking' y ARGININE        ? 'C6 H15 N4 O2 1' 175.209 
ASN 'L-peptide linking' y ASPARAGINE      ? 'C4 H8 N2 O3'    132.118 
ASP 'L-peptide linking' y 'ASPARTIC ACID' ? 'C4 H7 N O4'     133.103 
CL  non-polymer         . 'CHLORIDE ION'  ? 'Cl -1'          35.453  
GLN 'L-peptide linking' y GLUTAMINE       ? 'C5 H10 N2 O3'   146.144 
GLU 'L-peptide linking' y 'GLUTAMIC ACID' ? 'C5 H9 N O4'     147.129 
GLY 'peptide linking'   y GLYCINE         ? 'C2 H5 N O2'     75.067  
HIS 'L-peptide linking' y HISTIDINE       ? 'C6 H10 N3 O2 1' 156.162 
HOH non-polymer         . WATER           ? 'H2 O'           18.015  
ILE 'L-peptide linking' y ISOLEUCINE      ? 'C6 H13 N O2'    131.173 
LEU 'L-peptide linking' y LEUCINE         ? 'C6 H13 N O2'    131.173 
LYS 'L-peptide linking' y LYSINE          ? 'C6 H15 N2 O2 1' 147.195 
MET 'L-peptide linking' y METHIONINE      ? 'C5 H11 N O2 S'  149.211 
PHE 'L-peptide linking' y PHENYLALANINE   ? 'C9 H11 N O2'    165.189 
PRO 'L-peptide linking' y PROLINE         ? 'C5 H9 N O2'     115.130 
SER 'L-peptide linking' y SERINE          ? 'C3 H7 N O3'     105.093 
THR 'L-peptide linking' y THREONINE       ? 'C4 H9 N O3'     119.119 
TYR 'L-peptide linking' y TYROSINE        ? 'C9 H11 N O3'    181.189 
VAL 'L-peptide linking' y VALINE          ? 'C5 H11 N O2'    117.146 
# 
loop_
_pdbx_poly_seq_scheme.asym_id 
_pdbx_poly_seq_scheme.entity_id 
_pdbx_poly_seq_scheme.seq_id 
_pdbx_poly_seq_scheme.mon_id 
_pdbx_poly_seq_scheme.ndb_seq_num 
_pdbx_poly_seq_scheme.pdb_seq_num 
_pdbx_poly_seq_scheme.auth_seq_num 
_pdbx_poly_seq_scheme.pdb_mon_id 
_pdbx_poly_seq_scheme.auth_mon_id 
_pdbx_poly_seq_scheme.pdb_strand_id 
_pdbx_poly_seq_scheme.pdb_ins_code 
_pdbx_poly_seq_scheme.hetero 
A 1 1  GLY 1  1  ?  ?   ?   A . n 
A 1 2  PRO 2  2  ?  ?   ?   A . n 
A 1 3  ASP 3  3  ?  ?   ?   A . n 
A 1 4  SER 4  4  4  SER SER A . n 
A 1 5  MET 5  5  5  MET MET A . n 
A 1 6  PRO 6  6  6  PRO PRO A . n 
A 1 7  ARG 7  7  7  ARG ARG A . n 
A 1 8  GLY 8  8  8  GLY GLY A . n 
A 1 9  ALA 9  9  9  ALA ALA A . n 
A 1 10 ASP 10 10 10 ASP ASP A . n 
A 1 11 GLN 11 11 11 GLN GLN A . n 
A 1 12 GLU 12 12 12 GLU GLU A . n 
A 1 13 ASN 13 13 13 ASN ASN A . n 
A 1 14 MET 14 14 14 MET MET A . n 
A 1 15 LEU 15 15 15 LEU LEU A . n 
A 1 16 LYS 16 16 16 LYS LYS A . n 
A 1 17 ILE 17 17 17 ILE ILE A . n 
A 1 18 SER 18 18 18 SER SER A . n 
A 1 19 GLY 19 19 19 GLY GLY A . n 
A 1 20 TYR 20 20 20 TYR TYR A . n 
A 1 21 PRO 21 21 21 PRO PRO A . n 
A 1 22 GLY 22 22 22 GLY GLY A . n 
A 1 23 MET 23 23 23 MET MET A . n 
A 1 24 LEU 24 24 24 LEU LEU A . n 
A 1 25 ASN 25 25 25 ASN ASN A . n 
A 1 26 THR 26 26 26 THR THR A . n 
A 1 27 PHE 27 27 27 PHE PHE A . n 
A 1 28 GLY 28 28 28 GLY GLY A . n 
A 1 29 ILE 29 29 29 ILE ILE A . n 
A 1 30 ALA 30 30 30 ALA ALA A . n 
A 1 31 GLN 31 31 31 GLN GLN A . n 
A 1 32 LEU 32 32 32 LEU LEU A . n 
A 1 33 LEU 33 33 33 LEU LEU A . n 
A 1 34 THR 34 34 34 THR THR A . n 
A 1 35 PRO 35 35 35 PRO PRO A . n 
A 1 36 TYR 36 36 36 TYR TYR A . n 
A 1 37 ARG 37 37 37 ARG ARG A . n 
A 1 38 VAL 38 38 38 VAL VAL A . n 
A 1 39 ASN 39 39 39 ASN ASN A . n 
A 1 40 GLY 40 40 40 GLY GLY A . n 
A 1 41 ILE 41 41 41 ILE ILE A . n 
A 1 42 THR 42 42 42 THR THR A . n 
A 1 43 ILE 43 43 43 ILE ILE A . n 
A 1 44 THR 44 44 44 THR THR A . n 
A 1 45 GLY 45 45 45 GLY GLY A . n 
A 1 46 ALA 46 46 46 ALA ALA A . n 
A 1 47 GLN 47 47 47 GLN GLN A . n 
A 1 48 SER 48 48 48 SER SER A . n 
A 1 49 ALA 49 49 49 ALA ALA A . n 
A 1 50 VAL 50 50 50 VAL VAL A . n 
A 1 51 VAL 51 51 51 VAL VAL A . n 
A 1 52 ALA 52 52 52 ALA ALA A . n 
A 1 53 LEU 53 53 53 LEU LEU A . n 
A 1 54 GLU 54 54 54 GLU GLU A . n 
A 1 55 ASN 55 55 55 ASN ASN A . n 
A 1 56 LYS 56 56 56 LYS LYS A . n 
A 1 57 PHE 57 57 57 PHE PHE A . n 
A 1 58 GLN 58 58 58 GLN GLN A . n 
A 1 59 VAL 59 59 59 VAL VAL A . n 
A 1 60 TYR 60 60 60 TYR TYR A . n 
A 1 61 GLN 61 61 61 GLN GLN A . n 
A 1 62 ALA 62 62 62 ALA ALA A . n 
A 1 63 VAL 63 63 63 VAL VAL A . n 
A 1 64 GLN 64 64 64 GLN GLN A . n 
A 1 65 ASP 65 65 65 ASP ASP A . n 
A 1 66 PHE 66 66 66 PHE PHE A . n 
A 1 67 ASN 67 67 67 ASN ASN A . n 
A 1 68 GLY 68 68 68 GLY GLY A . n 
A 1 69 LYS 69 69 69 LYS LYS A . n 
A 1 70 LYS 70 70 70 LYS LYS A . n 
A 1 71 LEU 71 71 71 LEU LEU A . n 
A 1 72 ASP 72 72 72 ASP ASP A . n 
A 1 73 ARG 73 73 73 ARG ARG A . n 
A 1 74 ASN 74 74 74 ASN ASN A . n 
A 1 75 HIS 75 75 75 HIS HIS A . n 
A 1 76 LYS 76 76 76 LYS LYS A . n 
A 1 77 LEU 77 77 77 LEU LEU A . n 
A 1 78 GLN 78 78 78 GLN GLN A . n 
A 1 79 VAL 79 79 79 VAL VAL A . n 
A 1 80 SER 80 80 80 SER SER A . n 
A 1 81 SER 81 81 81 SER SER A . n 
A 1 82 LEU 82 82 82 LEU LEU A . n 
A 1 83 VAL 83 83 83 VAL VAL A . n 
A 1 84 VAL 84 84 84 VAL VAL A . n 
B 1 1  GLY 1  1  ?  ?   ?   B . n 
B 1 2  PRO 2  2  ?  ?   ?   B . n 
B 1 3  ASP 3  3  ?  ?   ?   B . n 
B 1 4  SER 4  4  4  SER SER B . n 
B 1 5  MET 5  5  5  MET MET B . n 
B 1 6  PRO 6  6  6  PRO PRO B . n 
B 1 7  ARG 7  7  7  ARG ARG B . n 
B 1 8  GLY 8  8  8  GLY GLY B . n 
B 1 9  ALA 9  9  9  ALA ALA B . n 
B 1 10 ASP 10 10 10 ASP ASP B . n 
B 1 11 GLN 11 11 11 GLN GLN B . n 
B 1 12 GLU 12 12 12 GLU GLU B . n 
B 1 13 ASN 13 13 13 ASN ASN B . n 
B 1 14 MET 14 14 14 MET MET B . n 
B 1 15 LEU 15 15 15 LEU LEU B . n 
B 1 16 LYS 16 16 16 LYS LYS B . n 
B 1 17 ILE 17 17 17 ILE ILE B . n 
B 1 18 SER 18 18 18 SER SER B . n 
B 1 19 GLY 19 19 19 GLY GLY B . n 
B 1 20 TYR 20 20 20 TYR TYR B . n 
B 1 21 PRO 21 21 21 PRO PRO B . n 
B 1 22 GLY 22 22 22 GLY GLY B . n 
B 1 23 MET 23 23 23 MET MET B . n 
B 1 24 LEU 24 24 24 LEU LEU B . n 
B 1 25 ASN 25 25 25 ASN ASN B . n 
B 1 26 THR 26 26 26 THR THR B . n 
B 1 27 PHE 27 27 27 PHE PHE B . n 
B 1 28 GLY 28 28 28 GLY GLY B . n 
B 1 29 ILE 29 29 29 ILE ILE B . n 
B 1 30 ALA 30 30 30 ALA ALA B . n 
B 1 31 GLN 31 31 31 GLN GLN B . n 
B 1 32 LEU 32 32 32 LEU LEU B . n 
B 1 33 LEU 33 33 33 LEU LEU B . n 
B 1 34 THR 34 34 34 THR THR B . n 
B 1 35 PRO 35 35 35 PRO PRO B . n 
B 1 36 TYR 36 36 36 TYR TYR B . n 
B 1 37 ARG 37 37 37 ARG ARG B . n 
B 1 38 VAL 38 38 38 VAL VAL B . n 
B 1 39 ASN 39 39 39 ASN ASN B . n 
B 1 40 GLY 40 40 40 GLY GLY B . n 
B 1 41 ILE 41 41 41 ILE ILE B . n 
B 1 42 THR 42 42 42 THR THR B . n 
B 1 43 ILE 43 43 43 ILE ILE B . n 
B 1 44 THR 44 44 44 THR THR B . n 
B 1 45 GLY 45 45 45 GLY GLY B . n 
B 1 46 ALA 46 46 46 ALA ALA B . n 
B 1 47 GLN 47 47 47 GLN GLN B . n 
B 1 48 SER 48 48 48 SER SER B . n 
B 1 49 ALA 49 49 49 ALA ALA B . n 
B 1 50 VAL 50 50 50 VAL VAL B . n 
B 1 51 VAL 51 51 51 VAL VAL B . n 
B 1 52 ALA 52 52 52 ALA ALA B . n 
B 1 53 LEU 53 53 53 LEU LEU B . n 
B 1 54 GLU 54 54 54 GLU GLU B . n 
B 1 55 ASN 55 55 55 ASN ASN B . n 
B 1 56 LYS 56 56 56 LYS LYS B . n 
B 1 57 PHE 57 57 57 PHE PHE B . n 
B 1 58 GLN 58 58 58 GLN GLN B . n 
B 1 59 VAL 59 59 59 VAL VAL B . n 
B 1 60 TYR 60 60 60 TYR TYR B . n 
B 1 61 GLN 61 61 61 GLN GLN B . n 
B 1 62 ALA 62 62 62 ALA ALA B . n 
B 1 63 VAL 63 63 63 VAL VAL B . n 
B 1 64 GLN 64 64 64 GLN GLN B . n 
B 1 65 ASP 65 65 65 ASP ASP B . n 
B 1 66 PHE 66 66 66 PHE PHE B . n 
B 1 67 ASN 67 67 67 ASN ASN B . n 
B 1 68 GLY 68 68 68 GLY GLY B . n 
B 1 69 LYS 69 69 69 LYS LYS B . n 
B 1 70 LYS 70 70 70 LYS LYS B . n 
B 1 71 LEU 71 71 71 LEU LEU B . n 
B 1 72 ASP 72 72 72 ASP ASP B . n 
B 1 73 ARG 73 73 73 ARG ARG B . n 
B 1 74 ASN 74 74 74 ASN ASN B . n 
B 1 75 HIS 75 75 75 HIS HIS B . n 
B 1 76 LYS 76 76 76 LYS LYS B . n 
B 1 77 LEU 77 77 77 LEU LEU B . n 
B 1 78 GLN 78 78 78 GLN GLN B . n 
B 1 79 VAL 79 79 79 VAL VAL B . n 
B 1 80 SER 80 80 80 SER SER B . n 
B 1 81 SER 81 81 81 SER SER B . n 
B 1 82 LEU 82 82 82 LEU LEU B . n 
B 1 83 VAL 83 83 83 VAL VAL B . n 
B 1 84 VAL 84 84 84 VAL VAL B . n 
# 
loop_
_pdbx_nonpoly_scheme.asym_id 
_pdbx_nonpoly_scheme.entity_id 
_pdbx_nonpoly_scheme.mon_id 
_pdbx_nonpoly_scheme.ndb_seq_num 
_pdbx_nonpoly_scheme.pdb_seq_num 
_pdbx_nonpoly_scheme.auth_seq_num 
_pdbx_nonpoly_scheme.pdb_mon_id 
_pdbx_nonpoly_scheme.auth_mon_id 
_pdbx_nonpoly_scheme.pdb_strand_id 
_pdbx_nonpoly_scheme.pdb_ins_code 
C 2 CL  1  101 1   CL  CL  A . 
D 2 CL  1  102 3   CL  CL  A . 
E 3 HOH 1  201 66  HOH HOH A . 
E 3 HOH 2  202 90  HOH HOH A . 
E 3 HOH 3  203 44  HOH HOH A . 
E 3 HOH 4  204 28  HOH HOH A . 
E 3 HOH 5  205 18  HOH HOH A . 
E 3 HOH 6  206 21  HOH HOH A . 
E 3 HOH 7  207 14  HOH HOH A . 
E 3 HOH 8  208 2   HOH HOH A . 
E 3 HOH 9  209 43  HOH HOH A . 
E 3 HOH 10 210 72  HOH HOH A . 
E 3 HOH 11 211 103 HOH HOH A . 
E 3 HOH 12 212 11  HOH HOH A . 
E 3 HOH 13 213 98  HOH HOH A . 
E 3 HOH 14 214 70  HOH HOH A . 
E 3 HOH 15 215 22  HOH HOH A . 
E 3 HOH 16 216 19  HOH HOH A . 
E 3 HOH 17 217 85  HOH HOH A . 
E 3 HOH 18 218 95  HOH HOH A . 
E 3 HOH 19 219 65  HOH HOH A . 
E 3 HOH 20 220 41  HOH HOH A . 
E 3 HOH 21 221 61  HOH HOH A . 
E 3 HOH 22 222 91  HOH HOH A . 
E 3 HOH 23 223 10  HOH HOH A . 
E 3 HOH 24 224 54  HOH HOH A . 
E 3 HOH 25 225 27  HOH HOH A . 
E 3 HOH 26 226 51  HOH HOH A . 
E 3 HOH 27 227 62  HOH HOH A . 
E 3 HOH 28 228 73  HOH HOH A . 
E 3 HOH 29 229 68  HOH HOH A . 
E 3 HOH 30 230 38  HOH HOH A . 
E 3 HOH 31 231 87  HOH HOH A . 
E 3 HOH 32 232 37  HOH HOH A . 
E 3 HOH 33 233 29  HOH HOH A . 
E 3 HOH 34 234 76  HOH HOH A . 
E 3 HOH 35 235 8   HOH HOH A . 
E 3 HOH 36 236 45  HOH HOH A . 
E 3 HOH 37 237 46  HOH HOH A . 
E 3 HOH 38 238 56  HOH HOH A . 
E 3 HOH 39 239 100 HOH HOH A . 
E 3 HOH 40 240 53  HOH HOH A . 
E 3 HOH 41 241 101 HOH HOH A . 
E 3 HOH 42 242 39  HOH HOH A . 
E 3 HOH 43 243 47  HOH HOH A . 
E 3 HOH 44 244 94  HOH HOH A . 
E 3 HOH 45 245 80  HOH HOH A . 
E 3 HOH 46 246 93  HOH HOH A . 
E 3 HOH 47 247 99  HOH HOH A . 
E 3 HOH 48 248 49  HOH HOH A . 
E 3 HOH 49 249 107 HOH HOH A . 
F 3 HOH 1  101 81  HOH HOH B . 
F 3 HOH 2  102 3   HOH HOH B . 
F 3 HOH 3  103 84  HOH HOH B . 
F 3 HOH 4  104 89  HOH HOH B . 
F 3 HOH 5  105 7   HOH HOH B . 
F 3 HOH 6  106 24  HOH HOH B . 
F 3 HOH 7  107 64  HOH HOH B . 
F 3 HOH 8  108 40  HOH HOH B . 
F 3 HOH 9  109 6   HOH HOH B . 
F 3 HOH 10 110 88  HOH HOH B . 
F 3 HOH 11 111 31  HOH HOH B . 
F 3 HOH 12 112 34  HOH HOH B . 
F 3 HOH 13 113 59  HOH HOH B . 
F 3 HOH 14 114 79  HOH HOH B . 
F 3 HOH 15 115 15  HOH HOH B . 
F 3 HOH 16 116 78  HOH HOH B . 
F 3 HOH 17 117 17  HOH HOH B . 
F 3 HOH 18 118 16  HOH HOH B . 
F 3 HOH 19 119 20  HOH HOH B . 
F 3 HOH 20 120 30  HOH HOH B . 
F 3 HOH 21 121 9   HOH HOH B . 
F 3 HOH 22 122 5   HOH HOH B . 
F 3 HOH 23 123 58  HOH HOH B . 
F 3 HOH 24 124 71  HOH HOH B . 
F 3 HOH 25 125 36  HOH HOH B . 
F 3 HOH 26 126 13  HOH HOH B . 
F 3 HOH 27 127 25  HOH HOH B . 
F 3 HOH 28 128 67  HOH HOH B . 
F 3 HOH 29 129 32  HOH HOH B . 
F 3 HOH 30 130 60  HOH HOH B . 
F 3 HOH 31 131 26  HOH HOH B . 
F 3 HOH 32 132 42  HOH HOH B . 
F 3 HOH 33 133 57  HOH HOH B . 
F 3 HOH 34 134 33  HOH HOH B . 
F 3 HOH 35 135 75  HOH HOH B . 
F 3 HOH 36 136 4   HOH HOH B . 
F 3 HOH 37 137 96  HOH HOH B . 
F 3 HOH 38 138 23  HOH HOH B . 
F 3 HOH 39 139 82  HOH HOH B . 
F 3 HOH 40 140 12  HOH HOH B . 
F 3 HOH 41 141 63  HOH HOH B . 
F 3 HOH 42 142 86  HOH HOH B . 
F 3 HOH 43 143 69  HOH HOH B . 
F 3 HOH 44 144 1   HOH HOH B . 
F 3 HOH 45 145 77  HOH HOH B . 
F 3 HOH 46 146 92  HOH HOH B . 
F 3 HOH 47 147 35  HOH HOH B . 
F 3 HOH 48 148 55  HOH HOH B . 
F 3 HOH 49 149 52  HOH HOH B . 
F 3 HOH 50 150 83  HOH HOH B . 
F 3 HOH 51 151 74  HOH HOH B . 
F 3 HOH 52 152 102 HOH HOH B . 
F 3 HOH 53 153 50  HOH HOH B . 
F 3 HOH 54 154 48  HOH HOH B . 
F 3 HOH 55 155 104 HOH HOH B . 
F 3 HOH 56 156 109 HOH HOH B . 
F 3 HOH 57 157 108 HOH HOH B . 
# 
loop_
_pdbx_unobs_or_zero_occ_atoms.id 
_pdbx_unobs_or_zero_occ_atoms.PDB_model_num 
_pdbx_unobs_or_zero_occ_atoms.polymer_flag 
_pdbx_unobs_or_zero_occ_atoms.occupancy_flag 
_pdbx_unobs_or_zero_occ_atoms.auth_asym_id 
_pdbx_unobs_or_zero_occ_atoms.auth_comp_id 
_pdbx_unobs_or_zero_occ_atoms.auth_seq_id 
_pdbx_unobs_or_zero_occ_atoms.PDB_ins_code 
_pdbx_unobs_or_zero_occ_atoms.auth_atom_id 
_pdbx_unobs_or_zero_occ_atoms.label_alt_id 
_pdbx_unobs_or_zero_occ_atoms.label_asym_id 
_pdbx_unobs_or_zero_occ_atoms.label_comp_id 
_pdbx_unobs_or_zero_occ_atoms.label_seq_id 
_pdbx_unobs_or_zero_occ_atoms.label_atom_id 
1  1 Y 1 A SER 4  ? OG  ? A SER 4  OG  
2  1 Y 1 A ARG 7  ? CG  ? A ARG 7  CG  
3  1 Y 1 A ARG 7  ? CD  ? A ARG 7  CD  
4  1 Y 1 A ARG 7  ? NE  ? A ARG 7  NE  
5  1 Y 1 A ARG 7  ? CZ  ? A ARG 7  CZ  
6  1 Y 1 A ARG 7  ? NH1 ? A ARG 7  NH1 
7  1 Y 1 A ARG 7  ? NH2 ? A ARG 7  NH2 
8  1 Y 1 B SER 4  ? OG  ? B SER 4  OG  
9  1 Y 1 B ARG 7  ? CG  ? B ARG 7  CG  
10 1 Y 1 B ARG 7  ? CD  ? B ARG 7  CD  
11 1 Y 1 B ARG 7  ? NE  ? B ARG 7  NE  
12 1 Y 1 B ARG 7  ? CZ  ? B ARG 7  CZ  
13 1 Y 1 B ARG 7  ? NH1 ? B ARG 7  NH1 
14 1 Y 1 B ARG 7  ? NH2 ? B ARG 7  NH2 
15 1 Y 1 B VAL 84 ? CG1 ? B VAL 84 CG1 
16 1 Y 1 B VAL 84 ? CG2 ? B VAL 84 CG2 
# 
loop_
_software.citation_id 
_software.classification 
_software.compiler_name 
_software.compiler_version 
_software.contact_author 
_software.contact_author_email 
_software.date 
_software.description 
_software.dependencies 
_software.hardware 
_software.language 
_software.location 
_software.mods 
_software.name 
_software.os 
_software.os_version 
_software.type 
_software.version 
_software.pdbx_ordinal 
? refinement       ? ? ? ? ? ? ? ? ? ? ? PHENIX  ? ? ? 1.19.1-4122 1 
? 'data reduction' ? ? ? ? ? ? ? ? ? ? ? xia2    ? ? ? .           2 
? 'data scaling'   ? ? ? ? ? ? ? ? ? ? ? Aimless ? ? ? .           3 
? 'model building' ? ? ? ? ? ? ? ? ? ? ? Coot    ? ? ? .           4 
? phasing          ? ? ? ? ? ? ? ? ? ? ? PHASER  ? ? ? .           5 
# 
_cell.angle_alpha                  90.000 
_cell.angle_alpha_esd              ? 
_cell.angle_beta                   90.000 
_cell.angle_beta_esd               ? 
_cell.angle_gamma                  120.000 
_cell.angle_gamma_esd              ? 
_cell.entry_id                     7OCZ 
_cell.details                      ? 
_cell.formula_units_Z              ? 
_cell.length_a                     43.294 
_cell.length_a_esd                 ? 
_cell.length_b                     43.294 
_cell.length_b_esd                 ? 
_cell.length_c                     158.181 
_cell.length_c_esd                 ? 
_cell.volume                       256762.945 
_cell.volume_esd                   ? 
_cell.Z_PDB                        12 
_cell.reciprocal_angle_alpha       ? 
_cell.reciprocal_angle_beta        ? 
_cell.reciprocal_angle_gamma       ? 
_cell.reciprocal_angle_alpha_esd   ? 
_cell.reciprocal_angle_beta_esd    ? 
_cell.reciprocal_angle_gamma_esd   ? 
_cell.reciprocal_length_a          ? 
_cell.reciprocal_length_b          ? 
_cell.reciprocal_length_c          ? 
_cell.reciprocal_length_a_esd      ? 
_cell.reciprocal_length_b_esd      ? 
_cell.reciprocal_length_c_esd      ? 
_cell.pdbx_unique_axis             ? 
# 
_symmetry.entry_id                         7OCZ 
_symmetry.cell_setting                     ? 
_symmetry.Int_Tables_number                170 
_symmetry.space_group_name_Hall            'P 65' 
_symmetry.space_group_name_H-M             'P 65' 
_symmetry.pdbx_full_space_group_name_H-M   ? 
# 
_exptl.absorpt_coefficient_mu     ? 
_exptl.absorpt_correction_T_max   ? 
_exptl.absorpt_correction_T_min   ? 
_exptl.absorpt_correction_type    ? 
_exptl.absorpt_process_details    ? 
_exptl.entry_id                   7OCZ 
_exptl.crystals_number            1 
_exptl.details                    ? 
_exptl.method                     'X-RAY DIFFRACTION' 
_exptl.method_details             ? 
# 
_exptl_crystal.colour                      ? 
_exptl_crystal.density_diffrn              ? 
_exptl_crystal.density_Matthews            2.34 
_exptl_crystal.density_method              ? 
_exptl_crystal.density_percent_sol         47.34 
_exptl_crystal.description                 ? 
_exptl_crystal.F_000                       ? 
_exptl_crystal.id                          1 
_exptl_crystal.preparation                 ? 
_exptl_crystal.size_max                    ? 
_exptl_crystal.size_mid                    ? 
_exptl_crystal.size_min                    ? 
_exptl_crystal.size_rad                    ? 
_exptl_crystal.colour_lustre               ? 
_exptl_crystal.colour_modifier             ? 
_exptl_crystal.colour_primary              ? 
_exptl_crystal.density_meas                ? 
_exptl_crystal.density_meas_esd            ? 
_exptl_crystal.density_meas_gt             ? 
_exptl_crystal.density_meas_lt             ? 
_exptl_crystal.density_meas_temp           ? 
_exptl_crystal.density_meas_temp_esd       ? 
_exptl_crystal.density_meas_temp_gt        ? 
_exptl_crystal.density_meas_temp_lt        ? 
_exptl_crystal.pdbx_crystal_image_url      ? 
_exptl_crystal.pdbx_crystal_image_format   ? 
_exptl_crystal.pdbx_mosaicity              ? 
_exptl_crystal.pdbx_mosaicity_esd          ? 
# 
_exptl_crystal_grow.apparatus       ? 
_exptl_crystal_grow.atmosphere      ? 
_exptl_crystal_grow.crystal_id      1 
_exptl_crystal_grow.details         ? 
_exptl_crystal_grow.method          'VAPOR DIFFUSION, SITTING DROP' 
_exptl_crystal_grow.method_ref      ? 
_exptl_crystal_grow.pH              ? 
_exptl_crystal_grow.pressure        ? 
_exptl_crystal_grow.pressure_esd    ? 
_exptl_crystal_grow.seeding         ? 
_exptl_crystal_grow.seeding_ref     ? 
_exptl_crystal_grow.temp            295 
_exptl_crystal_grow.temp_details    ? 
_exptl_crystal_grow.temp_esd        ? 
_exptl_crystal_grow.time            ? 
_exptl_crystal_grow.pdbx_details    
;0.03 M Sodium nitrate, 
0.03 M Sodium phosphatedibasic
0.03 M Ammonium sulfate
0.1 M HEPES, 0.1 M MOPS pH 7.5
20% v/v PEG 500 MME; 
10% w/v PEG 20000
;
_exptl_crystal_grow.pdbx_pH_range   ? 
# 
_diffrn.ambient_environment              ? 
_diffrn.ambient_temp                     100 
_diffrn.ambient_temp_details             ? 
_diffrn.ambient_temp_esd                 ? 
_diffrn.crystal_id                       1 
_diffrn.crystal_support                  ? 
_diffrn.crystal_treatment                ? 
_diffrn.details                          ? 
_diffrn.id                               1 
_diffrn.ambient_pressure                 ? 
_diffrn.ambient_pressure_esd             ? 
_diffrn.ambient_pressure_gt              ? 
_diffrn.ambient_pressure_lt              ? 
_diffrn.ambient_temp_gt                  ? 
_diffrn.ambient_temp_lt                  ? 
_diffrn.pdbx_serial_crystal_experiment   N 
# 
_diffrn_detector.details                      ? 
_diffrn_detector.detector                     PIXEL 
_diffrn_detector.diffrn_id                    1 
_diffrn_detector.type                         'DECTRIS EIGER X 16M' 
_diffrn_detector.area_resol_mean              ? 
_diffrn_detector.dtime                        ? 
_diffrn_detector.pdbx_frames_total            ? 
_diffrn_detector.pdbx_collection_time_total   ? 
_diffrn_detector.pdbx_collection_date         2020-12-11 
_diffrn_detector.pdbx_frequency               ? 
# 
_diffrn_radiation.collimation                      ? 
_diffrn_radiation.diffrn_id                        1 
_diffrn_radiation.filter_edge                      ? 
_diffrn_radiation.inhomogeneity                    ? 
_diffrn_radiation.monochromator                    ? 
_diffrn_radiation.polarisn_norm                    ? 
_diffrn_radiation.polarisn_ratio                   ? 
_diffrn_radiation.probe                            ? 
_diffrn_radiation.type                             ? 
_diffrn_radiation.xray_symbol                      ? 
_diffrn_radiation.wavelength_id                    1 
_diffrn_radiation.pdbx_monochromatic_or_laue_m_l   M 
_diffrn_radiation.pdbx_wavelength_list             ? 
_diffrn_radiation.pdbx_wavelength                  ? 
_diffrn_radiation.pdbx_diffrn_protocol             'SINGLE WAVELENGTH' 
_diffrn_radiation.pdbx_analyzer                    ? 
_diffrn_radiation.pdbx_scattering_type             x-ray 
# 
_diffrn_radiation_wavelength.id           1 
_diffrn_radiation_wavelength.wavelength   1.28 
_diffrn_radiation_wavelength.wt           1.0 
# 
_diffrn_source.current                     ? 
_diffrn_source.details                     ? 
_diffrn_source.diffrn_id                   1 
_diffrn_source.power                       ? 
_diffrn_source.size                        ? 
_diffrn_source.source                      SYNCHROTRON 
_diffrn_source.target                      ? 
_diffrn_source.type                        'SLS BEAMLINE X10SA' 
_diffrn_source.voltage                     ? 
_diffrn_source.take-off_angle              ? 
_diffrn_source.pdbx_wavelength_list        1.28 
_diffrn_source.pdbx_wavelength             ? 
_diffrn_source.pdbx_synchrotron_beamline   X10SA 
_diffrn_source.pdbx_synchrotron_site       SLS 
# 
_reflns.B_iso_Wilson_estimate                          24.56 
_reflns.entry_id                                       7OCZ 
_reflns.data_reduction_details                         ? 
_reflns.data_reduction_method                          ? 
_reflns.d_resolution_high                              1.82 
_reflns.d_resolution_low                               37.49 
_reflns.details                                        ? 
_reflns.limit_h_max                                    ? 
_reflns.limit_h_min                                    ? 
_reflns.limit_k_max                                    ? 
_reflns.limit_k_min                                    ? 
_reflns.limit_l_max                                    ? 
_reflns.limit_l_min                                    ? 
_reflns.number_all                                     ? 
_reflns.number_obs                                     14314 
_reflns.observed_criterion                             ? 
_reflns.observed_criterion_F_max                       ? 
_reflns.observed_criterion_F_min                       ? 
_reflns.observed_criterion_I_max                       ? 
_reflns.observed_criterion_I_min                       ? 
_reflns.observed_criterion_sigma_F                     ? 
_reflns.observed_criterion_sigma_I                     ? 
_reflns.percent_possible_obs                           95.02 
_reflns.R_free_details                                 ? 
_reflns.Rmerge_F_all                                   ? 
_reflns.Rmerge_F_obs                                   ? 
_reflns.Friedel_coverage                               ? 
_reflns.number_gt                                      ? 
_reflns.threshold_expression                           ? 
_reflns.pdbx_redundancy                                17.9 
_reflns.pdbx_Rmerge_I_obs                              ? 
_reflns.pdbx_Rmerge_I_all                              ? 
_reflns.pdbx_Rsym_value                                ? 
_reflns.pdbx_netI_over_av_sigmaI                       ? 
_reflns.pdbx_netI_over_sigmaI                          38.78 
_reflns.pdbx_res_netI_over_av_sigmaI_2                 ? 
_reflns.pdbx_res_netI_over_sigmaI_2                    ? 
_reflns.pdbx_chi_squared                               ? 
_reflns.pdbx_scaling_rejects                           ? 
_reflns.pdbx_d_res_high_opt                            ? 
_reflns.pdbx_d_res_low_opt                             ? 
_reflns.pdbx_d_res_opt_method                          ? 
_reflns.phase_calculation_details                      ? 
_reflns.pdbx_Rrim_I_all                                ? 
_reflns.pdbx_Rpim_I_all                                ? 
_reflns.pdbx_d_opt                                     ? 
_reflns.pdbx_number_measured_all                       ? 
_reflns.pdbx_diffrn_id                                 1 
_reflns.pdbx_ordinal                                   1 
_reflns.pdbx_CC_half                                   0.987 
_reflns.pdbx_CC_star                                   0.997 
_reflns.pdbx_R_split                                   ? 
_reflns.pdbx_aniso_diffraction_limit_axis_1_ortho[1]   ? 
_reflns.pdbx_aniso_diffraction_limit_axis_1_ortho[2]   ? 
_reflns.pdbx_aniso_diffraction_limit_axis_1_ortho[3]   ? 
_reflns.pdbx_aniso_diffraction_limit_axis_2_ortho[1]   ? 
_reflns.pdbx_aniso_diffraction_limit_axis_2_ortho[2]   ? 
_reflns.pdbx_aniso_diffraction_limit_axis_2_ortho[3]   ? 
_reflns.pdbx_aniso_diffraction_limit_axis_3_ortho[1]   ? 
_reflns.pdbx_aniso_diffraction_limit_axis_3_ortho[2]   ? 
_reflns.pdbx_aniso_diffraction_limit_axis_3_ortho[3]   ? 
_reflns.pdbx_aniso_diffraction_limit_1                 ? 
_reflns.pdbx_aniso_diffraction_limit_2                 ? 
_reflns.pdbx_aniso_diffraction_limit_3                 ? 
_reflns.pdbx_aniso_B_tensor_eigenvector_1_ortho[1]     ? 
_reflns.pdbx_aniso_B_tensor_eigenvector_1_ortho[2]     ? 
_reflns.pdbx_aniso_B_tensor_eigenvector_1_ortho[3]     ? 
_reflns.pdbx_aniso_B_tensor_eigenvector_2_ortho[1]     ? 
_reflns.pdbx_aniso_B_tensor_eigenvector_2_ortho[2]     ? 
_reflns.pdbx_aniso_B_tensor_eigenvector_2_ortho[3]     ? 
_reflns.pdbx_aniso_B_tensor_eigenvector_3_ortho[1]     ? 
_reflns.pdbx_aniso_B_tensor_eigenvector_3_ortho[2]     ? 
_reflns.pdbx_aniso_B_tensor_eigenvector_3_ortho[3]     ? 
_reflns.pdbx_aniso_B_tensor_eigenvalue_1               ? 
_reflns.pdbx_aniso_B_tensor_eigenvalue_2               ? 
_reflns.pdbx_aniso_B_tensor_eigenvalue_3               ? 
_reflns.pdbx_orthogonalization_convention              ? 
_reflns.pdbx_percent_possible_ellipsoidal              ? 
_reflns.pdbx_percent_possible_spherical                ? 
_reflns.pdbx_percent_possible_ellipsoidal_anomalous    ? 
_reflns.pdbx_percent_possible_spherical_anomalous      ? 
_reflns.pdbx_redundancy_anomalous                      ? 
_reflns.pdbx_CC_half_anomalous                         ? 
_reflns.pdbx_absDiff_over_sigma_anomalous              ? 
_reflns.pdbx_percent_possible_anomalous                ? 
_reflns.pdbx_observed_signal_threshold                 ? 
_reflns.pdbx_signal_type                               ? 
_reflns.pdbx_signal_details                            ? 
_reflns.pdbx_signal_software_id                        ? 
# 
_reflns_shell.d_res_high                                    1.82 
_reflns_shell.d_res_low                                     1.885 
_reflns_shell.meanI_over_sigI_all                           ? 
_reflns_shell.meanI_over_sigI_obs                           0.56 
_reflns_shell.number_measured_all                           ? 
_reflns_shell.number_measured_obs                           ? 
_reflns_shell.number_possible                               ? 
_reflns_shell.number_unique_all                             ? 
_reflns_shell.number_unique_obs                             1050 
_reflns_shell.percent_possible_all                          ? 
_reflns_shell.percent_possible_obs                          ? 
_reflns_shell.Rmerge_F_all                                  ? 
_reflns_shell.Rmerge_F_obs                                  ? 
_reflns_shell.Rmerge_I_all                                  ? 
_reflns_shell.Rmerge_I_obs                                  ? 
_reflns_shell.meanI_over_sigI_gt                            ? 
_reflns_shell.meanI_over_uI_all                             ? 
_reflns_shell.meanI_over_uI_gt                              ? 
_reflns_shell.number_measured_gt                            ? 
_reflns_shell.number_unique_gt                              ? 
_reflns_shell.percent_possible_gt                           ? 
_reflns_shell.Rmerge_F_gt                                   ? 
_reflns_shell.Rmerge_I_gt                                   ? 
_reflns_shell.pdbx_redundancy                               ? 
_reflns_shell.pdbx_Rsym_value                               ? 
_reflns_shell.pdbx_chi_squared                              ? 
_reflns_shell.pdbx_netI_over_sigmaI_all                     ? 
_reflns_shell.pdbx_netI_over_sigmaI_obs                     ? 
_reflns_shell.pdbx_Rrim_I_all                               ? 
_reflns_shell.pdbx_Rpim_I_all                               ? 
_reflns_shell.pdbx_rejects                                  ? 
_reflns_shell.pdbx_ordinal                                  1 
_reflns_shell.pdbx_diffrn_id                                1 
_reflns_shell.pdbx_CC_half                                  0.436 
_reflns_shell.pdbx_CC_star                                  0.779 
_reflns_shell.pdbx_R_split                                  ? 
_reflns_shell.pdbx_percent_possible_ellipsoidal             ? 
_reflns_shell.pdbx_percent_possible_spherical               ? 
_reflns_shell.pdbx_percent_possible_ellipsoidal_anomalous   ? 
_reflns_shell.pdbx_percent_possible_spherical_anomalous     ? 
_reflns_shell.pdbx_redundancy_anomalous                     ? 
_reflns_shell.pdbx_CC_half_anomalous                        ? 
_reflns_shell.pdbx_absDiff_over_sigma_anomalous             ? 
_reflns_shell.pdbx_percent_possible_anomalous               ? 
# 
_refine.aniso_B[1][1]                            ? 
_refine.aniso_B[1][2]                            ? 
_refine.aniso_B[1][3]                            ? 
_refine.aniso_B[2][2]                            ? 
_refine.aniso_B[2][3]                            ? 
_refine.aniso_B[3][3]                            ? 
_refine.B_iso_max                                ? 
_refine.B_iso_mean                               31.77 
_refine.B_iso_min                                ? 
_refine.correlation_coeff_Fo_to_Fc               ? 
_refine.correlation_coeff_Fo_to_Fc_free          ? 
_refine.details                                  ? 
_refine.diff_density_max                         ? 
_refine.diff_density_max_esd                     ? 
_refine.diff_density_min                         ? 
_refine.diff_density_min_esd                     ? 
_refine.diff_density_rms                         ? 
_refine.diff_density_rms_esd                     ? 
_refine.entry_id                                 7OCZ 
_refine.pdbx_refine_id                           'X-RAY DIFFRACTION' 
_refine.ls_abs_structure_details                 ? 
_refine.ls_abs_structure_Flack                   ? 
_refine.ls_abs_structure_Flack_esd               ? 
_refine.ls_abs_structure_Rogers                  ? 
_refine.ls_abs_structure_Rogers_esd              ? 
_refine.ls_d_res_high                            1.82 
_refine.ls_d_res_low                             36.48 
_refine.ls_extinction_coef                       ? 
_refine.ls_extinction_coef_esd                   ? 
_refine.ls_extinction_expression                 ? 
_refine.ls_extinction_method                     ? 
_refine.ls_goodness_of_fit_all                   ? 
_refine.ls_goodness_of_fit_all_esd               ? 
_refine.ls_goodness_of_fit_obs                   ? 
_refine.ls_goodness_of_fit_obs_esd               ? 
_refine.ls_hydrogen_treatment                    ? 
_refine.ls_matrix_type                           ? 
_refine.ls_number_constraints                    ? 
_refine.ls_number_parameters                     ? 
_refine.ls_number_reflns_all                     ? 
_refine.ls_number_reflns_obs                     14245 
_refine.ls_number_reflns_R_free                  778 
_refine.ls_number_reflns_R_work                  13467 
_refine.ls_number_restraints                     ? 
_refine.ls_percent_reflns_obs                    95.02 
_refine.ls_percent_reflns_R_free                 5.46 
_refine.ls_R_factor_all                          ? 
_refine.ls_R_factor_obs                          0.1838 
_refine.ls_R_factor_R_free                       0.2098 
_refine.ls_R_factor_R_free_error                 ? 
_refine.ls_R_factor_R_free_error_details         ? 
_refine.ls_R_factor_R_work                       0.1823 
_refine.ls_R_Fsqd_factor_obs                     ? 
_refine.ls_R_I_factor_obs                        ? 
_refine.ls_redundancy_reflns_all                 ? 
_refine.ls_redundancy_reflns_obs                 ? 
_refine.ls_restrained_S_all                      ? 
_refine.ls_restrained_S_obs                      ? 
_refine.ls_shift_over_esd_max                    ? 
_refine.ls_shift_over_esd_mean                   ? 
_refine.ls_structure_factor_coef                 ? 
_refine.ls_weighting_details                     ? 
_refine.ls_weighting_scheme                      ? 
_refine.ls_wR_factor_all                         ? 
_refine.ls_wR_factor_obs                         ? 
_refine.ls_wR_factor_R_free                      ? 
_refine.ls_wR_factor_R_work                      ? 
_refine.occupancy_max                            ? 
_refine.occupancy_min                            ? 
_refine.solvent_model_details                    'FLAT BULK SOLVENT MODEL' 
_refine.solvent_model_param_bsol                 ? 
_refine.solvent_model_param_ksol                 ? 
_refine.pdbx_R_complete                          ? 
_refine.ls_R_factor_gt                           ? 
_refine.ls_goodness_of_fit_gt                    ? 
_refine.ls_goodness_of_fit_ref                   ? 
_refine.ls_shift_over_su_max                     ? 
_refine.ls_shift_over_su_max_lt                  ? 
_refine.ls_shift_over_su_mean                    ? 
_refine.ls_shift_over_su_mean_lt                 ? 
_refine.pdbx_ls_sigma_I                          ? 
_refine.pdbx_ls_sigma_F                          1.39 
_refine.pdbx_ls_sigma_Fsqd                       ? 
_refine.pdbx_data_cutoff_high_absF               ? 
_refine.pdbx_data_cutoff_high_rms_absF           ? 
_refine.pdbx_data_cutoff_low_absF                ? 
_refine.pdbx_isotropic_thermal_model             ? 
_refine.pdbx_ls_cross_valid_method               'FREE R-VALUE' 
_refine.pdbx_method_to_determine_struct          'MOLECULAR REPLACEMENT' 
_refine.pdbx_starting_model                      7OCX 
_refine.pdbx_stereochemistry_target_values       'GeoStd + Monomer Library + CDL v1.2' 
_refine.pdbx_R_Free_selection_details            ? 
_refine.pdbx_stereochem_target_val_spec_case     ? 
_refine.pdbx_overall_ESU_R                       ? 
_refine.pdbx_overall_ESU_R_Free                  ? 
_refine.pdbx_solvent_vdw_probe_radii             1.1100 
_refine.pdbx_solvent_ion_probe_radii             ? 
_refine.pdbx_solvent_shrinkage_radii             0.9000 
_refine.pdbx_real_space_R                        ? 
_refine.pdbx_density_correlation                 ? 
_refine.pdbx_pd_number_of_powder_patterns        ? 
_refine.pdbx_pd_number_of_points                 ? 
_refine.pdbx_pd_meas_number_of_points            ? 
_refine.pdbx_pd_proc_ls_prof_R_factor            ? 
_refine.pdbx_pd_proc_ls_prof_wR_factor           ? 
_refine.pdbx_pd_Marquardt_correlation_coeff      ? 
_refine.pdbx_pd_Fsqrd_R_factor                   ? 
_refine.pdbx_pd_ls_matrix_band_width             ? 
_refine.pdbx_overall_phase_error                 28.6348 
_refine.pdbx_overall_SU_R_free_Cruickshank_DPI   ? 
_refine.pdbx_overall_SU_R_free_Blow_DPI          ? 
_refine.pdbx_overall_SU_R_Blow_DPI               ? 
_refine.pdbx_TLS_residual_ADP_flag               ? 
_refine.pdbx_diffrn_id                           1 
_refine.overall_SU_B                             ? 
_refine.overall_SU_ML                            0.2361 
_refine.overall_SU_R_Cruickshank_DPI             ? 
_refine.overall_SU_R_free                        ? 
_refine.overall_FOM_free_R_set                   ? 
_refine.overall_FOM_work_R_set                   ? 
_refine.pdbx_average_fsc_overall                 ? 
_refine.pdbx_average_fsc_work                    ? 
_refine.pdbx_average_fsc_free                    ? 
# 
_refine_hist.pdbx_refine_id                   'X-RAY DIFFRACTION' 
_refine_hist.cycle_id                         LAST 
_refine_hist.details                          ? 
_refine_hist.d_res_high                       1.82 
_refine_hist.d_res_low                        36.48 
_refine_hist.number_atoms_solvent             106 
_refine_hist.number_atoms_total               1340 
_refine_hist.number_reflns_all                ? 
_refine_hist.number_reflns_obs                ? 
_refine_hist.number_reflns_R_free             ? 
_refine_hist.number_reflns_R_work             ? 
_refine_hist.R_factor_all                     ? 
_refine_hist.R_factor_obs                     ? 
_refine_hist.R_factor_R_free                  ? 
_refine_hist.R_factor_R_work                  ? 
_refine_hist.pdbx_number_residues_total       ? 
_refine_hist.pdbx_B_iso_mean_ligand           ? 
_refine_hist.pdbx_B_iso_mean_solvent          ? 
_refine_hist.pdbx_number_atoms_protein        1232 
_refine_hist.pdbx_number_atoms_nucleic_acid   0 
_refine_hist.pdbx_number_atoms_ligand         2 
_refine_hist.pdbx_number_atoms_lipid          ? 
_refine_hist.pdbx_number_atoms_carb           ? 
_refine_hist.pdbx_pseudo_atom_details         ? 
# 
loop_
_refine_ls_restr.pdbx_refine_id 
_refine_ls_restr.criterion 
_refine_ls_restr.dev_ideal 
_refine_ls_restr.dev_ideal_target 
_refine_ls_restr.number 
_refine_ls_restr.rejects 
_refine_ls_restr.type 
_refine_ls_restr.weight 
_refine_ls_restr.pdbx_restraint_function 
'X-RAY DIFFRACTION' ? 0.0050 ? 1250 ? f_bond_d           ? ? 
'X-RAY DIFFRACTION' ? 0.8545 ? 1691 ? f_angle_d          ? ? 
'X-RAY DIFFRACTION' ? 0.0543 ? 195  ? f_chiral_restr     ? ? 
'X-RAY DIFFRACTION' ? 0.0045 ? 222  ? f_plane_restr      ? ? 
'X-RAY DIFFRACTION' ? 5.4250 ? 172  ? f_dihedral_angle_d ? ? 
# 
loop_
_refine_ls_shell.pdbx_refine_id 
_refine_ls_shell.d_res_high 
_refine_ls_shell.d_res_low 
_refine_ls_shell.number_reflns_all 
_refine_ls_shell.number_reflns_obs 
_refine_ls_shell.number_reflns_R_free 
_refine_ls_shell.number_reflns_R_work 
_refine_ls_shell.percent_reflns_obs 
_refine_ls_shell.percent_reflns_R_free 
_refine_ls_shell.R_factor_all 
_refine_ls_shell.R_factor_obs 
_refine_ls_shell.R_factor_R_free 
_refine_ls_shell.R_factor_R_free_error 
_refine_ls_shell.R_factor_R_work 
_refine_ls_shell.redundancy_reflns_all 
_refine_ls_shell.redundancy_reflns_obs 
_refine_ls_shell.wR_factor_all 
_refine_ls_shell.wR_factor_obs 
_refine_ls_shell.wR_factor_R_free 
_refine_ls_shell.wR_factor_R_work 
_refine_ls_shell.pdbx_R_complete 
_refine_ls_shell.pdbx_total_number_of_bins_used 
_refine_ls_shell.pdbx_phase_error 
_refine_ls_shell.pdbx_fsc_work 
_refine_ls_shell.pdbx_fsc_free 
'X-RAY DIFFRACTION' 1.82 1.93  . . 99  1767 75.09 . . . 0.3033 . 0.2724 . . . . . . . . . . . 
'X-RAY DIFFRACTION' 1.93 2.08  . . 130 2304 96.86 . . . 0.2624 . 0.1953 . . . . . . . . . . . 
'X-RAY DIFFRACTION' 2.08 2.29  . . 121 2339 98.91 . . . 0.1974 . 0.2077 . . . . . . . . . . . 
'X-RAY DIFFRACTION' 2.29 2.62  . . 145 2318 99.43 . . . 0.2027 . 0.1901 . . . . . . . . . . . 
'X-RAY DIFFRACTION' 2.63 3.31  . . 152 2361 99.76 . . . 0.2291 . 0.1882 . . . . . . . . . . . 
'X-RAY DIFFRACTION' 3.31 37.49 . . 131 2378 99.96 . . . 0.1853 . 0.1583 . . . . . . . . . . . 
# 
_struct.entry_id                     7OCZ 
_struct.title                        'Crystal Structure of the PID-3 RRM domain' 
_struct.pdbx_model_details           ? 
_struct.pdbx_formula_weight          ? 
_struct.pdbx_formula_weight_method   ? 
_struct.pdbx_model_type_details      ? 
_struct.pdbx_CASP_flag               N 
# 
_struct_keywords.entry_id        7OCZ 
_struct_keywords.text            'piRNA biogenesis 21U RNA RNA recognition motif RNA binding, RNA BINDING PROTEIN' 
_struct_keywords.pdbx_keywords   'RNA BINDING PROTEIN' 
# 
loop_
_struct_asym.id 
_struct_asym.pdbx_blank_PDB_chainid_flag 
_struct_asym.pdbx_modified 
_struct_asym.entity_id 
_struct_asym.details 
A N N 1 ? 
B N N 1 ? 
C N N 2 ? 
D N N 2 ? 
E N N 3 ? 
F N N 3 ? 
# 
_struct_ref.id                         1 
_struct_ref.db_name                    UNP 
_struct_ref.db_code                    PID3_CAEEL 
_struct_ref.pdbx_db_accession          O76616 
_struct_ref.pdbx_db_isoform            ? 
_struct_ref.entity_id                  1 
_struct_ref.pdbx_seq_one_letter_code   PRGADQENMLKISGYPGMLNTFGIAQLLTPYRVNGITITGAQSAVVALENKFQVYQAVQDFNGKKLDRNHKLQVSSLVV 
_struct_ref.pdbx_align_begin           196 
# 
loop_
_struct_ref_seq.align_id 
_struct_ref_seq.ref_id 
_struct_ref_seq.pdbx_PDB_id_code 
_struct_ref_seq.pdbx_strand_id 
_struct_ref_seq.seq_align_beg 
_struct_ref_seq.pdbx_seq_align_beg_ins_code 
_struct_ref_seq.seq_align_end 
_struct_ref_seq.pdbx_seq_align_end_ins_code 
_struct_ref_seq.pdbx_db_accession 
_struct_ref_seq.db_align_beg 
_struct_ref_seq.pdbx_db_align_beg_ins_code 
_struct_ref_seq.db_align_end 
_struct_ref_seq.pdbx_db_align_end_ins_code 
_struct_ref_seq.pdbx_auth_seq_align_beg 
_struct_ref_seq.pdbx_auth_seq_align_end 
1 1 7OCZ A 6 ? 84 ? O76616 196 ? 274 ? 6 84 
2 1 7OCZ B 6 ? 84 ? O76616 196 ? 274 ? 6 84 
# 
loop_
_struct_ref_seq_dif.align_id 
_struct_ref_seq_dif.pdbx_pdb_id_code 
_struct_ref_seq_dif.mon_id 
_struct_ref_seq_dif.pdbx_pdb_strand_id 
_struct_ref_seq_dif.seq_num 
_struct_ref_seq_dif.pdbx_pdb_ins_code 
_struct_ref_seq_dif.pdbx_seq_db_name 
_struct_ref_seq_dif.pdbx_seq_db_accession_code 
_struct_ref_seq_dif.db_mon_id 
_struct_ref_seq_dif.pdbx_seq_db_seq_num 
_struct_ref_seq_dif.details 
_struct_ref_seq_dif.pdbx_auth_seq_num 
_struct_ref_seq_dif.pdbx_ordinal 
1 7OCZ GLY A 1 ? UNP O76616 ? ? 'expression tag' 1 1  
1 7OCZ PRO A 2 ? UNP O76616 ? ? 'expression tag' 2 2  
1 7OCZ ASP A 3 ? UNP O76616 ? ? 'expression tag' 3 3  
1 7OCZ SER A 4 ? UNP O76616 ? ? 'expression tag' 4 4  
1 7OCZ MET A 5 ? UNP O76616 ? ? 'expression tag' 5 5  
2 7OCZ GLY B 1 ? UNP O76616 ? ? 'expression tag' 1 6  
2 7OCZ PRO B 2 ? UNP O76616 ? ? 'expression tag' 2 7  
2 7OCZ ASP B 3 ? UNP O76616 ? ? 'expression tag' 3 8  
2 7OCZ SER B 4 ? UNP O76616 ? ? 'expression tag' 4 9  
2 7OCZ MET B 5 ? UNP O76616 ? ? 'expression tag' 5 10 
# 
_pdbx_struct_assembly.id                   1 
_pdbx_struct_assembly.details              author_and_software_defined_assembly 
_pdbx_struct_assembly.method_details       PISA 
_pdbx_struct_assembly.oligomeric_details   dimeric 
_pdbx_struct_assembly.oligomeric_count     2 
# 
loop_
_pdbx_struct_assembly_prop.biol_id 
_pdbx_struct_assembly_prop.type 
_pdbx_struct_assembly_prop.value 
_pdbx_struct_assembly_prop.details 
1 'ABSA (A^2)' 1390 ? 
1 MORE         -21  ? 
1 'SSA (A^2)'  9050 ? 
# 
_pdbx_struct_assembly_gen.assembly_id       1 
_pdbx_struct_assembly_gen.oper_expression   1 
_pdbx_struct_assembly_gen.asym_id_list      A,B,C,D,E,F 
# 
_pdbx_struct_assembly_auth_evidence.id                     1 
_pdbx_struct_assembly_auth_evidence.assembly_id            1 
_pdbx_struct_assembly_auth_evidence.experimental_support   'light scattering' 
_pdbx_struct_assembly_auth_evidence.details                ? 
# 
_pdbx_struct_oper_list.id                   1 
_pdbx_struct_oper_list.type                 'identity operation' 
_pdbx_struct_oper_list.name                 1_555 
_pdbx_struct_oper_list.symmetry_operation   x,y,z 
_pdbx_struct_oper_list.matrix[1][1]         1.0000000000 
_pdbx_struct_oper_list.matrix[1][2]         0.0000000000 
_pdbx_struct_oper_list.matrix[1][3]         0.0000000000 
_pdbx_struct_oper_list.vector[1]            0.0000000000 
_pdbx_struct_oper_list.matrix[2][1]         0.0000000000 
_pdbx_struct_oper_list.matrix[2][2]         1.0000000000 
_pdbx_struct_oper_list.matrix[2][3]         0.0000000000 
_pdbx_struct_oper_list.vector[2]            0.0000000000 
_pdbx_struct_oper_list.matrix[3][1]         0.0000000000 
_pdbx_struct_oper_list.matrix[3][2]         0.0000000000 
_pdbx_struct_oper_list.matrix[3][3]         1.0000000000 
_pdbx_struct_oper_list.vector[3]            0.0000000000 
# 
loop_
_struct_conf.conf_type_id 
_struct_conf.id 
_struct_conf.pdbx_PDB_helix_id 
_struct_conf.beg_label_comp_id 
_struct_conf.beg_label_asym_id 
_struct_conf.beg_label_seq_id 
_struct_conf.pdbx_beg_PDB_ins_code 
_struct_conf.end_label_comp_id 
_struct_conf.end_label_asym_id 
_struct_conf.end_label_seq_id 
_struct_conf.pdbx_end_PDB_ins_code 
_struct_conf.beg_auth_comp_id 
_struct_conf.beg_auth_asym_id 
_struct_conf.beg_auth_seq_id 
_struct_conf.end_auth_comp_id 
_struct_conf.end_auth_asym_id 
_struct_conf.end_auth_seq_id 
_struct_conf.pdbx_PDB_helix_class 
_struct_conf.details 
_struct_conf.pdbx_PDB_helix_length 
HELX_P HELX_P1 AA1 ASP A 10 ? GLU A 12 ? ASP A 10 GLU A 12 5 ? 3  
HELX_P HELX_P2 AA2 ASN A 25 ? LEU A 33 ? ASN A 25 LEU A 33 1 ? 9  
HELX_P HELX_P3 AA3 ASN A 55 ? ASN A 67 ? ASN A 55 ASN A 67 1 ? 13 
HELX_P HELX_P4 AA4 ASP B 10 ? GLU B 12 ? ASP B 10 GLU B 12 5 ? 3  
HELX_P HELX_P5 AA5 ASN B 25 ? LEU B 33 ? ASN B 25 LEU B 33 1 ? 9  
HELX_P HELX_P6 AA6 ASN B 55 ? ASN B 67 ? ASN B 55 ASN B 67 1 ? 13 
# 
_struct_conf_type.id          HELX_P 
_struct_conf_type.criteria    ? 
_struct_conf_type.reference   ? 
# 
loop_
_struct_mon_prot_cis.pdbx_id 
_struct_mon_prot_cis.label_comp_id 
_struct_mon_prot_cis.label_seq_id 
_struct_mon_prot_cis.label_asym_id 
_struct_mon_prot_cis.label_alt_id 
_struct_mon_prot_cis.pdbx_PDB_ins_code 
_struct_mon_prot_cis.auth_comp_id 
_struct_mon_prot_cis.auth_seq_id 
_struct_mon_prot_cis.auth_asym_id 
_struct_mon_prot_cis.pdbx_label_comp_id_2 
_struct_mon_prot_cis.pdbx_label_seq_id_2 
_struct_mon_prot_cis.pdbx_label_asym_id_2 
_struct_mon_prot_cis.pdbx_PDB_ins_code_2 
_struct_mon_prot_cis.pdbx_auth_comp_id_2 
_struct_mon_prot_cis.pdbx_auth_seq_id_2 
_struct_mon_prot_cis.pdbx_auth_asym_id_2 
_struct_mon_prot_cis.pdbx_PDB_model_num 
_struct_mon_prot_cis.pdbx_omega_angle 
1 THR 34 A . ? THR 34 A PRO 35 A ? PRO 35 A 1 2.79 
2 THR 34 B . ? THR 34 B PRO 35 B ? PRO 35 B 1 3.06 
# 
loop_
_struct_sheet.id 
_struct_sheet.type 
_struct_sheet.number_strands 
_struct_sheet.details 
AA1 ? 4 ? 
AA2 ? 2 ? 
AA3 ? 4 ? 
AA4 ? 2 ? 
# 
loop_
_struct_sheet_order.sheet_id 
_struct_sheet_order.range_id_1 
_struct_sheet_order.range_id_2 
_struct_sheet_order.offset 
_struct_sheet_order.sense 
AA1 1 2 ? anti-parallel 
AA1 2 3 ? anti-parallel 
AA1 3 4 ? anti-parallel 
AA2 1 2 ? anti-parallel 
AA3 1 2 ? anti-parallel 
AA3 2 3 ? anti-parallel 
AA3 3 4 ? anti-parallel 
AA4 1 2 ? anti-parallel 
# 
loop_
_struct_sheet_range.sheet_id 
_struct_sheet_range.id 
_struct_sheet_range.beg_label_comp_id 
_struct_sheet_range.beg_label_asym_id 
_struct_sheet_range.beg_label_seq_id 
_struct_sheet_range.pdbx_beg_PDB_ins_code 
_struct_sheet_range.end_label_comp_id 
_struct_sheet_range.end_label_asym_id 
_struct_sheet_range.end_label_seq_id 
_struct_sheet_range.pdbx_end_PDB_ins_code 
_struct_sheet_range.beg_auth_comp_id 
_struct_sheet_range.beg_auth_asym_id 
_struct_sheet_range.beg_auth_seq_id 
_struct_sheet_range.end_auth_comp_id 
_struct_sheet_range.end_auth_asym_id 
_struct_sheet_range.end_auth_seq_id 
AA1 1 GLY A 40 ? GLY A 45 ? GLY A 40 GLY A 45 
AA1 2 SER A 48 ? ALA A 52 ? SER A 48 ALA A 52 
AA1 3 MET A 14 ? SER A 18 ? MET A 14 SER A 18 
AA1 4 GLN A 78 ? SER A 81 ? GLN A 78 SER A 81 
AA2 1 LYS A 70 ? ASP A 72 ? LYS A 70 ASP A 72 
AA2 2 HIS A 75 ? LYS A 76 ? HIS A 75 LYS A 76 
AA3 1 GLY B 40 ? GLY B 45 ? GLY B 40 GLY B 45 
AA3 2 SER B 48 ? ALA B 52 ? SER B 48 ALA B 52 
AA3 3 MET B 14 ? SER B 18 ? MET B 14 SER B 18 
AA3 4 GLN B 78 ? SER B 81 ? GLN B 78 SER B 81 
AA4 1 LYS B 70 ? ASP B 72 ? LYS B 70 ASP B 72 
AA4 2 HIS B 75 ? LYS B 76 ? HIS B 75 LYS B 76 
# 
loop_
_pdbx_struct_sheet_hbond.sheet_id 
_pdbx_struct_sheet_hbond.range_id_1 
_pdbx_struct_sheet_hbond.range_id_2 
_pdbx_struct_sheet_hbond.range_1_label_atom_id 
_pdbx_struct_sheet_hbond.range_1_label_comp_id 
_pdbx_struct_sheet_hbond.range_1_label_asym_id 
_pdbx_struct_sheet_hbond.range_1_label_seq_id 
_pdbx_struct_sheet_hbond.range_1_PDB_ins_code 
_pdbx_struct_sheet_hbond.range_1_auth_atom_id 
_pdbx_struct_sheet_hbond.range_1_auth_comp_id 
_pdbx_struct_sheet_hbond.range_1_auth_asym_id 
_pdbx_struct_sheet_hbond.range_1_auth_seq_id 
_pdbx_struct_sheet_hbond.range_2_label_atom_id 
_pdbx_struct_sheet_hbond.range_2_label_comp_id 
_pdbx_struct_sheet_hbond.range_2_label_asym_id 
_pdbx_struct_sheet_hbond.range_2_label_seq_id 
_pdbx_struct_sheet_hbond.range_2_PDB_ins_code 
_pdbx_struct_sheet_hbond.range_2_auth_atom_id 
_pdbx_struct_sheet_hbond.range_2_auth_comp_id 
_pdbx_struct_sheet_hbond.range_2_auth_asym_id 
_pdbx_struct_sheet_hbond.range_2_auth_seq_id 
AA1 1 2 N THR A 42 ? N THR A 42 O VAL A 50 ? O VAL A 50 
AA1 2 3 O VAL A 51 ? O VAL A 51 N LEU A 15 ? N LEU A 15 
AA1 3 4 N LYS A 16 ? N LYS A 16 O SER A 80 ? O SER A 80 
AA2 1 2 N LEU A 71 ? N LEU A 71 O HIS A 75 ? O HIS A 75 
AA3 1 2 N THR B 42 ? N THR B 42 O VAL B 50 ? O VAL B 50 
AA3 2 3 O VAL B 51 ? O VAL B 51 N LEU B 15 ? N LEU B 15 
AA3 3 4 N LYS B 16 ? N LYS B 16 O SER B 80 ? O SER B 80 
AA4 1 2 N LEU B 71 ? N LEU B 71 O HIS B 75 ? O HIS B 75 
# 
_struct_site.id                   AC1 
_struct_site.pdbx_evidence_code   Software 
_struct_site.pdbx_auth_asym_id    A 
_struct_site.pdbx_auth_comp_id    CL 
_struct_site.pdbx_auth_seq_id     101 
_struct_site.pdbx_auth_ins_code   ? 
_struct_site.pdbx_num_residues    4 
_struct_site.details              'binding site for residue CL A 101' 
# 
loop_
_struct_site_gen.id 
_struct_site_gen.site_id 
_struct_site_gen.pdbx_num_res 
_struct_site_gen.label_comp_id 
_struct_site_gen.label_asym_id 
_struct_site_gen.label_seq_id 
_struct_site_gen.pdbx_auth_ins_code 
_struct_site_gen.auth_comp_id 
_struct_site_gen.auth_asym_id 
_struct_site_gen.auth_seq_id 
_struct_site_gen.label_atom_id 
_struct_site_gen.label_alt_id 
_struct_site_gen.symmetry 
_struct_site_gen.details 
1 AC1 4 ALA A 46 ? ALA A 46  . ? 1_555 ? 
2 AC1 4 GLN A 47 ? GLN A 47  . ? 1_555 ? 
3 AC1 4 SER A 48 ? SER A 48  . ? 1_555 ? 
4 AC1 4 HOH E .  ? HOH A 242 . ? 1_555 ? 
# 
_pdbx_validate_torsion.id              1 
_pdbx_validate_torsion.PDB_model_num   1 
_pdbx_validate_torsion.auth_comp_id    ASP 
_pdbx_validate_torsion.auth_asym_id    B 
_pdbx_validate_torsion.auth_seq_id     72 
_pdbx_validate_torsion.PDB_ins_code    ? 
_pdbx_validate_torsion.label_alt_id    ? 
_pdbx_validate_torsion.phi             -161.08 
_pdbx_validate_torsion.psi             -167.19 
# 
loop_
_space_group_symop.id 
_space_group_symop.operation_xyz 
1 x,y,z         
2 x-y,x,z+5/6   
3 y,-x+y,z+1/6  
4 -y,x-y,z+2/3  
5 -x+y,-x,z+1/3 
6 -x,-y,z+1/2   
# 
_pdbx_entry_details.entry_id                 7OCZ 
_pdbx_entry_details.has_ligand_of_interest   N 
_pdbx_entry_details.compound_details         ? 
_pdbx_entry_details.source_details           ? 
_pdbx_entry_details.nonpolymer_details       ? 
_pdbx_entry_details.sequence_details         ? 
# 
loop_
_pdbx_unobs_or_zero_occ_residues.id 
_pdbx_unobs_or_zero_occ_residues.PDB_model_num 
_pdbx_unobs_or_zero_occ_residues.polymer_flag 
_pdbx_unobs_or_zero_occ_residues.occupancy_flag 
_pdbx_unobs_or_zero_occ_residues.auth_asym_id 
_pdbx_unobs_or_zero_occ_residues.auth_comp_id 
_pdbx_unobs_or_zero_occ_residues.auth_seq_id 
_pdbx_unobs_or_zero_occ_residues.PDB_ins_code 
_pdbx_unobs_or_zero_occ_residues.label_asym_id 
_pdbx_unobs_or_zero_occ_residues.label_comp_id 
_pdbx_unobs_or_zero_occ_residues.label_seq_id 
1 1 Y 1 A GLY 1 ? A GLY 1 
2 1 Y 1 A PRO 2 ? A PRO 2 
3 1 Y 1 A ASP 3 ? A ASP 3 
4 1 Y 1 B GLY 1 ? B GLY 1 
5 1 Y 1 B PRO 2 ? B PRO 2 
6 1 Y 1 B ASP 3 ? B ASP 3 
# 
loop_
_chem_comp_atom.comp_id 
_chem_comp_atom.atom_id 
_chem_comp_atom.type_symbol 
_chem_comp_atom.pdbx_aromatic_flag 
_chem_comp_atom.pdbx_stereo_config 
_chem_comp_atom.pdbx_ordinal 
ALA N    N  N N 1   
ALA CA   C  N S 2   
ALA C    C  N N 3   
ALA O    O  N N 4   
ALA CB   C  N N 5   
ALA OXT  O  N N 6   
ALA H    H  N N 7   
ALA H2   H  N N 8   
ALA HA   H  N N 9   
ALA HB1  H  N N 10  
ALA HB2  H  N N 11  
ALA HB3  H  N N 12  
ALA HXT  H  N N 13  
ARG N    N  N N 14  
ARG CA   C  N S 15  
ARG C    C  N N 16  
ARG O    O  N N 17  
ARG CB   C  N N 18  
ARG CG   C  N N 19  
ARG CD   C  N N 20  
ARG NE   N  N N 21  
ARG CZ   C  N N 22  
ARG NH1  N  N N 23  
ARG NH2  N  N N 24  
ARG OXT  O  N N 25  
ARG H    H  N N 26  
ARG H2   H  N N 27  
ARG HA   H  N N 28  
ARG HB2  H  N N 29  
ARG HB3  H  N N 30  
ARG HG2  H  N N 31  
ARG HG3  H  N N 32  
ARG HD2  H  N N 33  
ARG HD3  H  N N 34  
ARG HE   H  N N 35  
ARG HH11 H  N N 36  
ARG HH12 H  N N 37  
ARG HH21 H  N N 38  
ARG HH22 H  N N 39  
ARG HXT  H  N N 40  
ASN N    N  N N 41  
ASN CA   C  N S 42  
ASN C    C  N N 43  
ASN O    O  N N 44  
ASN CB   C  N N 45  
ASN CG   C  N N 46  
ASN OD1  O  N N 47  
ASN ND2  N  N N 48  
ASN OXT  O  N N 49  
ASN H    H  N N 50  
ASN H2   H  N N 51  
ASN HA   H  N N 52  
ASN HB2  H  N N 53  
ASN HB3  H  N N 54  
ASN HD21 H  N N 55  
ASN HD22 H  N N 56  
ASN HXT  H  N N 57  
ASP N    N  N N 58  
ASP CA   C  N S 59  
ASP C    C  N N 60  
ASP O    O  N N 61  
ASP CB   C  N N 62  
ASP CG   C  N N 63  
ASP OD1  O  N N 64  
ASP OD2  O  N N 65  
ASP OXT  O  N N 66  
ASP H    H  N N 67  
ASP H2   H  N N 68  
ASP HA   H  N N 69  
ASP HB2  H  N N 70  
ASP HB3  H  N N 71  
ASP HD2  H  N N 72  
ASP HXT  H  N N 73  
CL  CL   CL N N 74  
GLN N    N  N N 75  
GLN CA   C  N S 76  
GLN C    C  N N 77  
GLN O    O  N N 78  
GLN CB   C  N N 79  
GLN CG   C  N N 80  
GLN CD   C  N N 81  
GLN OE1  O  N N 82  
GLN NE2  N  N N 83  
GLN OXT  O  N N 84  
GLN H    H  N N 85  
GLN H2   H  N N 86  
GLN HA   H  N N 87  
GLN HB2  H  N N 88  
GLN HB3  H  N N 89  
GLN HG2  H  N N 90  
GLN HG3  H  N N 91  
GLN HE21 H  N N 92  
GLN HE22 H  N N 93  
GLN HXT  H  N N 94  
GLU N    N  N N 95  
GLU CA   C  N S 96  
GLU C    C  N N 97  
GLU O    O  N N 98  
GLU CB   C  N N 99  
GLU CG   C  N N 100 
GLU CD   C  N N 101 
GLU OE1  O  N N 102 
GLU OE2  O  N N 103 
GLU OXT  O  N N 104 
GLU H    H  N N 105 
GLU H2   H  N N 106 
GLU HA   H  N N 107 
GLU HB2  H  N N 108 
GLU HB3  H  N N 109 
GLU HG2  H  N N 110 
GLU HG3  H  N N 111 
GLU HE2  H  N N 112 
GLU HXT  H  N N 113 
GLY N    N  N N 114 
GLY CA   C  N N 115 
GLY C    C  N N 116 
GLY O    O  N N 117 
GLY OXT  O  N N 118 
GLY H    H  N N 119 
GLY H2   H  N N 120 
GLY HA2  H  N N 121 
GLY HA3  H  N N 122 
GLY HXT  H  N N 123 
HIS N    N  N N 124 
HIS CA   C  N S 125 
HIS C    C  N N 126 
HIS O    O  N N 127 
HIS CB   C  N N 128 
HIS CG   C  Y N 129 
HIS ND1  N  Y N 130 
HIS CD2  C  Y N 131 
HIS CE1  C  Y N 132 
HIS NE2  N  Y N 133 
HIS OXT  O  N N 134 
HIS H    H  N N 135 
HIS H2   H  N N 136 
HIS HA   H  N N 137 
HIS HB2  H  N N 138 
HIS HB3  H  N N 139 
HIS HD1  H  N N 140 
HIS HD2  H  N N 141 
HIS HE1  H  N N 142 
HIS HE2  H  N N 143 
HIS HXT  H  N N 144 
HOH O    O  N N 145 
HOH H1   H  N N 146 
HOH H2   H  N N 147 
ILE N    N  N N 148 
ILE CA   C  N S 149 
ILE C    C  N N 150 
ILE O    O  N N 151 
ILE CB   C  N S 152 
ILE CG1  C  N N 153 
ILE CG2  C  N N 154 
ILE CD1  C  N N 155 
ILE OXT  O  N N 156 
ILE H    H  N N 157 
ILE H2   H  N N 158 
ILE HA   H  N N 159 
ILE HB   H  N N 160 
ILE HG12 H  N N 161 
ILE HG13 H  N N 162 
ILE HG21 H  N N 163 
ILE HG22 H  N N 164 
ILE HG23 H  N N 165 
ILE HD11 H  N N 166 
ILE HD12 H  N N 167 
ILE HD13 H  N N 168 
ILE HXT  H  N N 169 
LEU N    N  N N 170 
LEU CA   C  N S 171 
LEU C    C  N N 172 
LEU O    O  N N 173 
LEU CB   C  N N 174 
LEU CG   C  N N 175 
LEU CD1  C  N N 176 
LEU CD2  C  N N 177 
LEU OXT  O  N N 178 
LEU H    H  N N 179 
LEU H2   H  N N 180 
LEU HA   H  N N 181 
LEU HB2  H  N N 182 
LEU HB3  H  N N 183 
LEU HG   H  N N 184 
LEU HD11 H  N N 185 
LEU HD12 H  N N 186 
LEU HD13 H  N N 187 
LEU HD21 H  N N 188 
LEU HD22 H  N N 189 
LEU HD23 H  N N 190 
LEU HXT  H  N N 191 
LYS N    N  N N 192 
LYS CA   C  N S 193 
LYS C    C  N N 194 
LYS O    O  N N 195 
LYS CB   C  N N 196 
LYS CG   C  N N 197 
LYS CD   C  N N 198 
LYS CE   C  N N 199 
LYS NZ   N  N N 200 
LYS OXT  O  N N 201 
LYS H    H  N N 202 
LYS H2   H  N N 203 
LYS HA   H  N N 204 
LYS HB2  H  N N 205 
LYS HB3  H  N N 206 
LYS HG2  H  N N 207 
LYS HG3  H  N N 208 
LYS HD2  H  N N 209 
LYS HD3  H  N N 210 
LYS HE2  H  N N 211 
LYS HE3  H  N N 212 
LYS HZ1  H  N N 213 
LYS HZ2  H  N N 214 
LYS HZ3  H  N N 215 
LYS HXT  H  N N 216 
MET N    N  N N 217 
MET CA   C  N S 218 
MET C    C  N N 219 
MET O    O  N N 220 
MET CB   C  N N 221 
MET CG   C  N N 222 
MET SD   S  N N 223 
MET CE   C  N N 224 
MET OXT  O  N N 225 
MET H    H  N N 226 
MET H2   H  N N 227 
MET HA   H  N N 228 
MET HB2  H  N N 229 
MET HB3  H  N N 230 
MET HG2  H  N N 231 
MET HG3  H  N N 232 
MET HE1  H  N N 233 
MET HE2  H  N N 234 
MET HE3  H  N N 235 
MET HXT  H  N N 236 
PHE N    N  N N 237 
PHE CA   C  N S 238 
PHE C    C  N N 239 
PHE O    O  N N 240 
PHE CB   C  N N 241 
PHE CG   C  Y N 242 
PHE CD1  C  Y N 243 
PHE CD2  C  Y N 244 
PHE CE1  C  Y N 245 
PHE CE2  C  Y N 246 
PHE CZ   C  Y N 247 
PHE OXT  O  N N 248 
PHE H    H  N N 249 
PHE H2   H  N N 250 
PHE HA   H  N N 251 
PHE HB2  H  N N 252 
PHE HB3  H  N N 253 
PHE HD1  H  N N 254 
PHE HD2  H  N N 255 
PHE HE1  H  N N 256 
PHE HE2  H  N N 257 
PHE HZ   H  N N 258 
PHE HXT  H  N N 259 
PRO N    N  N N 260 
PRO CA   C  N S 261 
PRO C    C  N N 262 
PRO O    O  N N 263 
PRO CB   C  N N 264 
PRO CG   C  N N 265 
PRO CD   C  N N 266 
PRO OXT  O  N N 267 
PRO H    H  N N 268 
PRO HA   H  N N 269 
PRO HB2  H  N N 270 
PRO HB3  H  N N 271 
PRO HG2  H  N N 272 
PRO HG3  H  N N 273 
PRO HD2  H  N N 274 
PRO HD3  H  N N 275 
PRO HXT  H  N N 276 
SER N    N  N N 277 
SER CA   C  N S 278 
SER C    C  N N 279 
SER O    O  N N 280 
SER CB   C  N N 281 
SER OG   O  N N 282 
SER OXT  O  N N 283 
SER H    H  N N 284 
SER H2   H  N N 285 
SER HA   H  N N 286 
SER HB2  H  N N 287 
SER HB3  H  N N 288 
SER HG   H  N N 289 
SER HXT  H  N N 290 
THR N    N  N N 291 
THR CA   C  N S 292 
THR C    C  N N 293 
THR O    O  N N 294 
THR CB   C  N R 295 
THR OG1  O  N N 296 
THR CG2  C  N N 297 
THR OXT  O  N N 298 
THR H    H  N N 299 
THR H2   H  N N 300 
THR HA   H  N N 301 
THR HB   H  N N 302 
THR HG1  H  N N 303 
THR HG21 H  N N 304 
THR HG22 H  N N 305 
THR HG23 H  N N 306 
THR HXT  H  N N 307 
TYR N    N  N N 308 
TYR CA   C  N S 309 
TYR C    C  N N 310 
TYR O    O  N N 311 
TYR CB   C  N N 312 
TYR CG   C  Y N 313 
TYR CD1  C  Y N 314 
TYR CD2  C  Y N 315 
TYR CE1  C  Y N 316 
TYR CE2  C  Y N 317 
TYR CZ   C  Y N 318 
TYR OH   O  N N 319 
TYR OXT  O  N N 320 
TYR H    H  N N 321 
TYR H2   H  N N 322 
TYR HA   H  N N 323 
TYR HB2  H  N N 324 
TYR HB3  H  N N 325 
TYR HD1  H  N N 326 
TYR HD2  H  N N 327 
TYR HE1  H  N N 328 
TYR HE2  H  N N 329 
TYR HH   H  N N 330 
TYR HXT  H  N N 331 
VAL N    N  N N 332 
VAL CA   C  N S 333 
VAL C    C  N N 334 
VAL O    O  N N 335 
VAL CB   C  N N 336 
VAL CG1  C  N N 337 
VAL CG2  C  N N 338 
VAL OXT  O  N N 339 
VAL H    H  N N 340 
VAL H2   H  N N 341 
VAL HA   H  N N 342 
VAL HB   H  N N 343 
VAL HG11 H  N N 344 
VAL HG12 H  N N 345 
VAL HG13 H  N N 346 
VAL HG21 H  N N 347 
VAL HG22 H  N N 348 
VAL HG23 H  N N 349 
VAL HXT  H  N N 350 
# 
loop_
_chem_comp_bond.comp_id 
_chem_comp_bond.atom_id_1 
_chem_comp_bond.atom_id_2 
_chem_comp_bond.value_order 
_chem_comp_bond.pdbx_aromatic_flag 
_chem_comp_bond.pdbx_stereo_config 
_chem_comp_bond.pdbx_ordinal 
ALA N   CA   sing N N 1   
ALA N   H    sing N N 2   
ALA N   H2   sing N N 3   
ALA CA  C    sing N N 4   
ALA CA  CB   sing N N 5   
ALA CA  HA   sing N N 6   
ALA C   O    doub N N 7   
ALA C   OXT  sing N N 8   
ALA CB  HB1  sing N N 9   
ALA CB  HB2  sing N N 10  
ALA CB  HB3  sing N N 11  
ALA OXT HXT  sing N N 12  
ARG N   CA   sing N N 13  
ARG N   H    sing N N 14  
ARG N   H2   sing N N 15  
ARG CA  C    sing N N 16  
ARG CA  CB   sing N N 17  
ARG CA  HA   sing N N 18  
ARG C   O    doub N N 19  
ARG C   OXT  sing N N 20  
ARG CB  CG   sing N N 21  
ARG CB  HB2  sing N N 22  
ARG CB  HB3  sing N N 23  
ARG CG  CD   sing N N 24  
ARG CG  HG2  sing N N 25  
ARG CG  HG3  sing N N 26  
ARG CD  NE   sing N N 27  
ARG CD  HD2  sing N N 28  
ARG CD  HD3  sing N N 29  
ARG NE  CZ   sing N N 30  
ARG NE  HE   sing N N 31  
ARG CZ  NH1  sing N N 32  
ARG CZ  NH2  doub N N 33  
ARG NH1 HH11 sing N N 34  
ARG NH1 HH12 sing N N 35  
ARG NH2 HH21 sing N N 36  
ARG NH2 HH22 sing N N 37  
ARG OXT HXT  sing N N 38  
ASN N   CA   sing N N 39  
ASN N   H    sing N N 40  
ASN N   H2   sing N N 41  
ASN CA  C    sing N N 42  
ASN CA  CB   sing N N 43  
ASN CA  HA   sing N N 44  
ASN C   O    doub N N 45  
ASN C   OXT  sing N N 46  
ASN CB  CG   sing N N 47  
ASN CB  HB2  sing N N 48  
ASN CB  HB3  sing N N 49  
ASN CG  OD1  doub N N 50  
ASN CG  ND2  sing N N 51  
ASN ND2 HD21 sing N N 52  
ASN ND2 HD22 sing N N 53  
ASN OXT HXT  sing N N 54  
ASP N   CA   sing N N 55  
ASP N   H    sing N N 56  
ASP N   H2   sing N N 57  
ASP CA  C    sing N N 58  
ASP CA  CB   sing N N 59  
ASP CA  HA   sing N N 60  
ASP C   O    doub N N 61  
ASP C   OXT  sing N N 62  
ASP CB  CG   sing N N 63  
ASP CB  HB2  sing N N 64  
ASP CB  HB3  sing N N 65  
ASP CG  OD1  doub N N 66  
ASP CG  OD2  sing N N 67  
ASP OD2 HD2  sing N N 68  
ASP OXT HXT  sing N N 69  
GLN N   CA   sing N N 70  
GLN N   H    sing N N 71  
GLN N   H2   sing N N 72  
GLN CA  C    sing N N 73  
GLN CA  CB   sing N N 74  
GLN CA  HA   sing N N 75  
GLN C   O    doub N N 76  
GLN C   OXT  sing N N 77  
GLN CB  CG   sing N N 78  
GLN CB  HB2  sing N N 79  
GLN CB  HB3  sing N N 80  
GLN CG  CD   sing N N 81  
GLN CG  HG2  sing N N 82  
GLN CG  HG3  sing N N 83  
GLN CD  OE1  doub N N 84  
GLN CD  NE2  sing N N 85  
GLN NE2 HE21 sing N N 86  
GLN NE2 HE22 sing N N 87  
GLN OXT HXT  sing N N 88  
GLU N   CA   sing N N 89  
GLU N   H    sing N N 90  
GLU N   H2   sing N N 91  
GLU CA  C    sing N N 92  
GLU CA  CB   sing N N 93  
GLU CA  HA   sing N N 94  
GLU C   O    doub N N 95  
GLU C   OXT  sing N N 96  
GLU CB  CG   sing N N 97  
GLU CB  HB2  sing N N 98  
GLU CB  HB3  sing N N 99  
GLU CG  CD   sing N N 100 
GLU CG  HG2  sing N N 101 
GLU CG  HG3  sing N N 102 
GLU CD  OE1  doub N N 103 
GLU CD  OE2  sing N N 104 
GLU OE2 HE2  sing N N 105 
GLU OXT HXT  sing N N 106 
GLY N   CA   sing N N 107 
GLY N   H    sing N N 108 
GLY N   H2   sing N N 109 
GLY CA  C    sing N N 110 
GLY CA  HA2  sing N N 111 
GLY CA  HA3  sing N N 112 
GLY C   O    doub N N 113 
GLY C   OXT  sing N N 114 
GLY OXT HXT  sing N N 115 
HIS N   CA   sing N N 116 
HIS N   H    sing N N 117 
HIS N   H2   sing N N 118 
HIS CA  C    sing N N 119 
HIS CA  CB   sing N N 120 
HIS CA  HA   sing N N 121 
HIS C   O    doub N N 122 
HIS C   OXT  sing N N 123 
HIS CB  CG   sing N N 124 
HIS CB  HB2  sing N N 125 
HIS CB  HB3  sing N N 126 
HIS CG  ND1  sing Y N 127 
HIS CG  CD2  doub Y N 128 
HIS ND1 CE1  doub Y N 129 
HIS ND1 HD1  sing N N 130 
HIS CD2 NE2  sing Y N 131 
HIS CD2 HD2  sing N N 132 
HIS CE1 NE2  sing Y N 133 
HIS CE1 HE1  sing N N 134 
HIS NE2 HE2  sing N N 135 
HIS OXT HXT  sing N N 136 
HOH O   H1   sing N N 137 
HOH O   H2   sing N N 138 
ILE N   CA   sing N N 139 
ILE N   H    sing N N 140 
ILE N   H2   sing N N 141 
ILE CA  C    sing N N 142 
ILE CA  CB   sing N N 143 
ILE CA  HA   sing N N 144 
ILE C   O    doub N N 145 
ILE C   OXT  sing N N 146 
ILE CB  CG1  sing N N 147 
ILE CB  CG2  sing N N 148 
ILE CB  HB   sing N N 149 
ILE CG1 CD1  sing N N 150 
ILE CG1 HG12 sing N N 151 
ILE CG1 HG13 sing N N 152 
ILE CG2 HG21 sing N N 153 
ILE CG2 HG22 sing N N 154 
ILE CG2 HG23 sing N N 155 
ILE CD1 HD11 sing N N 156 
ILE CD1 HD12 sing N N 157 
ILE CD1 HD13 sing N N 158 
ILE OXT HXT  sing N N 159 
LEU N   CA   sing N N 160 
LEU N   H    sing N N 161 
LEU N   H2   sing N N 162 
LEU CA  C    sing N N 163 
LEU CA  CB   sing N N 164 
LEU CA  HA   sing N N 165 
LEU C   O    doub N N 166 
LEU C   OXT  sing N N 167 
LEU CB  CG   sing N N 168 
LEU CB  HB2  sing N N 169 
LEU CB  HB3  sing N N 170 
LEU CG  CD1  sing N N 171 
LEU CG  CD2  sing N N 172 
LEU CG  HG   sing N N 173 
LEU CD1 HD11 sing N N 174 
LEU CD1 HD12 sing N N 175 
LEU CD1 HD13 sing N N 176 
LEU CD2 HD21 sing N N 177 
LEU CD2 HD22 sing N N 178 
LEU CD2 HD23 sing N N 179 
LEU OXT HXT  sing N N 180 
LYS N   CA   sing N N 181 
LYS N   H    sing N N 182 
LYS N   H2   sing N N 183 
LYS CA  C    sing N N 184 
LYS CA  CB   sing N N 185 
LYS CA  HA   sing N N 186 
LYS C   O    doub N N 187 
LYS C   OXT  sing N N 188 
LYS CB  CG   sing N N 189 
LYS CB  HB2  sing N N 190 
LYS CB  HB3  sing N N 191 
LYS CG  CD   sing N N 192 
LYS CG  HG2  sing N N 193 
LYS CG  HG3  sing N N 194 
LYS CD  CE   sing N N 195 
LYS CD  HD2  sing N N 196 
LYS CD  HD3  sing N N 197 
LYS CE  NZ   sing N N 198 
LYS CE  HE2  sing N N 199 
LYS CE  HE3  sing N N 200 
LYS NZ  HZ1  sing N N 201 
LYS NZ  HZ2  sing N N 202 
LYS NZ  HZ3  sing N N 203 
LYS OXT HXT  sing N N 204 
MET N   CA   sing N N 205 
MET N   H    sing N N 206 
MET N   H2   sing N N 207 
MET CA  C    sing N N 208 
MET CA  CB   sing N N 209 
MET CA  HA   sing N N 210 
MET C   O    doub N N 211 
MET C   OXT  sing N N 212 
MET CB  CG   sing N N 213 
MET CB  HB2  sing N N 214 
MET CB  HB3  sing N N 215 
MET CG  SD   sing N N 216 
MET CG  HG2  sing N N 217 
MET CG  HG3  sing N N 218 
MET SD  CE   sing N N 219 
MET CE  HE1  sing N N 220 
MET CE  HE2  sing N N 221 
MET CE  HE3  sing N N 222 
MET OXT HXT  sing N N 223 
PHE N   CA   sing N N 224 
PHE N   H    sing N N 225 
PHE N   H2   sing N N 226 
PHE CA  C    sing N N 227 
PHE CA  CB   sing N N 228 
PHE CA  HA   sing N N 229 
PHE C   O    doub N N 230 
PHE C   OXT  sing N N 231 
PHE CB  CG   sing N N 232 
PHE CB  HB2  sing N N 233 
PHE CB  HB3  sing N N 234 
PHE CG  CD1  doub Y N 235 
PHE CG  CD2  sing Y N 236 
PHE CD1 CE1  sing Y N 237 
PHE CD1 HD1  sing N N 238 
PHE CD2 CE2  doub Y N 239 
PHE CD2 HD2  sing N N 240 
PHE CE1 CZ   doub Y N 241 
PHE CE1 HE1  sing N N 242 
PHE CE2 CZ   sing Y N 243 
PHE CE2 HE2  sing N N 244 
PHE CZ  HZ   sing N N 245 
PHE OXT HXT  sing N N 246 
PRO N   CA   sing N N 247 
PRO N   CD   sing N N 248 
PRO N   H    sing N N 249 
PRO CA  C    sing N N 250 
PRO CA  CB   sing N N 251 
PRO CA  HA   sing N N 252 
PRO C   O    doub N N 253 
PRO C   OXT  sing N N 254 
PRO CB  CG   sing N N 255 
PRO CB  HB2  sing N N 256 
PRO CB  HB3  sing N N 257 
PRO CG  CD   sing N N 258 
PRO CG  HG2  sing N N 259 
PRO CG  HG3  sing N N 260 
PRO CD  HD2  sing N N 261 
PRO CD  HD3  sing N N 262 
PRO OXT HXT  sing N N 263 
SER N   CA   sing N N 264 
SER N   H    sing N N 265 
SER N   H2   sing N N 266 
SER CA  C    sing N N 267 
SER CA  CB   sing N N 268 
SER CA  HA   sing N N 269 
SER C   O    doub N N 270 
SER C   OXT  sing N N 271 
SER CB  OG   sing N N 272 
SER CB  HB2  sing N N 273 
SER CB  HB3  sing N N 274 
SER OG  HG   sing N N 275 
SER OXT HXT  sing N N 276 
THR N   CA   sing N N 277 
THR N   H    sing N N 278 
THR N   H2   sing N N 279 
THR CA  C    sing N N 280 
THR CA  CB   sing N N 281 
THR CA  HA   sing N N 282 
THR C   O    doub N N 283 
THR C   OXT  sing N N 284 
THR CB  OG1  sing N N 285 
THR CB  CG2  sing N N 286 
THR CB  HB   sing N N 287 
THR OG1 HG1  sing N N 288 
THR CG2 HG21 sing N N 289 
THR CG2 HG22 sing N N 290 
THR CG2 HG23 sing N N 291 
THR OXT HXT  sing N N 292 
TYR N   CA   sing N N 293 
TYR N   H    sing N N 294 
TYR N   H2   sing N N 295 
TYR CA  C    sing N N 296 
TYR CA  CB   sing N N 297 
TYR CA  HA   sing N N 298 
TYR C   O    doub N N 299 
TYR C   OXT  sing N N 300 
TYR CB  CG   sing N N 301 
TYR CB  HB2  sing N N 302 
TYR CB  HB3  sing N N 303 
TYR CG  CD1  doub Y N 304 
TYR CG  CD2  sing Y N 305 
TYR CD1 CE1  sing Y N 306 
TYR CD1 HD1  sing N N 307 
TYR CD2 CE2  doub Y N 308 
TYR CD2 HD2  sing N N 309 
TYR CE1 CZ   doub Y N 310 
TYR CE1 HE1  sing N N 311 
TYR CE2 CZ   sing Y N 312 
TYR CE2 HE2  sing N N 313 
TYR CZ  OH   sing N N 314 
TYR OH  HH   sing N N 315 
TYR OXT HXT  sing N N 316 
VAL N   CA   sing N N 317 
VAL N   H    sing N N 318 
VAL N   H2   sing N N 319 
VAL CA  C    sing N N 320 
VAL CA  CB   sing N N 321 
VAL CA  HA   sing N N 322 
VAL C   O    doub N N 323 
VAL C   OXT  sing N N 324 
VAL CB  CG1  sing N N 325 
VAL CB  CG2  sing N N 326 
VAL CB  HB   sing N N 327 
VAL CG1 HG11 sing N N 328 
VAL CG1 HG12 sing N N 329 
VAL CG1 HG13 sing N N 330 
VAL CG2 HG21 sing N N 331 
VAL CG2 HG22 sing N N 332 
VAL CG2 HG23 sing N N 333 
VAL OXT HXT  sing N N 334 
# 
_pdbx_initial_refinement_model.id               1 
_pdbx_initial_refinement_model.entity_id_list   ? 
_pdbx_initial_refinement_model.type             'experimental model' 
_pdbx_initial_refinement_model.source_name      PDB 
_pdbx_initial_refinement_model.accession_code   7OCX 
_pdbx_initial_refinement_model.details          ? 
# 
_space_group.name_H-M_alt     'P 65' 
_space_group.name_Hall        'P 65' 
_space_group.IT_number        170 
_space_group.crystal_system   hexagonal 
_space_group.id               1 
# 
_atom_sites.entry_id                    7OCZ 
_atom_sites.Cartn_transf_matrix[1][1]   ? 
_atom_sites.Cartn_transf_matrix[1][2]   ? 
_atom_sites.Cartn_transf_matrix[1][3]   ? 
_atom_sites.Cartn_transf_matrix[2][1]   ? 
_atom_sites.Cartn_transf_matrix[2][2]   ? 
_atom_sites.Cartn_transf_matrix[2][3]   ? 
_atom_sites.Cartn_transf_matrix[3][1]   ? 
_atom_sites.Cartn_transf_matrix[3][2]   ? 
_atom_sites.Cartn_transf_matrix[3][3]   ? 
_atom_sites.Cartn_transf_vector[1]      ? 
_atom_sites.Cartn_transf_vector[2]      ? 
_atom_sites.Cartn_transf_vector[3]      ? 
_atom_sites.fract_transf_matrix[1][1]   -0.01692178 
_atom_sites.fract_transf_matrix[1][2]   -0.01599138 
_atom_sites.fract_transf_matrix[1][3]   -0.01301137 
_atom_sites.fract_transf_matrix[2][1]   0.00838685 
_atom_sites.fract_transf_matrix[2][2]   -0.01389862 
_atom_sites.fract_transf_matrix[2][3]   -0.02116202 
_atom_sites.fract_transf_matrix[3][1]   0.00161701 
_atom_sites.fract_transf_matrix[3][2]   -0.00479475 
_atom_sites.fract_transf_matrix[3][3]   0.00378990 
_atom_sites.fract_transf_vector[1]      0.005427 
_atom_sites.fract_transf_vector[2]      0.026915 
_atom_sites.fract_transf_vector[3]      0.057880 
_atom_sites.solution_primary            ? 
_atom_sites.solution_secondary          ? 
_atom_sites.solution_hydrogens          ? 
_atom_sites.special_details             ? 
# 
loop_
_atom_type.symbol 
_atom_type.scat_dispersion_real 
_atom_type.scat_dispersion_imag 
_atom_type.scat_Cromer_Mann_a1 
_atom_type.scat_Cromer_Mann_a2 
_atom_type.scat_Cromer_Mann_a3 
_atom_type.scat_Cromer_Mann_a4 
_atom_type.scat_Cromer_Mann_b1 
_atom_type.scat_Cromer_Mann_b2 
_atom_type.scat_Cromer_Mann_b3 
_atom_type.scat_Cromer_Mann_b4 
_atom_type.scat_Cromer_Mann_c 
_atom_type.scat_source 
_atom_type.scat_dispersion_source 
C  ? ? 3.54356 2.42580 ? ? 25.62398 1.50364  ? ? 0.0 
;2-Gaussian fit: Grosse-Kunstleve RW, Sauter NK, Adams PD: Newsletter of the IUCr Commission on Crystallographic Computing 2004, 3, 22-31.
;
? 
CL ? ? 9.50761 7.44341 ? ? 1.04373  23.83732 ? ? 0.0 
;2-Gaussian fit: Grosse-Kunstleve RW, Sauter NK, Adams PD: Newsletter of the IUCr Commission on Crystallographic Computing 2004, 3, 22-31.
;
? 
N  ? ? 4.01032 2.96436 ? ? 19.97189 1.75589  ? ? 0.0 
;2-Gaussian fit: Grosse-Kunstleve RW, Sauter NK, Adams PD: Newsletter of the IUCr Commission on Crystallographic Computing 2004, 3, 22-31.
;
? 
O  ? ? 4.49882 3.47563 ? ? 15.80542 1.70748  ? ? 0.0 
;2-Gaussian fit: Grosse-Kunstleve RW, Sauter NK, Adams PD: Newsletter of the IUCr Commission on Crystallographic Computing 2004, 3, 22-31.
;
? 
S  ? ? 9.55732 6.39887 ? ? 1.23737  29.19336 ? ? 0.0 
;2-Gaussian fit: Grosse-Kunstleve RW, Sauter NK, Adams PD: Newsletter of the IUCr Commission on Crystallographic Computing 2004, 3, 22-31.
;
? 
# 
loop_
_atom_site.group_PDB 
_atom_site.id 
_atom_site.type_symbol 
_atom_site.label_atom_id 
_atom_site.label_alt_id 
_atom_site.label_comp_id 
_atom_site.label_asym_id 
_atom_site.label_entity_id 
_atom_site.label_seq_id 
_atom_site.pdbx_PDB_ins_code 
_atom_site.Cartn_x 
_atom_site.Cartn_y 
_atom_site.Cartn_z 
_atom_site.occupancy 
_atom_site.B_iso_or_equiv 
_atom_site.pdbx_formal_charge 
_atom_site.auth_seq_id 
_atom_site.auth_comp_id 
_atom_site.auth_asym_id 
_atom_site.auth_atom_id 
_atom_site.pdbx_PDB_model_num 
ATOM   1    N  N   . SER A 1 4  ? 7.51111   -5.23535  -8.37097  1.000 88.33386  ? 4   SER A N   1 
ATOM   2    C  CA  . SER A 1 4  ? 6.17235   -5.57564  -8.83897  1.000 75.46315  ? 4   SER A CA  1 
ATOM   3    C  C   . SER A 1 4  ? 5.62721   -6.82484  -8.14232  1.000 66.94941  ? 4   SER A C   1 
ATOM   4    O  O   . SER A 1 4  ? 4.87611   -6.71919  -7.17494  1.000 46.05702  ? 4   SER A O   1 
ATOM   5    C  CB  . SER A 1 4  ? 6.17139   -5.77921  -10.35908 1.000 64.94199  ? 4   SER A CB  1 
ATOM   6    N  N   . MET A 1 5  ? 6.03744   -8.00123  -8.62486  1.000 70.10608  ? 5   MET A N   1 
ATOM   7    C  CA  . MET A 1 5  ? 5.42438   -9.27459  -8.26743  1.000 74.71775  ? 5   MET A CA  1 
ATOM   8    C  C   . MET A 1 5  ? 6.53278   -10.25519 -7.89248  1.000 85.55087  ? 5   MET A C   1 
ATOM   9    O  O   . MET A 1 5  ? 7.53980   -10.34686 -8.61679  1.000 88.69550  ? 5   MET A O   1 
ATOM   10   C  CB  . MET A 1 5  ? 4.61629   -9.79594  -9.47353  1.000 71.10727  ? 5   MET A CB  1 
ATOM   11   C  CG  . MET A 1 5  ? 3.88489   -11.12573 -9.32352  1.000 65.57094  ? 5   MET A CG  1 
ATOM   12   S  SD  . MET A 1 5  ? 2.71168   -11.12378 -7.96125  1.000 58.61850  ? 5   MET A SD  1 
ATOM   13   C  CE  . MET A 1 5  ? 1.26159   -10.45109 -8.78063  1.000 32.64394  ? 5   MET A CE  1 
ATOM   14   N  N   . PRO A 1 6  ? 6.41129   -10.99040 -6.78400  1.000 89.74324  ? 6   PRO A N   1 
ATOM   15   C  CA  . PRO A 1 6  ? 7.39463   -12.04842 -6.50235  1.000 89.11060  ? 6   PRO A CA  1 
ATOM   16   C  C   . PRO A 1 6  ? 7.36812   -13.12097 -7.58397  1.000 91.04887  ? 6   PRO A C   1 
ATOM   17   O  O   . PRO A 1 6  ? 6.30361   -13.59752 -7.98557  1.000 91.75686  ? 6   PRO A O   1 
ATOM   18   C  CB  . PRO A 1 6  ? 6.95510   -12.59713 -5.13707  1.000 77.91336  ? 6   PRO A CB  1 
ATOM   19   C  CG  . PRO A 1 6  ? 5.53685   -12.16710 -4.97427  1.000 73.17111  ? 6   PRO A CG  1 
ATOM   20   C  CD  . PRO A 1 6  ? 5.43062   -10.85186 -5.69463  1.000 76.22979  ? 6   PRO A CD  1 
ATOM   21   N  N   . ARG A 1 7  ? 8.56206   -13.50520 -8.04845  1.000 94.55998  ? 7   ARG A N   1 
ATOM   22   C  CA  . ARG A 1 7  ? 8.66956   -14.36299 -9.22624  1.000 102.46083 ? 7   ARG A CA  1 
ATOM   23   C  C   . ARG A 1 7  ? 8.16378   -15.77819 -8.96512  1.000 96.58000  ? 7   ARG A C   1 
ATOM   24   O  O   . ARG A 1 7  ? 7.60797   -16.40912 -9.87219  1.000 95.21979  ? 7   ARG A O   1 
ATOM   25   C  CB  . ARG A 1 7  ? 10.11891  -14.40291 -9.71255  1.000 108.49244 ? 7   ARG A CB  1 
ATOM   26   N  N   . GLY A 1 8  ? 8.34564   -16.29622 -7.75231  1.000 79.25636  ? 8   GLY A N   1 
ATOM   27   C  CA  . GLY A 1 8  ? 7.93340   -17.65617 -7.45746  1.000 81.31570  ? 8   GLY A CA  1 
ATOM   28   C  C   . GLY A 1 8  ? 6.64116   -17.76705 -6.67270  1.000 86.61516  ? 8   GLY A C   1 
ATOM   29   O  O   . GLY A 1 8  ? 6.59299   -18.45082 -5.64526  1.000 94.42026  ? 8   GLY A O   1 
ATOM   30   N  N   . ALA A 1 9  ? 5.58498   -17.11393 -7.14909  1.000 78.53279  ? 9   ALA A N   1 
ATOM   31   C  CA  . ALA A 1 9  ? 4.30384   -17.10720 -6.45984  1.000 66.35203  ? 9   ALA A CA  1 
ATOM   32   C  C   . ALA A 1 9  ? 3.38817   -18.20916 -6.99269  1.000 69.27113  ? 9   ALA A C   1 
ATOM   33   O  O   . ALA A 1 9  ? 3.59254   -18.75499 -8.08021  1.000 73.28237  ? 9   ALA A O   1 
ATOM   34   C  CB  . ALA A 1 9  ? 3.62798   -15.74309 -6.60321  1.000 48.83405  ? 9   ALA A CB  1 
ATOM   35   N  N   . ASP A 1 10 ? 2.37121   -18.53824 -6.19924  1.000 58.67831  ? 10  ASP A N   1 
ATOM   36   C  CA  . ASP A 1 10 ? 1.35233   -19.50599 -6.58395  1.000 56.83057  ? 10  ASP A CA  1 
ATOM   37   C  C   . ASP A 1 10 ? 0.09211   -18.77221 -7.02516  1.000 51.79973  ? 10  ASP A C   1 
ATOM   38   O  O   . ASP A 1 10 ? -0.32249  -17.79187 -6.39733  1.000 42.61007  ? 10  ASP A O   1 
ATOM   39   C  CB  . ASP A 1 10 ? 1.01891   -20.44920 -5.42509  1.000 64.58450  ? 10  ASP A CB  1 
ATOM   40   C  CG  . ASP A 1 10 ? -0.06762  -21.46783 -5.77739  1.000 66.39970  ? 10  ASP A CG  1 
ATOM   41   O  OD1 . ASP A 1 10 ? -0.49927  -21.53605 -6.95020  1.000 72.71221  ? 10  ASP A OD1 1 
ATOM   42   O  OD2 . ASP A 1 10 ? -0.50888  -22.19563 -4.86254  1.000 76.19172  ? 10  ASP A OD2 1 
ATOM   43   N  N   . GLN A 1 11 ? -0.53604  -19.28045 -8.08860  1.000 46.22968  ? 11  GLN A N   1 
ATOM   44   C  CA  . GLN A 1 11 ? -1.69107  -18.60601 -8.66417  1.000 34.40784  ? 11  GLN A CA  1 
ATOM   45   C  C   . GLN A 1 11 ? -2.91045  -18.64097 -7.75601  1.000 33.34530  ? 11  GLN A C   1 
ATOM   46   O  O   . GLN A 1 11 ? -3.80355  -17.79777 -7.90850  1.000 27.74413  ? 11  GLN A O   1 
ATOM   47   C  CB  . GLN A 1 11 ? -2.03293  -19.21879 -10.01760 1.000 35.83193  ? 11  GLN A CB  1 
ATOM   48   C  CG  . GLN A 1 11 ? -1.12788  -18.76680 -11.14135 1.000 33.72226  ? 11  GLN A CG  1 
ATOM   49   C  CD  . GLN A 1 11 ? -1.60082  -19.26796 -12.48863 1.000 44.44193  ? 11  GLN A CD  1 
ATOM   50   O  OE1 . GLN A 1 11 ? -2.02316  -20.41890 -12.61749 1.000 40.00121  ? 11  GLN A OE1 1 
ATOM   51   N  NE2 . GLN A 1 11 ? -1.56442  -18.39607 -13.49570 1.000 30.28157  ? 11  GLN A NE2 1 
ATOM   52   N  N   . GLU A 1 12 ? -2.97379  -19.58586 -6.81725  1.000 29.56303  ? 12  GLU A N   1 
ATOM   53   C  CA  . GLU A 1 12 ? -4.13430  -19.66683 -5.93840  1.000 33.64633  ? 12  GLU A CA  1 
ATOM   54   C  C   . GLU A 1 12 ? -4.21566  -18.48446 -4.98159  1.000 29.37306  ? 12  GLU A C   1 
ATOM   55   O  O   . GLU A 1 12 ? -5.29038  -18.21967 -4.42812  1.000 30.49385  ? 12  GLU A O   1 
ATOM   56   C  CB  . GLU A 1 12 ? -4.09993  -20.97741 -5.14889  1.000 38.67997  ? 12  GLU A CB  1 
ATOM   57   C  CG  . GLU A 1 12 ? -3.93622  -22.21873 -6.01960  1.000 56.39540  ? 12  GLU A CG  1 
ATOM   58   C  CD  . GLU A 1 12 ? -5.23033  -22.99180 -6.20190  1.000 75.89348  ? 12  GLU A CD  1 
ATOM   59   O  OE1 . GLU A 1 12 ? -6.16039  -22.80125 -5.38845  1.000 70.84873  ? 12  GLU A OE1 1 
ATOM   60   O  OE2 . GLU A 1 12 ? -5.31272  -23.79706 -7.15563  1.000 84.78310  ? 12  GLU A OE2 1 
ATOM   61   N  N   . ASN A 1 13 ? -3.10922  -17.77811 -4.76714  1.000 26.93829  ? 13  ASN A N   1 
ATOM   62   C  CA  . ASN A 1 13 ? -3.08183  -16.62747 -3.87488  1.000 30.15890  ? 13  ASN A CA  1 
ATOM   63   C  C   . ASN A 1 13 ? -3.35711  -15.31388 -4.59265  1.000 27.92224  ? 13  ASN A C   1 
ATOM   64   O  O   . ASN A 1 13 ? -3.26631  -14.25288 -3.96328  1.000 25.34869  ? 13  ASN A O   1 
ATOM   65   C  CB  . ASN A 1 13 ? -1.72279  -16.53833 -3.16227  1.000 30.43210  ? 13  ASN A CB  1 
ATOM   66   C  CG  . ASN A 1 13 ? -1.31793  -17.84377 -2.49706  1.000 40.69076  ? 13  ASN A CG  1 
ATOM   67   O  OD1 . ASN A 1 13 ? -2.16157  -18.66770 -2.14290  1.000 40.98922  ? 13  ASN A OD1 1 
ATOM   68   N  ND2 . ASN A 1 13 ? -0.01512  -18.03371 -2.31932  1.000 46.33763  ? 13  ASN A ND2 1 
ATOM   69   N  N   . MET A 1 14 ? -3.69610  -15.35505 -5.87885  1.000 22.30824  ? 14  MET A N   1 
ATOM   70   C  CA  . MET A 1 14 ? -3.76634  -14.16260 -6.71137  1.000 25.54490  ? 14  MET A CA  1 
ATOM   71   C  C   . MET A 1 14 ? -5.19238  -13.66929 -6.84020  1.000 24.01945  ? 14  MET A C   1 
ATOM   72   O  O   . MET A 1 14 ? -6.12833  -14.46057 -6.97101  1.000 21.75022  ? 14  MET A O   1 
ATOM   73   C  CB  . MET A 1 14 ? -3.22040  -14.42484 -8.11062  1.000 22.30393  ? 14  MET A CB  1 
ATOM   74   C  CG  . MET A 1 14 ? -1.96674  -15.23041 -8.11091  1.000 35.58528  ? 14  MET A CG  1 
ATOM   75   S  SD  . MET A 1 14 ? -0.55662  -14.15971 -7.92900  1.000 53.14498  ? 14  MET A SD  1 
ATOM   76   C  CE  . MET A 1 14 ? -0.26420  -13.75166 -9.65003  1.000 55.45303  ? 14  MET A CE  1 
ATOM   77   N  N   . LEU A 1 15 ? -5.33338  -12.35480 -6.85341  1.000 20.26026  ? 15  LEU A N   1 
ATOM   78   C  CA  . LEU A 1 15 ? -6.61085  -11.68373 -6.99365  1.000 21.07005  ? 15  LEU A CA  1 
ATOM   79   C  C   . LEU A 1 15 ? -6.57183  -10.83704 -8.26076  1.000 22.26167  ? 15  LEU A C   1 
ATOM   80   O  O   . LEU A 1 15 ? -5.55711  -10.20794 -8.56075  1.000 22.77863  ? 15  LEU A O   1 
ATOM   81   C  CB  . LEU A 1 15 ? -6.86086  -10.80755 -5.75933  1.000 23.03697  ? 15  LEU A CB  1 
ATOM   82   C  CG  . LEU A 1 15 ? -8.14283  -10.00841 -5.62721  1.000 31.76556  ? 15  LEU A CG  1 
ATOM   83   C  CD1 . LEU A 1 15 ? -9.25025  -11.03328 -5.43826  1.000 39.80614  ? 15  LEU A CD1 1 
ATOM   84   C  CD2 . LEU A 1 15 ? -8.07720  -9.06196  -4.45189  1.000 30.00415  ? 15  LEU A CD2 1 
ATOM   85   N  N   . LYS A 1 16 ? -7.66297  -10.82784 -9.01173  1.000 20.20351  ? 16  LYS A N   1 
ATOM   86   C  CA  . LYS A 1 16 ? -7.82899  -9.92290  -10.14055 1.000 19.97482  ? 16  LYS A CA  1 
ATOM   87   C  C   . LYS A 1 16 ? -8.70261  -8.75963  -9.70228  1.000 21.69713  ? 16  LYS A C   1 
ATOM   88   O  O   . LYS A 1 16 ? -9.77809  -8.97799  -9.14266  1.000 22.58056  ? 16  LYS A O   1 
ATOM   89   C  CB  . LYS A 1 16 ? -8.49298  -10.63285 -11.32127 1.000 27.03672  ? 16  LYS A CB  1 
ATOM   90   C  CG  . LYS A 1 16 ? -7.63423  -11.65030 -12.02440 1.000 29.48488  ? 16  LYS A CG  1 
ATOM   91   C  CD  . LYS A 1 16 ? -8.48018  -12.49398 -12.97712 1.000 35.06078  ? 16  LYS A CD  1 
ATOM   92   C  CE  . LYS A 1 16 ? -8.63247  -11.84078 -14.32651 1.000 34.84396  ? 16  LYS A CE  1 
ATOM   93   N  NZ  . LYS A 1 16 ? -9.12301  -12.84301 -15.32105 1.000 36.34787  ? 16  LYS A NZ  1 
ATOM   94   N  N   . ILE A 1 17 ? -8.26237  -7.53228  -9.97152  1.000 20.30927  ? 17  ILE A N   1 
ATOM   95   C  CA  . ILE A 1 17 ? -9.00823  -6.34791  -9.55317  1.000 19.06524  ? 17  ILE A CA  1 
ATOM   96   C  C   . ILE A 1 17 ? -9.02762  -5.34023  -10.69555 1.000 21.76734  ? 17  ILE A C   1 
ATOM   97   O  O   . ILE A 1 17 ? -7.99930  -5.09646  -11.33435 1.000 24.19797  ? 17  ILE A O   1 
ATOM   98   C  CB  . ILE A 1 17 ? -8.42116  -5.73460  -8.26213  1.000 20.01289  ? 17  ILE A CB  1 
ATOM   99   C  CG1 . ILE A 1 17 ? -9.23181  -4.51309  -7.81256  1.000 23.15632  ? 17  ILE A CG1 1 
ATOM   100  C  CG2 . ILE A 1 17 ? -6.93506  -5.41594  -8.42780  1.000 19.86585  ? 17  ILE A CG2 1 
ATOM   101  C  CD1 . ILE A 1 17 ? -8.97570  -4.09432  -6.36696  1.000 28.81486  ? 17  ILE A CD1 1 
ATOM   102  N  N   . SER A 1 18 ? -10.20141 -4.77571  -10.97602 1.000 21.65942  ? 18  SER A N   1 
ATOM   103  C  CA  . SER A 1 18 ? -10.31623 -3.76729  -12.02206 1.000 19.73476  ? 18  SER A CA  1 
ATOM   104  C  C   . SER A 1 18 ? -11.40908 -2.76865  -11.66167 1.000 24.06431  ? 18  SER A C   1 
ATOM   105  O  O   . SER A 1 18 ? -12.21942 -3.00112  -10.75968 1.000 22.32336  ? 18  SER A O   1 
ATOM   106  C  CB  . SER A 1 18 ? -10.60098 -4.40072  -13.38802 1.000 28.27125  ? 18  SER A CB  1 
ATOM   107  O  OG  . SER A 1 18 ? -11.87961 -5.00491  -13.41145 1.000 28.60847  ? 18  SER A OG  1 
ATOM   108  N  N   . GLY A 1 19 ? -11.40395 -1.63076  -12.36106 1.000 21.61719  ? 19  GLY A N   1 
ATOM   109  C  CA  . GLY A 1 19 ? -12.41444 -0.60816  -12.18459 1.000 26.95277  ? 19  GLY A CA  1 
ATOM   110  C  C   . GLY A 1 19 ? -12.05088 0.52207   -11.24162 1.000 26.69779  ? 19  GLY A C   1 
ATOM   111  O  O   . GLY A 1 19 ? -12.83910 1.46732   -11.10646 1.000 27.56099  ? 19  GLY A O   1 
ATOM   112  N  N   . TYR A 1 20 ? -10.89810 0.45278   -10.57861 1.000 19.17844  ? 20  TYR A N   1 
ATOM   113  C  CA  . TYR A 1 20 ? -10.45377 1.54998   -9.73651  1.000 31.11037  ? 20  TYR A CA  1 
ATOM   114  C  C   . TYR A 1 20 ? -10.02796 2.74366   -10.60038 1.000 30.30110  ? 20  TYR A C   1 
ATOM   115  O  O   . TYR A 1 20 ? -9.78613  2.59607   -11.80142 1.000 24.34647  ? 20  TYR A O   1 
ATOM   116  C  CB  . TYR A 1 20 ? -9.30111  1.08715   -8.84620  1.000 22.35723  ? 20  TYR A CB  1 
ATOM   117  C  CG  . TYR A 1 20 ? -8.19672  0.40466   -9.60516  1.000 22.10293  ? 20  TYR A CG  1 
ATOM   118  C  CD1 . TYR A 1 20 ? -7.20462  1.14299   -10.24415 1.000 22.79564  ? 20  TYR A CD1 1 
ATOM   119  C  CD2 . TYR A 1 20 ? -8.15540  -0.97738  -9.70234  1.000 22.92135  ? 20  TYR A CD2 1 
ATOM   120  C  CE1 . TYR A 1 20 ? -6.20104  0.52303   -10.94718 1.000 21.21866  ? 20  TYR A CE1 1 
ATOM   121  C  CE2 . TYR A 1 20 ? -7.15576  -1.60600  -10.39808 1.000 25.11360  ? 20  TYR A CE2 1 
ATOM   122  C  CZ  . TYR A 1 20 ? -6.18347  -0.85167  -11.02495 1.000 23.49134  ? 20  TYR A CZ  1 
ATOM   123  O  OH  . TYR A 1 20 ? -5.18421  -1.48256  -11.72111 1.000 23.23897  ? 20  TYR A OH  1 
ATOM   124  N  N   . PRO A 1 21 ? -9.92978  3.93961   -10.01364 1.000 29.95239  ? 21  PRO A N   1 
ATOM   125  C  CA  . PRO A 1 21 ? -9.48890  5.10003   -10.80189 1.000 24.66534  ? 21  PRO A CA  1 
ATOM   126  C  C   . PRO A 1 21 ? -8.06503  4.91366   -11.30186 1.000 22.29063  ? 21  PRO A C   1 
ATOM   127  O  O   . PRO A 1 21 ? -7.17195  4.50877   -10.55315 1.000 23.30373  ? 21  PRO A O   1 
ATOM   128  C  CB  . PRO A 1 21 ? -9.59774  6.26967   -9.81662  1.000 36.63302  ? 21  PRO A CB  1 
ATOM   129  C  CG  . PRO A 1 21 ? -10.56067 5.81073   -8.77814  1.000 40.67226  ? 21  PRO A CG  1 
ATOM   130  C  CD  . PRO A 1 21 ? -10.36222 4.32857   -8.65971  1.000 35.47837  ? 21  PRO A CD  1 
ATOM   131  N  N   . GLY A 1 22 ? -7.86142  5.21713   -12.58592 1.000 25.26403  ? 22  GLY A N   1 
ATOM   132  C  CA  . GLY A 1 22 ? -6.56851  5.04330   -13.22521 1.000 27.94125  ? 22  GLY A CA  1 
ATOM   133  C  C   . GLY A 1 22 ? -5.45093  5.84455   -12.59624 1.000 30.74065  ? 22  GLY A C   1 
ATOM   134  O  O   . GLY A 1 22 ? -4.27776  5.55242   -12.85407 1.000 30.72211  ? 22  GLY A O   1 
ATOM   135  N  N   . MET A 1 23 ? -5.78632  6.83783   -11.77429 1.000 29.89080  ? 23  MET A N   1 
ATOM   136  C  CA  . MET A 1 23 ? -4.78038  7.64017   -11.09339 1.000 32.54385  ? 23  MET A CA  1 
ATOM   137  C  C   . MET A 1 23 ? -3.93192  6.82929   -10.11056 1.000 37.84881  ? 23  MET A C   1 
ATOM   138  O  O   . MET A 1 23 ? -2.81325  7.25015   -9.79332  1.000 35.51182  ? 23  MET A O   1 
ATOM   139  C  CB  . MET A 1 23 ? -5.48100  8.79004   -10.37343 1.000 29.98071  ? 23  MET A CB  1 
ATOM   140  C  CG  . MET A 1 23 ? -5.77413  8.49374   -8.92303  1.000 46.25042  ? 23  MET A CG  1 
ATOM   141  S  SD  . MET A 1 23 ? -6.06924  9.99228   -7.98178  1.000 86.12994  ? 23  MET A SD  1 
ATOM   142  C  CE  . MET A 1 23 ? -7.22923  10.80057  -9.07738  1.000 45.09274  ? 23  MET A CE  1 
ATOM   143  N  N   . LEU A 1 24 ? -4.42018  5.68059   -9.63341  1.000 24.10836  ? 24  LEU A N   1 
ATOM   144  C  CA  . LEU A 1 24 ? -3.71018  4.94541   -8.59174  1.000 22.86461  ? 24  LEU A CA  1 
ATOM   145  C  C   . LEU A 1 24 ? -2.42186  4.32585   -9.11872  1.000 30.38018  ? 24  LEU A C   1 
ATOM   146  O  O   . LEU A 1 24 ? -2.39700  3.74619   -10.20748 1.000 32.37812  ? 24  LEU A O   1 
ATOM   147  C  CB  . LEU A 1 24 ? -4.59352  3.83768   -8.01716  1.000 22.76882  ? 24  LEU A CB  1 
ATOM   148  C  CG  . LEU A 1 24 ? -5.86985  4.20059   -7.27953  1.000 24.17072  ? 24  LEU A CG  1 
ATOM   149  C  CD1 . LEU A 1 24 ? -6.41732  2.95583   -6.56339  1.000 19.83513  ? 24  LEU A CD1 1 
ATOM   150  C  CD2 . LEU A 1 24 ? -5.59976  5.32187   -6.29270  1.000 31.89720  ? 24  LEU A CD2 1 
ATOM   151  N  N   . ASN A 1 25 ? -1.34895  4.42354   -8.32674  1.000 26.00286  ? 25  ASN A N   1 
ATOM   152  C  CA  . ASN A 1 25 ? -0.14432  3.65650   -8.61333  1.000 26.96114  ? 25  ASN A CA  1 
ATOM   153  C  C   . ASN A 1 25 ? -0.22593  2.31351   -7.87667  1.000 31.76973  ? 25  ASN A C   1 
ATOM   154  O  O   . ASN A 1 25 ? -1.23836  1.99907   -7.24301  1.000 28.99975  ? 25  ASN A O   1 
ATOM   155  C  CB  . ASN A 1 25 ? 1.11291   4.46048   -8.25505  1.000 32.81954  ? 25  ASN A CB  1 
ATOM   156  C  CG  . ASN A 1 25 ? 1.16942   4.88282   -6.78954  1.000 33.45771  ? 25  ASN A CG  1 
ATOM   157  O  OD1 . ASN A 1 25 ? 0.37082   4.44307   -5.96380  1.000 25.72149  ? 25  ASN A OD1 1 
ATOM   158  N  ND2 . ASN A 1 25 ? 2.11040   5.77348   -6.47276  1.000 24.44143  ? 25  ASN A ND2 1 
ATOM   159  N  N   . THR A 1 26 ? 0.83119   1.49147   -7.96171  1.000 25.83873  ? 26  THR A N   1 
ATOM   160  C  CA  . THR A 1 26 ? 0.76178   0.17313   -7.32521  1.000 21.71950  ? 26  THR A CA  1 
ATOM   161  C  C   . THR A 1 26 ? 0.61411   0.29733   -5.81179  1.000 23.11154  ? 26  THR A C   1 
ATOM   162  O  O   . THR A 1 26 ? -0.13200  -0.46921  -5.19131  1.000 22.72639  ? 26  THR A O   1 
ATOM   163  C  CB  . THR A 1 26 ? 1.98113   -0.68614  -7.67279  1.000 28.11959  ? 26  THR A CB  1 
ATOM   164  O  OG1 . THR A 1 26 ? 3.16474   -0.10381  -7.11828  1.000 39.38157  ? 26  THR A OG1 1 
ATOM   165  C  CG2 . THR A 1 26 ? 2.13694   -0.82158  -9.17614  1.000 41.15806  ? 26  THR A CG2 1 
ATOM   166  N  N   . PHE A 1 27 ? 1.29240   1.27478   -5.20177  1.000 23.27990  ? 27  PHE A N   1 
ATOM   167  C  CA  . PHE A 1 27 ? 1.11458   1.50243   -3.77038  1.000 17.05787  ? 27  PHE A CA  1 
ATOM   168  C  C   . PHE A 1 27 ? -0.32903  1.85782   -3.44525  1.000 18.74283  ? 27  PHE A C   1 
ATOM   169  O  O   . PHE A 1 27 ? -0.86993  1.41505   -2.42292  1.000 20.60508  ? 27  PHE A O   1 
ATOM   170  C  CB  . PHE A 1 27 ? 2.04934   2.60848   -3.27755  1.000 20.75332  ? 27  PHE A CB  1 
ATOM   171  C  CG  . PHE A 1 27 ? 3.49051   2.19317   -3.18037  1.000 26.91143  ? 27  PHE A CG  1 
ATOM   172  C  CD1 . PHE A 1 27 ? 3.85867   1.10481   -2.40112  1.000 28.33031  ? 27  PHE A CD1 1 
ATOM   173  C  CD2 . PHE A 1 27 ? 4.47796   2.90249   -3.84657  1.000 27.17105  ? 27  PHE A CD2 1 
ATOM   174  C  CE1 . PHE A 1 27 ? 5.18805   0.72415   -2.29904  1.000 28.25054  ? 27  PHE A CE1 1 
ATOM   175  C  CE2 . PHE A 1 27 ? 5.80661   2.52657   -3.75093  1.000 33.02726  ? 27  PHE A CE2 1 
ATOM   176  C  CZ  . PHE A 1 27 ? 6.16218   1.43831   -2.97131  1.000 24.07263  ? 27  PHE A CZ  1 
ATOM   177  N  N   . GLY A 1 28 ? -0.96202  2.67021   -4.29545  1.000 17.94352  ? 28  GLY A N   1 
ATOM   178  C  CA  . GLY A 1 28 ? -2.35208  3.03179   -4.07799  1.000 19.21783  ? 28  GLY A CA  1 
ATOM   179  C  C   . GLY A 1 28 ? -3.30297  1.86237   -4.21559  1.000 22.99842  ? 28  GLY A C   1 
ATOM   180  O  O   . GLY A 1 28 ? -4.33358  1.81118   -3.53398  1.000 20.55560  ? 28  GLY A O   1 
ATOM   181  N  N   . ILE A 1 29 ? -2.98730  0.91597   -5.10042  1.000 17.77647  ? 29  ILE A N   1 
ATOM   182  C  CA  . ILE A 1 29 ? -3.79738  -0.29510  -5.19629  1.000 20.48948  ? 29  ILE A CA  1 
ATOM   183  C  C   . ILE A 1 29 ? -3.68995  -1.11716  -3.91749  1.000 22.94331  ? 29  ILE A C   1 
ATOM   184  O  O   . ILE A 1 29 ? -4.68908  -1.65501  -3.42526  1.000 21.45156  ? 29  ILE A O   1 
ATOM   185  C  CB  . ILE A 1 29 ? -3.38807  -1.11312  -6.43089  1.000 22.41773  ? 29  ILE A CB  1 
ATOM   186  C  CG1 . ILE A 1 29 ? -3.70346  -0.33255  -7.69760  1.000 25.09327  ? 29  ILE A CG1 1 
ATOM   187  C  CG2 . ILE A 1 29 ? -4.08984  -2.46991  -6.44147  1.000 20.42369  ? 29  ILE A CG2 1 
ATOM   188  C  CD1 . ILE A 1 29 ? -2.99830  -0.87959  -8.88156  1.000 22.62874  ? 29  ILE A CD1 1 
ATOM   189  N  N   . ALA A 1 30 ? -2.48418  -1.23353  -3.35358  1.000 17.85354  ? 30  ALA A N   1 
ATOM   190  C  CA  . ALA A 1 30 ? -2.36301  -1.91120  -2.06585  1.000 19.29869  ? 30  ALA A CA  1 
ATOM   191  C  C   . ALA A 1 30 ? -3.13643  -1.16177  -0.98802  1.000 22.28339  ? 30  ALA A C   1 
ATOM   192  O  O   . ALA A 1 30 ? -3.78539  -1.77836  -0.13470  1.000 19.08145  ? 30  ALA A O   1 
ATOM   193  C  CB  . ALA A 1 30 ? -0.89365  -2.05631  -1.67927  1.000 19.62664  ? 30  ALA A CB  1 
ATOM   194  N  N   . GLN A 1 31 ? -3.09770  0.17378   -1.02447  1.000 15.52338  ? 31  GLN A N   1 
ATOM   195  C  CA  . GLN A 1 31 ? -3.85409  0.96081   -0.04993  1.000 18.27805  ? 31  GLN A CA  1 
ATOM   196  C  C   . GLN A 1 31 ? -5.34957  0.72503   -0.18379  1.000 20.46136  ? 31  GLN A C   1 
ATOM   197  O  O   . GLN A 1 31 ? -6.07751  0.73345   0.81809   1.000 19.23172  ? 31  GLN A O   1 
ATOM   198  C  CB  . GLN A 1 31 ? -3.53588  2.44196   -0.21855  1.000 15.20812  ? 31  GLN A CB  1 
ATOM   199  C  CG  . GLN A 1 31 ? -2.14591  2.81010   0.25355   1.000 19.77690  ? 31  GLN A CG  1 
ATOM   200  C  CD  . GLN A 1 31 ? -1.78157  4.22565   -0.11451  1.000 20.08847  ? 31  GLN A CD  1 
ATOM   201  O  OE1 . GLN A 1 31 ? -2.03179  4.66627   -1.23538  1.000 26.01187  ? 31  GLN A OE1 1 
ATOM   202  N  NE2 . GLN A 1 31 ? -1.18350  4.95054   0.82577   1.000 18.43128  ? 31  GLN A NE2 1 
ATOM   203  N  N   . LEU A 1 32 ? -5.82096  0.50991   -1.41205  1.000 22.81647  ? 32  LEU A N   1 
ATOM   204  C  CA  . LEU A 1 32 ? -7.23446  0.23947   -1.65157  1.000 22.35714  ? 32  LEU A CA  1 
ATOM   205  C  C   . LEU A 1 32 ? -7.68776  -1.02484  -0.93255  1.000 27.88720  ? 32  LEU A C   1 
ATOM   206  O  O   . LEU A 1 32 ? -8.84186  -1.11840  -0.49634  1.000 25.29897  ? 32  LEU A O   1 
ATOM   207  C  CB  . LEU A 1 32 ? -7.45745  0.10751   -3.15872  1.000 20.91053  ? 32  LEU A CB  1 
ATOM   208  C  CG  . LEU A 1 32 ? -8.84434  -0.12083  -3.75346  1.000 30.36541  ? 32  LEU A CG  1 
ATOM   209  C  CD1 . LEU A 1 32 ? -9.91714  0.63631   -2.98203  1.000 40.78981  ? 32  LEU A CD1 1 
ATOM   210  C  CD2 . LEU A 1 32 ? -8.84664  0.25310   -5.22343  1.000 31.62720  ? 32  LEU A CD2 1 
ATOM   211  N  N   . LEU A 1 33 ? -6.78603  -1.99519  -0.79139  1.000 20.65635  ? 33  LEU A N   1 
ATOM   212  C  CA  . LEU A 1 33 ? -7.07000  -3.32922  -0.28656  1.000 20.04965  ? 33  LEU A CA  1 
ATOM   213  C  C   . LEU A 1 33 ? -6.72278  -3.50083  1.19092   1.000 24.04526  ? 33  LEU A C   1 
ATOM   214  O  O   . LEU A 1 33 ? -6.72790  -4.63054  1.68583   1.000 22.88603  ? 33  LEU A O   1 
ATOM   215  C  CB  . LEU A 1 33 ? -6.30213  -4.35468  -1.12154  1.000 24.90345  ? 33  LEU A CB  1 
ATOM   216  C  CG  . LEU A 1 33 ? -6.71559  -4.44494  -2.59108  1.000 22.78833  ? 33  LEU A CG  1 
ATOM   217  C  CD1 . LEU A 1 33 ? -5.75907  -5.33382  -3.36880  1.000 26.38822  ? 33  LEU A CD1 1 
ATOM   218  C  CD2 . LEU A 1 33 ? -8.12679  -4.98344  -2.68988  1.000 22.53125  ? 33  LEU A CD2 1 
ATOM   219  N  N   . THR A 1 34 ? -6.38850  -2.42114  1.88775   1.000 21.64359  ? 34  THR A N   1 
ATOM   220  C  CA  . THR A 1 34 ? -6.12541  -2.50090  3.31896   1.000 21.19879  ? 34  THR A CA  1 
ATOM   221  C  C   . THR A 1 34 ? -7.30293  -3.18419  4.01097   1.000 24.83329  ? 34  THR A C   1 
ATOM   222  O  O   . THR A 1 34 ? -8.45439  -2.93213  3.63997   1.000 25.04341  ? 34  THR A O   1 
ATOM   223  C  CB  . THR A 1 34 ? -5.91816  -1.08921  3.88551   1.000 21.16835  ? 34  THR A CB  1 
ATOM   224  O  OG1 . THR A 1 34 ? -4.95850  -0.38913  3.08657   1.000 30.35471  ? 34  THR A OG1 1 
ATOM   225  C  CG2 . THR A 1 34 ? -5.43177  -1.11472  5.31105   1.000 23.77850  ? 34  THR A CG2 1 
ATOM   226  N  N   . PRO A 1 35 ? -7.06646  -4.05722  5.01039   1.000 23.26792  ? 35  PRO A N   1 
ATOM   227  C  CA  . PRO A 1 35 ? -5.81111  -4.47617  5.64680   1.000 28.46255  ? 35  PRO A CA  1 
ATOM   228  C  C   . PRO A 1 35 ? -5.24345  -5.79145  5.14401   1.000 28.08991  ? 35  PRO A C   1 
ATOM   229  O  O   . PRO A 1 35 ? -4.50644  -6.44888  5.88977   1.000 30.18854  ? 35  PRO A O   1 
ATOM   230  C  CB  . PRO A 1 35 ? -6.22218  -4.62703  7.10579   1.000 33.46541  ? 35  PRO A CB  1 
ATOM   231  C  CG  . PRO A 1 35 ? -7.62929  -5.18848  7.00057   1.000 30.40148  ? 35  PRO A CG  1 
ATOM   232  C  CD  . PRO A 1 35 ? -8.21440  -4.70362  5.67449   1.000 34.73584  ? 35  PRO A CD  1 
ATOM   233  N  N   . TYR A 1 36 ? -5.57856  -6.18458  3.91840   1.000 23.47317  ? 36  TYR A N   1 
ATOM   234  C  CA  . TYR A 1 36 ? -5.07773  -7.45037  3.40783   1.000 20.68820  ? 36  TYR A CA  1 
ATOM   235  C  C   . TYR A 1 36 ? -3.59040  -7.34050  3.12191   1.000 25.35517  ? 36  TYR A C   1 
ATOM   236  O  O   . TYR A 1 36 ? -3.12913  -6.35580  2.54090   1.000 29.84970  ? 36  TYR A O   1 
ATOM   237  C  CB  . TYR A 1 36 ? -5.83424  -7.86085  2.14283   1.000 22.43268  ? 36  TYR A CB  1 
ATOM   238  C  CG  . TYR A 1 36 ? -7.23234  -8.35412  2.42548   1.000 19.46177  ? 36  TYR A CG  1 
ATOM   239  C  CD1 . TYR A 1 36 ? -7.46522  -9.69281  2.71037   1.000 26.94132  ? 36  TYR A CD1 1 
ATOM   240  C  CD2 . TYR A 1 36 ? -8.31593  -7.48658  2.41158   1.000 25.29444  ? 36  TYR A CD2 1 
ATOM   241  C  CE1 . TYR A 1 36 ? -8.73746  -10.15723 2.97574   1.000 27.75003  ? 36  TYR A CE1 1 
ATOM   242  C  CE2 . TYR A 1 36 ? -9.60011  -7.94196  2.67570   1.000 24.97063  ? 36  TYR A CE2 1 
ATOM   243  C  CZ  . TYR A 1 36 ? -9.79992  -9.28381  2.96134   1.000 29.75787  ? 36  TYR A CZ  1 
ATOM   244  O  OH  . TYR A 1 36 ? -11.07126 -9.74684  3.23411   1.000 31.30503  ? 36  TYR A OH  1 
ATOM   245  N  N   . ARG A 1 37 ? -2.83261  -8.34858  3.54569   1.000 19.13040  ? 37  ARG A N   1 
ATOM   246  C  CA  . ARG A 1 37 ? -1.42171  -8.38733  3.19726   1.000 21.29924  ? 37  ARG A CA  1 
ATOM   247  C  C   . ARG A 1 37 ? -1.26098  -8.59440  1.69545   1.000 24.06579  ? 37  ARG A C   1 
ATOM   248  O  O   . ARG A 1 37 ? -1.81477  -9.53806  1.12628   1.000 23.22641  ? 37  ARG A O   1 
ATOM   249  C  CB  . ARG A 1 37 ? -0.70172  -9.49639  3.95616   1.000 20.39602  ? 37  ARG A CB  1 
ATOM   250  C  CG  . ARG A 1 37 ? 0.77203   -9.55825  3.59761   1.000 28.26539  ? 37  ARG A CG  1 
ATOM   251  C  CD  . ARG A 1 37 ? 1.60004   -10.26424 4.64804   1.000 37.78376  ? 37  ARG A CD  1 
ATOM   252  N  NE  . ARG A 1 37 ? 2.95790   -10.49242 4.16966   1.000 43.39391  ? 37  ARG A NE  1 
ATOM   253  C  CZ  . ARG A 1 37 ? 4.01697   -9.80950  4.58073   1.000 41.27214  ? 37  ARG A CZ  1 
ATOM   254  N  NH1 . ARG A 1 37 ? 3.91194   -8.85226  5.48603   1.000 37.13703  ? 37  ARG A NH1 1 
ATOM   255  N  NH2 . ARG A 1 37 ? 5.21106   -10.09474 4.07120   1.000 41.79873  ? 37  ARG A NH2 1 
ATOM   256  N  N   . VAL A 1 38 ? -0.49400  -7.70898  1.06216   1.000 20.52897  ? 38  VAL A N   1 
ATOM   257  C  CA  . VAL A 1 38 ? -0.24103  -7.72121  -0.37526  1.000 19.14827  ? 38  VAL A CA  1 
ATOM   258  C  C   . VAL A 1 38 ? 1.24027   -7.99590  -0.57233  1.000 24.37909  ? 38  VAL A C   1 
ATOM   259  O  O   . VAL A 1 38 ? 2.08438   -7.26576  -0.04018  1.000 24.64906  ? 38  VAL A O   1 
ATOM   260  C  CB  . VAL A 1 38 ? -0.63761  -6.38764  -1.02677  1.000 18.56196  ? 38  VAL A CB  1 
ATOM   261  C  CG1 . VAL A 1 38 ? -0.19961  -6.35314  -2.48300  1.000 21.75463  ? 38  VAL A CG1 1 
ATOM   262  C  CG2 . VAL A 1 38 ? -2.14086  -6.16322  -0.90359  1.000 18.06862  ? 38  VAL A CG2 1 
ATOM   263  N  N   . ASN A 1 39 ? 1.55944   -9.04263  -1.33063  1.000 21.08089  ? 39  ASN A N   1 
ATOM   264  C  CA  . ASN A 1 39 ? 2.94075   -9.46888  -1.53199  1.000 23.74200  ? 39  ASN A CA  1 
ATOM   265  C  C   . ASN A 1 39 ? 3.49780   -9.10040  -2.89550  1.000 31.45802  ? 39  ASN A C   1 
ATOM   266  O  O   . ASN A 1 39 ? 4.71538   -9.18020  -3.09626  1.000 26.03799  ? 39  ASN A O   1 
ATOM   267  C  CB  . ASN A 1 39 ? 3.05208   -10.97984 -1.34336  1.000 26.66228  ? 39  ASN A CB  1 
ATOM   268  C  CG  . ASN A 1 39 ? 2.79918   -11.39329 0.07622   1.000 30.74410  ? 39  ASN A CG  1 
ATOM   269  O  OD1 . ASN A 1 39 ? 3.20357   -10.70120 1.01141   1.000 41.73824  ? 39  ASN A OD1 1 
ATOM   270  N  ND2 . ASN A 1 39 ? 2.10969   -12.51344 0.25593   1.000 31.48892  ? 39  ASN A ND2 1 
ATOM   271  N  N   . GLY A 1 40 ? 2.64367   -8.72377  -3.83450  1.000 23.66754  ? 40  GLY A N   1 
ATOM   272  C  CA  . GLY A 1 40 ? 3.08810   -8.23929  -5.12094  1.000 28.07938  ? 40  GLY A CA  1 
ATOM   273  C  C   . GLY A 1 40 ? 1.91172   -7.72263  -5.91507  1.000 25.79058  ? 40  GLY A C   1 
ATOM   274  O  O   . GLY A 1 40 ? 0.76886   -8.11407  -5.65559  1.000 23.49243  ? 40  GLY A O   1 
ATOM   275  N  N   . ILE A 1 41 ? 2.17269   -6.83073  -6.86734  1.000 24.32788  ? 41  ILE A N   1 
ATOM   276  C  CA  . ILE A 1 41 ? 1.14100   -6.25917  -7.72740  1.000 21.95623  ? 41  ILE A CA  1 
ATOM   277  C  C   . ILE A 1 41 ? 1.71072   -6.14354  -9.13156  1.000 30.25804  ? 41  ILE A C   1 
ATOM   278  O  O   . ILE A 1 41 ? 2.82226   -5.63698  -9.31306  1.000 32.22024  ? 41  ILE A O   1 
ATOM   279  C  CB  . ILE A 1 41 ? 0.66656   -4.87608  -7.23296  1.000 26.23895  ? 41  ILE A CB  1 
ATOM   280  C  CG1 . ILE A 1 41 ? -0.00678  -4.98899  -5.85803  1.000 25.10392  ? 41  ILE A CG1 1 
ATOM   281  C  CG2 . ILE A 1 41 ? -0.27476  -4.23348  -8.25191  1.000 25.00556  ? 41  ILE A CG2 1 
ATOM   282  C  CD1 . ILE A 1 41 ? -0.46939  -3.66900  -5.27315  1.000 21.03601  ? 41  ILE A CD1 1 
ATOM   283  N  N   . THR A 1 42 ? 0.95430   -6.60961  -10.12102 1.000 19.51888  ? 42  THR A N   1 
ATOM   284  C  CA  . THR A 1 42 ? 1.28730   -6.42365  -11.52627 1.000 23.38659  ? 42  THR A CA  1 
ATOM   285  C  C   . THR A 1 42 ? 0.18474   -5.61710  -12.19065 1.000 22.14883  ? 42  THR A C   1 
ATOM   286  O  O   . THR A 1 42 ? -0.97310  -6.04894  -12.20393 1.000 26.21105  ? 42  THR A O   1 
ATOM   287  C  CB  . THR A 1 42 ? 1.44915   -7.76255  -12.23894 1.000 31.68026  ? 42  THR A CB  1 
ATOM   288  O  OG1 . THR A 1 42 ? 2.55009   -8.47970  -11.66799 1.000 38.58005  ? 42  THR A OG1 1 
ATOM   289  C  CG2 . THR A 1 42 ? 1.67751   -7.53434  -13.73069 1.000 32.72934  ? 42  THR A CG2 1 
ATOM   290  N  N   . ILE A 1 43 ? 0.54111   -4.45767  -12.73681 1.000 22.74535  ? 43  ILE A N   1 
ATOM   291  C  CA  . ILE A 1 43 ? -0.41015  -3.62695  -13.47009 1.000 21.56148  ? 43  ILE A CA  1 
ATOM   292  C  C   . ILE A 1 43 ? -0.63307  -4.25409  -14.83930 1.000 29.19860  ? 43  ILE A C   1 
ATOM   293  O  O   . ILE A 1 43 ? 0.32288   -4.47324  -15.58975 1.000 27.18860  ? 43  ILE A O   1 
ATOM   294  C  CB  . ILE A 1 43 ? 0.10038   -2.18750  -13.61448 1.000 27.54320  ? 43  ILE A CB  1 
ATOM   295  C  CG1 . ILE A 1 43 ? 0.39549   -1.56499  -12.25616 1.000 32.75786  ? 43  ILE A CG1 1 
ATOM   296  C  CG2 . ILE A 1 43 ? -0.92370  -1.35161  -14.35486 1.000 24.06350  ? 43  ILE A CG2 1 
ATOM   297  C  CD1 . ILE A 1 43 ? -0.80538  -1.40624  -11.42049 1.000 29.52104  ? 43  ILE A CD1 1 
ATOM   298  N  N   . THR A 1 44 ? -1.89406  -4.54126  -15.17129 1.000 23.31979  ? 44  THR A N   1 
ATOM   299  C  CA  . THR A 1 44 ? -2.22140  -5.20136  -16.42845 1.000 23.39895  ? 44  THR A CA  1 
ATOM   300  C  C   . THR A 1 44 ? -2.97788  -4.32121  -17.40984 1.000 36.41273  ? 44  THR A C   1 
ATOM   301  O  O   . THR A 1 44 ? -3.18680  -4.74555  -18.55491 1.000 30.63937  ? 44  THR A O   1 
ATOM   302  C  CB  . THR A 1 44 ? -3.05647  -6.46455  -16.17553 1.000 27.87183  ? 44  THR A CB  1 
ATOM   303  O  OG1 . THR A 1 44 ? -4.24993  -6.10833  -15.46707 1.000 24.50563  ? 44  THR A OG1 1 
ATOM   304  C  CG2 . THR A 1 44 ? -2.26062  -7.48645  -15.37445 1.000 30.62255  ? 44  THR A CG2 1 
ATOM   305  N  N   . GLY A 1 45 ? -3.39605  -3.12668  -17.00082 1.000 24.97790  ? 45  GLY A N   1 
ATOM   306  C  CA  . GLY A 1 45 ? -4.17572  -2.25404  -17.85802 1.000 23.65949  ? 45  GLY A CA  1 
ATOM   307  C  C   . GLY A 1 45 ? -4.33993  -0.90542  -17.19531 1.000 26.27185  ? 45  GLY A C   1 
ATOM   308  O  O   . GLY A 1 45 ? -3.85374  -0.67018  -16.08449 1.000 29.47604  ? 45  GLY A O   1 
ATOM   309  N  N   . ALA A 1 46 ? -5.05361  -0.01562  -17.89025 1.000 23.15400  ? 46  ALA A N   1 
ATOM   310  C  CA  . ALA A 1 46 ? -5.26513  1.32803   -17.35737 1.000 23.98256  ? 46  ALA A CA  1 
ATOM   311  C  C   . ALA A 1 46 ? -5.96676  1.28027   -16.00356 1.000 29.49782  ? 46  ALA A C   1 
ATOM   312  O  O   . ALA A 1 46 ? -5.67980  2.09162   -15.11344 1.000 25.98281  ? 46  ALA A O   1 
ATOM   313  C  CB  . ALA A 1 46 ? -6.07110  2.16929   -18.34628 1.000 31.10564  ? 46  ALA A CB  1 
ATOM   314  N  N   . GLN A 1 47 ? -6.88268  0.33225   -15.82658 1.000 22.16191  ? 47  GLN A N   1 
ATOM   315  C  CA  . GLN A 1 47 ? -7.64872  0.21932   -14.58879 1.000 27.63572  ? 47  GLN A CA  1 
ATOM   316  C  C   . GLN A 1 47 ? -7.75636  -1.23273  -14.14701 1.000 22.08553  ? 47  GLN A C   1 
ATOM   317  O  O   . GLN A 1 47 ? -8.80553  -1.66521  -13.65993 1.000 23.45292  ? 47  GLN A O   1 
ATOM   318  C  CB  . GLN A 1 47 ? -9.04883  0.81077   -14.74724 1.000 25.52686  ? 47  GLN A CB  1 
ATOM   319  C  CG  . GLN A 1 47 ? -9.12635  2.29551   -15.01901 1.000 28.29896  ? 47  GLN A CG  1 
ATOM   320  C  CD  . GLN A 1 47 ? -10.54738 2.72983   -15.33515 1.000 39.20916  ? 47  GLN A CD  1 
ATOM   321  O  OE1 . GLN A 1 47 ? -10.95456 2.75751   -16.49786 1.000 38.14328  ? 47  GLN A OE1 1 
ATOM   322  N  NE2 . GLN A 1 47 ? -11.32539 3.02673   -14.29486 1.000 32.44909  ? 47  GLN A NE2 1 
ATOM   323  N  N   . SER A 1 48 ? -6.68372  -2.01142  -14.30166 1.000 22.86986  ? 48  SER A N   1 
ATOM   324  C  CA  . SER A 1 48 ? -6.72008  -3.41610  -13.91314 1.000 20.63237  ? 48  SER A CA  1 
ATOM   325  C  C   . SER A 1 48 ? -5.34376  -3.88467  -13.45101 1.000 23.11464  ? 48  SER A C   1 
ATOM   326  O  O   . SER A 1 48 ? -4.31252  -3.42626  -13.95029 1.000 25.21181  ? 48  SER A O   1 
ATOM   327  C  CB  . SER A 1 48 ? -7.22437  -4.28974  -15.06728 1.000 23.78279  ? 48  SER A CB  1 
ATOM   328  O  OG  . SER A 1 48 ? -6.28902  -4.28623  -16.12656 1.000 26.53562  ? 48  SER A OG  1 
ATOM   329  N  N   . ALA A 1 49 ? -5.34188  -4.80127  -12.48061 1.000 20.98506  ? 49  ALA A N   1 
ATOM   330  C  CA  . ALA A 1 49 ? -4.10906  -5.34585  -11.92890 1.000 20.72014  ? 49  ALA A CA  1 
ATOM   331  C  C   . ALA A 1 49 ? -4.35858  -6.76629  -11.44670 1.000 22.49433  ? 49  ALA A C   1 
ATOM   332  O  O   . ALA A 1 49 ? -5.49846  -7.22213  -11.34199 1.000 16.98983  ? 49  ALA A O   1 
ATOM   333  C  CB  . ALA A 1 49 ? -3.57131  -4.48437  -10.77854 1.000 20.75743  ? 49  ALA A CB  1 
ATOM   334  N  N   . VAL A 1 50 ? -3.26569  -7.47044  -11.16472 1.000 20.77118  ? 50  VAL A N   1 
ATOM   335  C  CA  . VAL A 1 50 ? -3.28853  -8.75451  -10.47558 1.000 19.12926  ? 50  VAL A CA  1 
ATOM   336  C  C   . VAL A 1 50 ? -2.47823  -8.59661  -9.19621  1.000 22.67976  ? 50  VAL A C   1 
ATOM   337  O  O   . VAL A 1 50 ? -1.38072  -8.02901  -9.21820  1.000 20.79243  ? 50  VAL A O   1 
ATOM   338  C  CB  . VAL A 1 50 ? -2.73254  -9.89200  -11.35475 1.000 21.12788  ? 50  VAL A CB  1 
ATOM   339  C  CG1 . VAL A 1 50 ? -2.66467  -11.18944 -10.56976 1.000 20.42748  ? 50  VAL A CG1 1 
ATOM   340  C  CG2 . VAL A 1 50 ? -3.60286  -10.07561 -12.58906 1.000 22.05137  ? 50  VAL A CG2 1 
ATOM   341  N  N   . VAL A 1 51 ? -3.01928  -9.08844  -8.08541  1.000 19.32962  ? 51  VAL A N   1 
ATOM   342  C  CA  . VAL A 1 51 ? -2.46772  -8.83224  -6.76024  1.000 20.85184  ? 51  VAL A CA  1 
ATOM   343  C  C   . VAL A 1 51 ? -2.25887  -10.16024 -6.04601  1.000 20.34101  ? 51  VAL A C   1 
ATOM   344  O  O   . VAL A 1 51 ? -3.17428  -10.98634 -5.98489  1.000 20.55961  ? 51  VAL A O   1 
ATOM   345  C  CB  . VAL A 1 51 ? -3.39850  -7.91334  -5.94397  1.000 18.63094  ? 51  VAL A CB  1 
ATOM   346  C  CG1 . VAL A 1 51 ? -2.86574  -7.71554  -4.53564  1.000 19.78928  ? 51  VAL A CG1 1 
ATOM   347  C  CG2 . VAL A 1 51 ? -3.60299  -6.57801  -6.65467  1.000 24.40020  ? 51  VAL A CG2 1 
ATOM   348  N  N   . ALA A 1 52 ? -1.05986  -10.36490 -5.50473  1.000 21.31854  ? 52  ALA A N   1 
ATOM   349  C  CA  . ALA A 1 52 ? -0.74413  -11.56762 -4.74486  1.000 19.52367  ? 52  ALA A CA  1 
ATOM   350  C  C   . ALA A 1 52 ? -1.09677  -11.33823 -3.28142  1.000 20.70828  ? 52  ALA A C   1 
ATOM   351  O  O   . ALA A 1 52 ? -0.55194  -10.42924 -2.64507  1.000 21.02650  ? 52  ALA A O   1 
ATOM   352  C  CB  . ALA A 1 52 ? 0.73291   -11.92903 -4.88441  1.000 25.15794  ? 52  ALA A CB  1 
ATOM   353  N  N   . LEU A 1 53 ? -2.01733  -12.14163 -2.75757  1.000 18.48897  ? 53  LEU A N   1 
ATOM   354  C  CA  . LEU A 1 53 ? -2.34547  -12.12980 -1.34204  1.000 23.23553  ? 53  LEU A CA  1 
ATOM   355  C  C   . LEU A 1 53 ? -1.63575  -13.28696 -0.64384  1.000 23.38272  ? 53  LEU A C   1 
ATOM   356  O  O   . LEU A 1 53 ? -0.79379  -13.97639 -1.22917  1.000 22.63017  ? 53  LEU A O   1 
ATOM   357  C  CB  . LEU A 1 53 ? -3.85759  -12.18721 -1.13144  1.000 19.74431  ? 53  LEU A CB  1 
ATOM   358  C  CG  . LEU A 1 53 ? -4.67014  -11.05358 -1.76609  1.000 18.84517  ? 53  LEU A CG  1 
ATOM   359  C  CD1 . LEU A 1 53 ? -6.10629  -11.12975 -1.29824  1.000 24.61086  ? 53  LEU A CD1 1 
ATOM   360  C  CD2 . LEU A 1 53 ? -4.06682  -9.68902  -1.44705  1.000 17.24998  ? 53  LEU A CD2 1 
ATOM   361  N  N   . GLU A 1 54 ? -1.98108  -13.50532 0.62641   1.000 25.81034  ? 54  GLU A N   1 
ATOM   362  C  CA  . GLU A 1 54 ? -1.27574  -14.50325 1.42786   1.000 33.24288  ? 54  GLU A CA  1 
ATOM   363  C  C   . GLU A 1 54 ? -1.64812  -15.92347 1.01230   1.000 32.88199  ? 54  GLU A C   1 
ATOM   364  O  O   . GLU A 1 54 ? -0.77128  -16.77563 0.83131   1.000 29.90038  ? 54  GLU A O   1 
ATOM   365  C  CB  . GLU A 1 54 ? -1.56984  -14.28055 2.91020   1.000 32.32508  ? 54  GLU A CB  1 
ATOM   366  C  CG  . GLU A 1 54 ? -0.61661  -13.32247 3.60067   1.000 37.96750  ? 54  GLU A CG  1 
ATOM   367  C  CD  . GLU A 1 54 ? 0.78823   -13.88585 3.69924   1.000 46.91084  ? 54  GLU A CD  1 
ATOM   368  O  OE1 . GLU A 1 54 ? 1.66612   -13.45449 2.92187   1.000 46.41163  ? 54  GLU A OE1 1 
ATOM   369  O  OE2 . GLU A 1 54 ? 1.00882   -14.78141 4.54187   1.000 66.06599  ? 54  GLU A OE2 1 
ATOM   370  N  N   . ASN A 1 55 ? -2.93945  -16.20203 0.86458   1.000 26.54810  ? 55  ASN A N   1 
ATOM   371  C  CA  . ASN A 1 55 ? -3.39577  -17.54521 0.52338   1.000 26.13186  ? 55  ASN A CA  1 
ATOM   372  C  C   . ASN A 1 55 ? -4.79314  -17.45602 -0.07310  1.000 26.83349  ? 55  ASN A C   1 
ATOM   373  O  O   . ASN A 1 55 ? -5.36041  -16.37051 -0.21902  1.000 24.87354  ? 55  ASN A O   1 
ATOM   374  C  CB  . ASN A 1 55 ? -3.37821  -18.47107 1.74417   1.000 28.72604  ? 55  ASN A CB  1 
ATOM   375  C  CG  . ASN A 1 55 ? -4.18786  -17.92405 2.90542   1.000 31.14917  ? 55  ASN A CG  1 
ATOM   376  O  OD1 . ASN A 1 55 ? -5.33889  -17.50944 2.75114   1.000 26.24145  ? 55  ASN A OD1 1 
ATOM   377  N  ND2 . ASN A 1 55 ? -3.58515  -17.93240 4.09175   1.000 32.00518  ? 55  ASN A ND2 1 
ATOM   378  N  N   . LYS A 1 56 ? -5.35975  -18.62834 -0.38220  1.000 28.98950  ? 56  LYS A N   1 
ATOM   379  C  CA  . LYS A 1 56 ? -6.65263  -18.68251 -1.05648  1.000 25.55478  ? 56  LYS A CA  1 
ATOM   380  C  C   . LYS A 1 56 ? -7.79711  -18.24646 -0.14814  1.000 24.56824  ? 56  LYS A C   1 
ATOM   381  O  O   . LYS A 1 56 ? -8.84481  -17.82270 -0.64585  1.000 22.33021  ? 56  LYS A O   1 
ATOM   382  C  CB  . LYS A 1 56 ? -6.91389  -20.09187 -1.58068  1.000 27.48349  ? 56  LYS A CB  1 
ATOM   383  C  CG  . LYS A 1 56 ? -6.97702  -21.14360 -0.48502  1.000 32.26209  ? 56  LYS A CG  1 
ATOM   384  C  CD  . LYS A 1 56 ? -7.18223  -22.53761 -1.06081  1.000 32.44091  ? 56  LYS A CD  1 
ATOM   385  C  CE  . LYS A 1 56 ? -7.06732  -23.60863 0.01972   1.000 40.41188  ? 56  LYS A CE  1 
ATOM   386  N  NZ  . LYS A 1 56 ? -5.65125  -23.89484 0.41233   1.000 42.77406  ? 56  LYS A NZ  1 
ATOM   387  N  N   . PHE A 1 57 ? -7.64019  -18.36134 1.17495   1.000 23.89632  ? 57  PHE A N   1 
ATOM   388  C  CA  . PHE A 1 57 ? -8.69232  -17.87599 2.06414   1.000 21.31000  ? 57  PHE A CA  1 
ATOM   389  C  C   . PHE A 1 57 ? -8.76524  -16.35624 2.05505   1.000 17.21051  ? 57  PHE A C   1 
ATOM   390  O  O   . PHE A 1 57 ? -9.85720  -15.78563 2.15836   1.000 18.66249  ? 57  PHE A O   1 
ATOM   391  C  CB  . PHE A 1 57 ? -8.47712  -18.36659 3.49401   1.000 25.55488  ? 57  PHE A CB  1 
ATOM   392  C  CG  . PHE A 1 57 ? -8.57854  -19.84806 3.65503   1.000 30.57871  ? 57  PHE A CG  1 
ATOM   393  C  CD1 . PHE A 1 57 ? -9.80803  -20.47352 3.62480   1.000 36.73628  ? 57  PHE A CD1 1 
ATOM   394  C  CD2 . PHE A 1 57 ? -7.44955  -20.61342 3.87328   1.000 30.00683  ? 57  PHE A CD2 1 
ATOM   395  C  CE1 . PHE A 1 57 ? -9.90161  -21.83897 3.78296   1.000 32.27253  ? 57  PHE A CE1 1 
ATOM   396  C  CE2 . PHE A 1 57 ? -7.54438  -21.97540 4.03691   1.000 29.39641  ? 57  PHE A CE2 1 
ATOM   397  C  CZ  . PHE A 1 57 ? -8.76965  -22.58584 3.98998   1.000 29.48455  ? 57  PHE A CZ  1 
ATOM   398  N  N   . GLN A 1 58 ? -7.60666  -15.68810 1.98847   1.000 19.91690  ? 58  GLN A N   1 
ATOM   399  C  CA  . GLN A 1 58 ? -7.58693  -14.23532 1.87176   1.000 22.22544  ? 58  GLN A CA  1 
ATOM   400  C  C   . GLN A 1 58 ? -8.20463  -13.79782 0.55346   1.000 23.68171  ? 58  GLN A C   1 
ATOM   401  O  O   . GLN A 1 58 ? -8.97361  -12.82822 0.50356   1.000 21.03694  ? 58  GLN A O   1 
ATOM   402  C  CB  . GLN A 1 58 ? -6.15216  -13.72167 1.96637   1.000 23.52754  ? 58  GLN A CB  1 
ATOM   403  C  CG  . GLN A 1 58 ? -5.40802  -14.15715 3.20608   1.000 27.46026  ? 58  GLN A CG  1 
ATOM   404  C  CD  . GLN A 1 58 ? -6.10604  -13.72498 4.46709   1.000 37.03706  ? 58  GLN A CD  1 
ATOM   405  O  OE1 . GLN A 1 58 ? -6.50314  -12.56360 4.60690   1.000 30.33528  ? 58  GLN A OE1 1 
ATOM   406  N  NE2 . GLN A 1 58 ? -6.25908  -14.65625 5.40249   1.000 32.02163  ? 58  GLN A NE2 1 
ATOM   407  N  N   . VAL A 1 59 ? -7.87467  -14.50785 -0.52555  1.000 21.28413  ? 59  VAL A N   1 
ATOM   408  C  CA  . VAL A 1 59 ? -8.43281  -14.18604 -1.83600  1.000 19.83308  ? 59  VAL A CA  1 
ATOM   409  C  C   . VAL A 1 59 ? -9.95236  -14.23764 -1.79416  1.000 22.62281  ? 59  VAL A C   1 
ATOM   410  O  O   . VAL A 1 59 ? -10.63722 -13.31110 -2.24701  1.000 20.74092  ? 59  VAL A O   1 
ATOM   411  C  CB  . VAL A 1 59 ? -7.86784  -15.13668 -2.90381  1.000 21.35062  ? 59  VAL A CB  1 
ATOM   412  C  CG1 . VAL A 1 59 ? -8.61321  -14.95218 -4.21948  1.000 25.72900  ? 59  VAL A CG1 1 
ATOM   413  C  CG2 . VAL A 1 59 ? -6.38471  -14.88465 -3.09623  1.000 23.29544  ? 59  VAL A CG2 1 
ATOM   414  N  N   . TYR A 1 60 ? -10.50455 -15.31737 -1.23998  1.000 23.37976  ? 60  TYR A N   1 
ATOM   415  C  CA  . TYR A 1 60 ? -11.95631 -15.45624 -1.21650  1.000 17.09992  ? 60  TYR A CA  1 
ATOM   416  C  C   . TYR A 1 60 ? -12.60364 -14.36241 -0.37835  1.000 21.71695  ? 60  TYR A C   1 
ATOM   417  O  O   . TYR A 1 60 ? -13.65150 -13.82096 -0.74936  1.000 19.81239  ? 60  TYR A O   1 
ATOM   418  C  CB  . TYR A 1 60 ? -12.34580 -16.84684 -0.70322  1.000 30.88618  ? 60  TYR A CB  1 
ATOM   419  C  CG  . TYR A 1 60 ? -13.83997 -17.03989 -0.54065  1.000 32.15780  ? 60  TYR A CG  1 
ATOM   420  C  CD1 . TYR A 1 60 ? -14.58163 -17.72881 -1.49425  1.000 37.29368  ? 60  TYR A CD1 1 
ATOM   421  C  CD2 . TYR A 1 60 ? -14.50528 -16.57549 0.59573   1.000 42.66353  ? 60  TYR A CD2 1 
ATOM   422  C  CE1 . TYR A 1 60 ? -15.95096 -17.90511 -1.34382  1.000 33.14997  ? 60  TYR A CE1 1 
ATOM   423  C  CE2 . TYR A 1 60 ? -15.86845 -16.75081 0.75247   1.000 35.43681  ? 60  TYR A CE2 1 
ATOM   424  C  CZ  . TYR A 1 60 ? -16.58280 -17.41610 -0.21714  1.000 31.29977  ? 60  TYR A CZ  1 
ATOM   425  O  OH  . TYR A 1 60 ? -17.93819 -17.58757 -0.04936  1.000 51.16670  ? 60  TYR A OH  1 
ATOM   426  N  N   . GLN A 1 61 ? -12.00898 -14.03011 0.76551   1.000 24.50928  ? 61  GLN A N   1 
ATOM   427  C  CA  . GLN A 1 61 ? -12.60385 -12.98767 1.59358   1.000 22.14707  ? 61  GLN A CA  1 
ATOM   428  C  C   . GLN A 1 61 ? -12.44834 -11.61431 0.95187   1.000 23.71430  ? 61  GLN A C   1 
ATOM   429  O  O   . GLN A 1 61 ? -13.35027 -10.77376 1.04564   1.000 24.12493  ? 61  GLN A O   1 
ATOM   430  C  CB  . GLN A 1 61 ? -11.98918 -13.00451 2.99177   1.000 23.63598  ? 61  GLN A CB  1 
ATOM   431  C  CG  . GLN A 1 61 ? -12.84167 -12.25221 3.98991   1.000 29.06214  ? 61  GLN A CG  1 
ATOM   432  C  CD  . GLN A 1 61 ? -14.23377 -12.84411 4.07656   1.000 39.14345  ? 61  GLN A CD  1 
ATOM   433  O  OE1 . GLN A 1 61 ? -14.39023 -14.05561 4.21463   1.000 33.65683  ? 61  GLN A OE1 1 
ATOM   434  N  NE2 . GLN A 1 61 ? -15.25428 -11.99470 3.96379   1.000 31.23332  ? 61  GLN A NE2 1 
ATOM   435  N  N   . ALA A 1 62 ? -11.31073 -11.36640 0.30152   1.000 20.89449  ? 62  ALA A N   1 
ATOM   436  C  CA  . ALA A 1 62 ? -11.13224 -10.10544 -0.40858  1.000 20.87590  ? 62  ALA A CA  1 
ATOM   437  C  C   . ALA A 1 62 ? -12.16888 -9.93810  -1.51644  1.000 18.85096  ? 62  ALA A C   1 
ATOM   438  O  O   . ALA A 1 62 ? -12.68529 -8.83409  -1.72936  1.000 20.01015  ? 62  ALA A O   1 
ATOM   439  C  CB  . ALA A 1 62 ? -9.71568  -10.02849 -0.97500  1.000 23.53471  ? 62  ALA A CB  1 
ATOM   440  N  N   . VAL A 1 63 ? -12.49346 -11.02101 -2.23091  1.000 17.66731  ? 63  VAL A N   1 
ATOM   441  C  CA  . VAL A 1 63 ? -13.53341 -10.94809 -3.25926  1.000 16.40412  ? 63  VAL A CA  1 
ATOM   442  C  C   . VAL A 1 63 ? -14.86499 -10.51629 -2.64917  1.000 22.65101  ? 63  VAL A C   1 
ATOM   443  O  O   . VAL A 1 63 ? -15.54126 -9.61048  -3.15570  1.000 21.44185  ? 63  VAL A O   1 
ATOM   444  C  CB  . VAL A 1 63 ? -13.65990 -12.29477 -3.99392  1.000 21.48563  ? 63  VAL A CB  1 
ATOM   445  C  CG1 . VAL A 1 63 ? -14.90243 -12.31268 -4.87082  1.000 24.79908  ? 63  VAL A CG1 1 
ATOM   446  C  CG2 . VAL A 1 63 ? -12.42604 -12.54837 -4.83967  1.000 21.12268  ? 63  VAL A CG2 1 
ATOM   447  N  N   . GLN A 1 64 ? -15.27125 -11.17247 -1.56039  1.000 23.45258  ? 64  GLN A N   1 
ATOM   448  C  CA  . GLN A 1 64 ? -16.51793 -10.80261 -0.89545  1.000 19.14295  ? 64  GLN A CA  1 
ATOM   449  C  C   . GLN A 1 64 ? -16.51387 -9.34308  -0.46957  1.000 22.46705  ? 64  GLN A C   1 
ATOM   450  O  O   . GLN A 1 64 ? -17.51684 -8.63973  -0.63288  1.000 24.46589  ? 64  GLN A O   1 
ATOM   451  C  CB  . GLN A 1 64 ? -16.74780 -11.70211 0.31914   1.000 24.96178  ? 64  GLN A CB  1 
ATOM   452  C  CG  . GLN A 1 64 ? -16.72872 -13.18917 0.02374   1.000 30.98404  ? 64  GLN A CG  1 
ATOM   453  C  CD  . GLN A 1 64 ? -17.46610 -13.54454 -1.25592  1.000 39.03307  ? 64  GLN A CD  1 
ATOM   454  O  OE1 . GLN A 1 64 ? -18.63424 -13.19269 -1.42776  1.000 41.92783  ? 64  GLN A OE1 1 
ATOM   455  N  NE2 . GLN A 1 64 ? -16.78232 -14.24186 -2.16595  1.000 39.95409  ? 64  GLN A NE2 1 
ATOM   456  N  N   . ASP A 1 65 ? -15.38557 -8.86737  0.06842   1.000 22.23810  ? 65  ASP A N   1 
ATOM   457  C  CA  . ASP A 1 65 ? -15.33364 -7.53770  0.67446   1.000 23.33743  ? 65  ASP A CA  1 
ATOM   458  C  C   . ASP A 1 65 ? -15.37132 -6.41888  -0.36626  1.000 27.67442  ? 65  ASP A C   1 
ATOM   459  O  O   . ASP A 1 65 ? -15.91859 -5.34215  -0.09536  1.000 26.91395  ? 65  ASP A O   1 
ATOM   460  C  CB  . ASP A 1 65 ? -14.06548 -7.41075  1.52660   1.000 23.57754  ? 65  ASP A CB  1 
ATOM   461  C  CG  . ASP A 1 65 ? -14.10336 -8.26976  2.78979   1.000 46.76079  ? 65  ASP A CG  1 
ATOM   462  O  OD1 . ASP A 1 65 ? -13.07413 -8.31409  3.50437   1.000 41.24711  ? 65  ASP A OD1 1 
ATOM   463  O  OD2 . ASP A 1 65 ? -15.14898 -8.90264  3.06803   1.000 39.41789  ? 65  ASP A OD2 1 
ATOM   464  N  N   . PHE A 1 66 ? -14.80382 -6.64327  -1.55755  1.000 18.07356  ? 66  PHE A N   1 
ATOM   465  C  CA  . PHE A 1 66 ? -14.56871 -5.56652  -2.50755  1.000 20.48622  ? 66  PHE A CA  1 
ATOM   466  C  C   . PHE A 1 66 ? -15.31085 -5.70033  -3.83135  1.000 18.03808  ? 66  PHE A C   1 
ATOM   467  O  O   . PHE A 1 66 ? -15.48533 -4.68604  -4.51400  1.000 23.16780  ? 66  PHE A O   1 
ATOM   468  C  CB  . PHE A 1 66 ? -13.06374 -5.44672  -2.80568  1.000 21.69061  ? 66  PHE A CB  1 
ATOM   469  C  CG  . PHE A 1 66 ? -12.24467 -4.97666  -1.63260  1.000 22.29691  ? 66  PHE A CG  1 
ATOM   470  C  CD1 . PHE A 1 66 ? -12.29940 -3.65839  -1.20991  1.000 34.47383  ? 66  PHE A CD1 1 
ATOM   471  C  CD2 . PHE A 1 66 ? -11.45114 -5.86259  -0.93562  1.000 23.73165  ? 66  PHE A CD2 1 
ATOM   472  C  CE1 . PHE A 1 66 ? -11.54253 -3.22960  -0.12137  1.000 27.23298  ? 66  PHE A CE1 1 
ATOM   473  C  CE2 . PHE A 1 66 ? -10.70035 -5.44901  0.15710   1.000 25.93118  ? 66  PHE A CE2 1 
ATOM   474  C  CZ  . PHE A 1 66 ? -10.75129 -4.12861  0.56189   1.000 29.75055  ? 66  PHE A CZ  1 
ATOM   475  N  N   . ASN A 1 67 ? -15.73037 -6.90169  -4.23034  1.000 21.20096  ? 67  ASN A N   1 
ATOM   476  C  CA  . ASN A 1 67 ? -16.37499 -7.05730  -5.53171  1.000 20.19611  ? 67  ASN A CA  1 
ATOM   477  C  C   . ASN A 1 67 ? -17.69012 -6.28014  -5.58075  1.000 26.88899  ? 67  ASN A C   1 
ATOM   478  O  O   . ASN A 1 67 ? -18.52690 -6.39786  -4.67971  1.000 29.13236  ? 67  ASN A O   1 
ATOM   479  C  CB  . ASN A 1 67 ? -16.61989 -8.53768  -5.82787  1.000 21.96004  ? 67  ASN A CB  1 
ATOM   480  C  CG  . ASN A 1 67 ? -17.10619 -8.76678  -7.23747  1.000 26.03691  ? 67  ASN A CG  1 
ATOM   481  O  OD1 . ASN A 1 67 ? -16.67573 -8.08420  -8.16563  1.000 23.96769  ? 67  ASN A OD1 1 
ATOM   482  N  ND2 . ASN A 1 67 ? -18.01517 -9.72085  -7.40846  1.000 28.66369  ? 67  ASN A ND2 1 
ATOM   483  N  N   . GLY A 1 68 ? -17.86641 -5.47929  -6.63800  1.000 18.76290  ? 68  GLY A N   1 
ATOM   484  C  CA  . GLY A 1 68 ? -19.05342 -4.66551  -6.82020  1.000 17.06843  ? 68  GLY A CA  1 
ATOM   485  C  C   . GLY A 1 68 ? -19.09351 -3.39471  -6.00680  1.000 25.91612  ? 68  GLY A C   1 
ATOM   486  O  O   . GLY A 1 68 ? -20.08119 -2.65055  -6.09783  1.000 28.05780  ? 68  GLY A O   1 
ATOM   487  N  N   . LYS A 1 69 ? -18.05490 -3.11594  -5.22566  1.000 23.76551  ? 69  LYS A N   1 
ATOM   488  C  CA  . LYS A 1 69 ? -18.02980 -1.93187  -4.37816  1.000 29.55533  ? 69  LYS A CA  1 
ATOM   489  C  C   . LYS A 1 69 ? -17.98848 -0.66445  -5.22279  1.000 36.63737  ? 69  LYS A C   1 
ATOM   490  O  O   . LYS A 1 69 ? -17.14886 -0.52865  -6.12180  1.000 27.70031  ? 69  LYS A O   1 
ATOM   491  C  CB  . LYS A 1 69 ? -16.81830 -1.98595  -3.44994  1.000 27.12741  ? 69  LYS A CB  1 
ATOM   492  C  CG  . LYS A 1 69 ? -16.69719 -0.82062  -2.48676  1.000 46.35569  ? 69  LYS A CG  1 
ATOM   493  C  CD  . LYS A 1 69 ? -15.90548 -1.22189  -1.24879  1.000 47.07460  ? 69  LYS A CD  1 
ATOM   494  C  CE  . LYS A 1 69 ? -16.68886 -0.93299  0.01919   1.000 69.96493  ? 69  LYS A CE  1 
ATOM   495  N  NZ  . LYS A 1 69 ? -17.78325 -1.93108  0.21902   1.000 61.60521  ? 69  LYS A NZ  1 
ATOM   496  N  N   . LYS A 1 70 ? -18.89755 0.26480   -4.92525  1.000 29.35593  ? 70  LYS A N   1 
ATOM   497  C  CA  . LYS A 1 70 ? -18.93859 1.56066   -5.59048  1.000 33.65594  ? 70  LYS A CA  1 
ATOM   498  C  C   . LYS A 1 70 ? -17.91940 2.49452   -4.94911  1.000 39.73067  ? 70  LYS A C   1 
ATOM   499  O  O   . LYS A 1 70 ? -17.97184 2.74093   -3.73916  1.000 34.91426  ? 70  LYS A O   1 
ATOM   500  C  CB  . LYS A 1 70 ? -20.34315 2.15345   -5.49852  1.000 50.23242  ? 70  LYS A CB  1 
ATOM   501  C  CG  . LYS A 1 70 ? -20.62224 3.30459   -6.45560  1.000 51.80907  ? 70  LYS A CG  1 
ATOM   502  C  CD  . LYS A 1 70 ? -21.97408 3.93841   -6.14502  1.000 56.33969  ? 70  LYS A CD  1 
ATOM   503  C  CE  . LYS A 1 70 ? -22.01967 5.40038   -6.55951  1.000 57.71745  ? 70  LYS A CE  1 
ATOM   504  N  NZ  . LYS A 1 70 ? -23.20345 6.09855   -5.98376  1.000 59.10000  ? 70  LYS A NZ  1 
ATOM   505  N  N   . LEU A 1 71 ? -16.98503 3.00348   -5.75257  1.000 29.11136  ? 71  LEU A N   1 
ATOM   506  C  CA  . LEU A 1 71 ? -15.98490 3.93703   -5.24914  1.000 35.63291  ? 71  LEU A CA  1 
ATOM   507  C  C   . LEU A 1 71 ? -16.43582 5.38413   -5.40460  1.000 38.73585  ? 71  LEU A C   1 
ATOM   508  O  O   . LEU A 1 71 ? -16.17451 6.21360   -4.52747  1.000 45.01295  ? 71  LEU A O   1 
ATOM   509  C  CB  . LEU A 1 71 ? -14.65045 3.71425   -5.96651  1.000 43.30737  ? 71  LEU A CB  1 
ATOM   510  C  CG  . LEU A 1 71 ? -13.97998 2.36851   -5.67558  1.000 34.32440  ? 71  LEU A CG  1 
ATOM   511  C  CD1 . LEU A 1 71 ? -12.59229 2.31012   -6.27915  1.000 33.93339  ? 71  LEU A CD1 1 
ATOM   512  C  CD2 . LEU A 1 71 ? -13.92331 2.10378   -4.18634  1.000 40.68051  ? 71  LEU A CD2 1 
ATOM   513  N  N   . ASP A 1 72 ? -17.10426 5.69775   -6.50817  1.000 39.11155  ? 72  ASP A N   1 
ATOM   514  C  CA  . ASP A 1 72 ? -17.77461 6.97632   -6.69047  1.000 40.00014  ? 72  ASP A CA  1 
ATOM   515  C  C   . ASP A 1 72 ? -18.85634 6.77862   -7.74878  1.000 50.23829  ? 72  ASP A C   1 
ATOM   516  O  O   . ASP A 1 72 ? -19.24217 5.64196   -8.04572  1.000 53.60415  ? 72  ASP A O   1 
ATOM   517  C  CB  . ASP A 1 72 ? -16.75994 8.08020   -7.04066  1.000 47.98547  ? 72  ASP A CB  1 
ATOM   518  C  CG  . ASP A 1 72 ? -16.05251 7.84783   -8.37188  1.000 49.69587  ? 72  ASP A CG  1 
ATOM   519  O  OD1 . ASP A 1 72 ? -16.58902 7.14609   -9.25352  1.000 50.92923  ? 72  ASP A OD1 1 
ATOM   520  O  OD2 . ASP A 1 72 ? -14.93449 8.37927   -8.53665  1.000 66.51731  ? 72  ASP A OD2 1 
ATOM   521  N  N   . ARG A 1 73 ? -19.32759 7.87779   -8.33808  1.000 49.96115  ? 73  ARG A N   1 
ATOM   522  C  CA  . ARG A 1 73 ? -20.35457 7.76897   -9.36539  1.000 57.10366  ? 73  ARG A CA  1 
ATOM   523  C  C   . ARG A 1 73 ? -19.83229 7.11765   -10.63925 1.000 57.89232  ? 73  ARG A C   1 
ATOM   524  O  O   . ARG A 1 73 ? -20.62801 6.56128   -11.40400 1.000 61.28905  ? 73  ARG A O   1 
ATOM   525  C  CB  . ARG A 1 73 ? -20.93170 9.15068   -9.68667  1.000 70.58464  ? 73  ARG A CB  1 
ATOM   526  C  CG  . ARG A 1 73 ? -21.73972 9.77555   -8.55445  1.000 75.26397  ? 73  ARG A CG  1 
ATOM   527  C  CD  . ARG A 1 73 ? -22.28814 11.15405  -8.91887  1.000 69.54631  ? 73  ARG A CD  1 
ATOM   528  N  NE  . ARG A 1 73 ? -23.28118 11.11011  -9.98727  1.000 78.76002  ? 73  ARG A NE  1 
ATOM   529  C  CZ  . ARG A 1 73 ? -23.01588 11.27884  -11.27651 1.000 87.52338  ? 73  ARG A CZ  1 
ATOM   530  N  NH1 . ARG A 1 73 ? -21.78344 11.49761  -11.70741 1.000 88.40316  ? 73  ARG A NH1 1 
ATOM   531  N  NH2 . ARG A 1 73 ? -24.01368 11.23139  -12.15580 1.000 77.59065  ? 73  ARG A NH2 1 
ATOM   532  N  N   . ASN A 1 74 ? -18.52000 7.15681   -10.87648 1.000 49.92574  ? 74  ASN A N   1 
ATOM   533  C  CA  . ASN A 1 74 ? -17.94213 6.70263   -12.13553 1.000 56.65888  ? 74  ASN A CA  1 
ATOM   534  C  C   . ASN A 1 74 ? -17.03575 5.48534   -11.99212 1.000 48.67872  ? 74  ASN A C   1 
ATOM   535  O  O   . ASN A 1 74 ? -16.43556 5.06118   -12.98705 1.000 43.17148  ? 74  ASN A O   1 
ATOM   536  C  CB  . ASN A 1 74 ? -17.15599 7.84445   -12.79839 1.000 58.80961  ? 74  ASN A CB  1 
ATOM   537  C  CG  . ASN A 1 74 ? -17.97192 9.12022   -12.92982 1.000 67.00527  ? 74  ASN A CG  1 
ATOM   538  O  OD1 . ASN A 1 74 ? -19.16595 9.08155   -13.22722 1.000 68.44540  ? 74  ASN A OD1 1 
ATOM   539  N  ND2 . ASN A 1 74 ? -17.32409 10.26001  -12.71805 1.000 61.70640  ? 74  ASN A ND2 1 
ATOM   540  N  N   . HIS A 1 75 ? -16.91964 4.90557   -10.79801 1.000 45.08705  ? 75  HIS A N   1 
ATOM   541  C  CA  . HIS A 1 75 ? -16.01879 3.77909   -10.58433 1.000 38.33965  ? 75  HIS A CA  1 
ATOM   542  C  C   . HIS A 1 75 ? -16.68074 2.73286   -9.70291  1.000 33.96691  ? 75  HIS A C   1 
ATOM   543  O  O   . HIS A 1 75 ? -17.19739 3.05389   -8.62850  1.000 40.55367  ? 75  HIS A O   1 
ATOM   544  C  CB  . HIS A 1 75 ? -14.69963 4.23323   -9.95025  1.000 37.11273  ? 75  HIS A CB  1 
ATOM   545  C  CG  . HIS A 1 75 ? -13.89068 5.14361   -10.82048 1.000 32.81005  ? 75  HIS A CG  1 
ATOM   546  N  ND1 . HIS A 1 75 ? -14.02101 6.51481   -10.78826 1.000 40.78106  ? 75  HIS A ND1 1 
ATOM   547  C  CD2 . HIS A 1 75 ? -12.92848 4.87806   -11.73403 1.000 33.92580  ? 75  HIS A CD2 1 
ATOM   548  C  CE1 . HIS A 1 75 ? -13.17919 7.05420   -11.65183 1.000 39.99427  ? 75  HIS A CE1 1 
ATOM   549  N  NE2 . HIS A 1 75 ? -12.50434 6.08202   -12.23896 1.000 36.30701  ? 75  HIS A NE2 1 
ATOM   550  N  N   . LYS A 1 76 ? -16.64405 1.48398   -10.15860 1.000 30.73922  ? 76  LYS A N   1 
ATOM   551  C  CA  . LYS A 1 76 ? -17.19807 0.34781   -9.43491  1.000 26.72747  ? 76  LYS A CA  1 
ATOM   552  C  C   . LYS A 1 76 ? -16.22532 -0.81549  -9.57333  1.000 30.77530  ? 76  LYS A C   1 
ATOM   553  O  O   . LYS A 1 76 ? -15.80677 -1.14016  -10.68858 1.000 25.43108  ? 76  LYS A O   1 
ATOM   554  C  CB  . LYS A 1 76 ? -18.58060 -0.01410  -9.98566  1.000 28.39557  ? 76  LYS A CB  1 
ATOM   555  C  CG  . LYS A 1 76 ? -19.03512 -1.42703  -9.73434  1.000 28.48846  ? 76  LYS A CG  1 
ATOM   556  C  CD  . LYS A 1 76 ? -20.46040 -1.60813  -10.22698 1.000 37.46412  ? 76  LYS A CD  1 
ATOM   557  C  CE  . LYS A 1 76 ? -20.82298 -3.07190  -10.36838 1.000 45.74940  ? 76  LYS A CE  1 
ATOM   558  N  NZ  . LYS A 1 76 ? -22.22282 -3.24190  -10.85200 1.000 53.65287  ? 76  LYS A NZ  1 
ATOM   559  N  N   . LEU A 1 77 ? -15.85669 -1.43282  -8.45321  1.000 23.33494  ? 77  LEU A N   1 
ATOM   560  C  CA  . LEU A 1 77 ? -14.81543 -2.45573  -8.47109  1.000 21.55888  ? 77  LEU A CA  1 
ATOM   561  C  C   . LEU A 1 77 ? -15.33590 -3.79552  -8.98135  1.000 24.47672  ? 77  LEU A C   1 
ATOM   562  O  O   . LEU A 1 77 ? -16.41419 -4.25990  -8.59777  1.000 23.37977  ? 77  LEU A O   1 
ATOM   563  C  CB  . LEU A 1 77 ? -14.21309 -2.65470  -7.07800  1.000 21.95240  ? 77  LEU A CB  1 
ATOM   564  C  CG  . LEU A 1 77 ? -13.32009 -1.57260  -6.47697  1.000 26.50627  ? 77  LEU A CG  1 
ATOM   565  C  CD1 . LEU A 1 77 ? -12.83350 -2.00964  -5.10475  1.000 23.02637  ? 77  LEU A CD1 1 
ATOM   566  C  CD2 . LEU A 1 77 ? -12.13593 -1.29199  -7.39282  1.000 25.23547  ? 77  LEU A CD2 1 
ATOM   567  N  N   . GLN A 1 78 ? -14.54487 -4.42592  -9.83951  1.000 21.38984  ? 78  GLN A N   1 
ATOM   568  C  CA  . GLN A 1 78 ? -14.72287 -5.82219  -10.21489 1.000 23.67281  ? 78  GLN A CA  1 
ATOM   569  C  C   . GLN A 1 78 ? -13.53836 -6.58758  -9.64238  1.000 24.38894  ? 78  GLN A C   1 
ATOM   570  O  O   . GLN A 1 78 ? -12.38535 -6.25715  -9.94261  1.000 20.07340  ? 78  GLN A O   1 
ATOM   571  C  CB  . GLN A 1 78 ? -14.79365 -5.98211  -11.73244 1.000 29.00766  ? 78  GLN A CB  1 
ATOM   572  C  CG  . GLN A 1 78 ? -14.68132 -7.41964  -12.22988 1.000 32.93083  ? 78  GLN A CG  1 
ATOM   573  C  CD  . GLN A 1 78 ? -15.85556 -8.30150  -11.82362 1.000 54.09434  ? 78  GLN A CD  1 
ATOM   574  O  OE1 . GLN A 1 78 ? -16.90728 -7.81144  -11.40042 1.000 51.68848  ? 78  GLN A OE1 1 
ATOM   575  N  NE2 . GLN A 1 78 ? -15.67262 -9.61728  -11.94091 1.000 50.33423  ? 78  GLN A NE2 1 
ATOM   576  N  N   . VAL A 1 79 ? -13.81745 -7.57764  -8.79387  1.000 22.15923  ? 79  VAL A N   1 
ATOM   577  C  CA  . VAL A 1 79 ? -12.78736 -8.32002  -8.07375  1.000 20.56790  ? 79  VAL A CA  1 
ATOM   578  C  C   . VAL A 1 79 ? -13.11112 -9.80446  -8.17903  1.000 25.16746  ? 79  VAL A C   1 
ATOM   579  O  O   . VAL A 1 79 ? -14.25946 -10.20656 -7.96658  1.000 20.06931  ? 79  VAL A O   1 
ATOM   580  C  CB  . VAL A 1 79 ? -12.70529 -7.87861  -6.59832  1.000 19.69403  ? 79  VAL A CB  1 
ATOM   581  C  CG1 . VAL A 1 79 ? -11.57243 -8.58266  -5.88645  1.000 17.58962  ? 79  VAL A CG1 1 
ATOM   582  C  CG2 . VAL A 1 79 ? -12.53712 -6.35182  -6.49940  1.000 19.54491  ? 79  VAL A CG2 1 
ATOM   583  N  N   . SER A 1 80 ? -12.10666 -10.61607 -8.50762  1.000 20.42967  ? 80  SER A N   1 
ATOM   584  C  CA  . SER A 1 80 ? -12.32116 -12.04971 -8.65662  1.000 22.62634  ? 80  SER A CA  1 
ATOM   585  C  C   . SER A 1 80 ? -11.02878 -12.79370 -8.35999  1.000 18.20256  ? 80  SER A C   1 
ATOM   586  O  O   . SER A 1 80 ? -9.93161  -12.23969 -8.46603  1.000 19.21117  ? 80  SER A O   1 
ATOM   587  C  CB  . SER A 1 80 ? -12.82165 -12.40070 -10.06406 1.000 25.38466  ? 80  SER A CB  1 
ATOM   588  O  OG  . SER A 1 80 ? -11.86039 -12.04778 -11.04800 1.000 26.38568  ? 80  SER A OG  1 
ATOM   589  N  N   . SER A 1 81 ? -11.17593 -14.06674 -7.98812  1.000 16.48081  ? 81  SER A N   1 
ATOM   590  C  CA  . SER A 1 81 ? -10.03157 -14.95473 -7.83549  1.000 16.65998  ? 81  SER A CA  1 
ATOM   591  C  C   . SER A 1 81 ? -9.42384  -15.26472 -9.19752  1.000 23.69959  ? 81  SER A C   1 
ATOM   592  O  O   . SER A 1 81 ? -10.14076 -15.54542 -10.16222 1.000 23.75935  ? 81  SER A O   1 
ATOM   593  C  CB  . SER A 1 81 ? -10.46036 -16.25114 -7.14715  1.000 23.00853  ? 81  SER A CB  1 
ATOM   594  O  OG  . SER A 1 81 ? -9.39533  -17.18933 -7.10144  1.000 32.32445  ? 81  SER A OG  1 
ATOM   595  N  N   . LEU A 1 82 ? -8.09252  -15.20141 -9.28311  1.000 21.50261  ? 82  LEU A N   1 
ATOM   596  C  CA  . LEU A 1 82 ? -7.43595  -15.49776 -10.55298 1.000 20.96724  ? 82  LEU A CA  1 
ATOM   597  C  C   . LEU A 1 82 ? -7.67954  -16.94353 -10.95354 1.000 30.48284  ? 82  LEU A C   1 
ATOM   598  O  O   . LEU A 1 82 ? -8.01824  -17.23539 -12.10720 1.000 25.13491  ? 82  LEU A O   1 
ATOM   599  C  CB  . LEU A 1 82 ? -5.93576  -15.21903 -10.46240 1.000 23.04398  ? 82  LEU A CB  1 
ATOM   600  C  CG  . LEU A 1 82 ? -5.16071  -15.56649 -11.73637 1.000 22.33246  ? 82  LEU A CG  1 
ATOM   601  C  CD1 . LEU A 1 82 ? -5.62568  -14.70969 -12.89544 1.000 26.93126  ? 82  LEU A CD1 1 
ATOM   602  C  CD2 . LEU A 1 82 ? -3.66631  -15.40536 -11.51489 1.000 22.32677  ? 82  LEU A CD2 1 
ATOM   603  N  N   . VAL A 1 83 ? -7.52705  -17.86024 -10.00445 1.000 23.87466  ? 83  VAL A N   1 
ATOM   604  C  CA  . VAL A 1 83 ? -7.77235  -19.27626 -10.25595 1.000 27.35803  ? 83  VAL A CA  1 
ATOM   605  C  C   . VAL A 1 83 ? -9.26011  -19.54548 -10.10282 1.000 38.83489  ? 83  VAL A C   1 
ATOM   606  O  O   . VAL A 1 83 ? -9.82883  -19.34553 -9.02488  1.000 29.69302  ? 83  VAL A O   1 
ATOM   607  C  CB  . VAL A 1 83 ? -6.95333  -20.15901 -9.30945  1.000 26.11778  ? 83  VAL A CB  1 
ATOM   608  C  CG1 . VAL A 1 83 ? -7.45438  -21.59370 -9.37200  1.000 32.89514  ? 83  VAL A CG1 1 
ATOM   609  C  CG2 . VAL A 1 83 ? -5.48567  -20.09520 -9.68107  1.000 27.08691  ? 83  VAL A CG2 1 
ATOM   610  N  N   . VAL A 1 84 ? -9.88886  -20.00617 -11.17795 1.000 38.10827  ? 84  VAL A N   1 
ATOM   611  C  CA  . VAL A 1 84 ? -11.32515 -20.24111 -11.18115 1.000 46.03052  ? 84  VAL A CA  1 
ATOM   612  C  C   . VAL A 1 84 ? -11.64843 -21.44304 -12.06547 1.000 52.67321  ? 84  VAL A C   1 
ATOM   613  O  O   . VAL A 1 84 ? -10.98766 -21.67451 -13.08019 1.000 37.72607  ? 84  VAL A O   1 
ATOM   614  C  CB  . VAL A 1 84 ? -12.08628 -18.98593 -11.64539 1.000 41.29582  ? 84  VAL A CB  1 
ATOM   615  C  CG1 . VAL A 1 84 ? -11.57104 -18.52034 -13.00224 1.000 44.73189  ? 84  VAL A CG1 1 
ATOM   616  C  CG2 . VAL A 1 84 ? -13.58487 -19.24830 -11.68465 1.000 54.51984  ? 84  VAL A CG2 1 
ATOM   617  O  OXT . VAL A 1 84 ? -12.56707 -22.21941 -11.78748 1.000 60.57147  ? 84  VAL A OXT 1 
ATOM   618  N  N   . SER B 1 4  ? 10.59201  -0.10661  -3.54549  1.000 46.75766  ? 4   SER B N   1 
ATOM   619  C  CA  . SER B 1 4  ? 11.64642  0.62648   -4.23990  1.000 67.25416  ? 4   SER B CA  1 
ATOM   620  C  C   . SER B 1 4  ? 11.36444  2.13363   -4.25966  1.000 51.75339  ? 4   SER B C   1 
ATOM   621  O  O   . SER B 1 4  ? 10.24661  2.57218   -3.97475  1.000 36.78700  ? 4   SER B O   1 
ATOM   622  C  CB  . SER B 1 4  ? 11.81795  0.09700   -5.66797  1.000 71.61359  ? 4   SER B CB  1 
ATOM   623  N  N   . MET B 1 5  ? 12.38442  2.90854   -4.63015  1.000 44.39452  ? 5   MET B N   1 
ATOM   624  C  CA  . MET B 1 5  ? 12.40315  4.35907   -4.45027  1.000 47.91645  ? 5   MET B CA  1 
ATOM   625  C  C   . MET B 1 5  ? 12.91067  4.97448   -5.74821  1.000 56.95098  ? 5   MET B C   1 
ATOM   626  O  O   . MET B 1 5  ? 14.00089  4.59212   -6.22416  1.000 55.29037  ? 5   MET B O   1 
ATOM   627  C  CB  . MET B 1 5  ? 13.32105  4.71142   -3.27567  1.000 42.98638  ? 5   MET B CB  1 
ATOM   628  C  CG  . MET B 1 5  ? 13.40808  6.17030   -2.79442  1.000 42.69253  ? 5   MET B CG  1 
ATOM   629  S  SD  . MET B 1 5  ? 11.85110  7.00576   -2.43042  1.000 34.41357  ? 5   MET B SD  1 
ATOM   630  C  CE  . MET B 1 5  ? 12.00519  7.22923   -0.65245  1.000 28.01366  ? 5   MET B CE  1 
ATOM   631  N  N   . PRO B 1 6  ? 12.17417  5.90104   -6.36728  1.000 60.12362  ? 6   PRO B N   1 
ATOM   632  C  CA  . PRO B 1 6  ? 12.67537  6.54733   -7.58936  1.000 54.67642  ? 6   PRO B CA  1 
ATOM   633  C  C   . PRO B 1 6  ? 13.93880  7.35394   -7.31951  1.000 58.91411  ? 6   PRO B C   1 
ATOM   634  O  O   . PRO B 1 6  ? 14.05461  8.03887   -6.30134  1.000 61.41521  ? 6   PRO B O   1 
ATOM   635  C  CB  . PRO B 1 6  ? 11.51136  7.45329   -8.01420  1.000 55.57433  ? 6   PRO B CB  1 
ATOM   636  C  CG  . PRO B 1 6  ? 10.66861  7.60273   -6.77171  1.000 57.19380  ? 6   PRO B CG  1 
ATOM   637  C  CD  . PRO B 1 6  ? 10.77720  6.27263   -6.09762  1.000 59.93111  ? 6   PRO B CD  1 
ATOM   638  N  N   . ARG B 1 7  ? 14.88273  7.28552   -8.26527  1.000 65.85899  ? 7   ARG B N   1 
ATOM   639  C  CA  . ARG B 1 7  ? 16.20137  7.88435   -8.05851  1.000 72.20038  ? 7   ARG B CA  1 
ATOM   640  C  C   . ARG B 1 7  ? 16.14935  9.40908   -8.00913  1.000 74.65314  ? 7   ARG B C   1 
ATOM   641  O  O   . ARG B 1 7  ? 16.94787  10.03069  -7.29623  1.000 68.98283  ? 7   ARG B O   1 
ATOM   642  C  CB  . ARG B 1 7  ? 17.16398  7.42895   -9.15850  1.000 70.39098  ? 7   ARG B CB  1 
ATOM   643  N  N   . GLY B 1 8  ? 15.23464  10.02818  -8.75227  1.000 68.11177  ? 8   GLY B N   1 
ATOM   644  C  CA  . GLY B 1 8  ? 15.17612  11.47678  -8.80973  1.000 68.19734  ? 8   GLY B CA  1 
ATOM   645  C  C   . GLY B 1 8  ? 14.28434  12.11798  -7.76370  1.000 68.88454  ? 8   GLY B C   1 
ATOM   646  O  O   . GLY B 1 8  ? 13.91713  13.29088  -7.89246  1.000 73.14871  ? 8   GLY B O   1 
ATOM   647  N  N   . ALA B 1 9  ? 13.93130  11.36413  -6.72444  1.000 62.05451  ? 9   ALA B N   1 
ATOM   648  C  CA  . ALA B 1 9  ? 13.06023  11.88350  -5.67945  1.000 54.58179  ? 9   ALA B CA  1 
ATOM   649  C  C   . ALA B 1 9  ? 13.81031  12.87132  -4.78808  1.000 51.86103  ? 9   ALA B C   1 
ATOM   650  O  O   . ALA B 1 9  ? 15.02171  12.75740  -4.57443  1.000 51.14648  ? 9   ALA B O   1 
ATOM   651  C  CB  . ALA B 1 9  ? 12.49181  10.73604  -4.84410  1.000 54.04541  ? 9   ALA B CB  1 
ATOM   652  N  N   . ASP B 1 10 ? 13.07518  13.85545  -4.26940  1.000 37.34642  ? 10  ASP B N   1 
ATOM   653  C  CA  . ASP B 1 10 ? 13.65390  14.91883  -3.45911  1.000 40.73817  ? 10  ASP B CA  1 
ATOM   654  C  C   . ASP B 1 10 ? 13.40587  14.64971  -1.98034  1.000 35.56893  ? 10  ASP B C   1 
ATOM   655  O  O   . ASP B 1 10 ? 12.29089  14.30599  -1.57225  1.000 28.48237  ? 10  ASP B O   1 
ATOM   656  C  CB  . ASP B 1 10 ? 13.07775  16.28829  -3.83228  1.000 37.81627  ? 10  ASP B CB  1 
ATOM   657  C  CG  . ASP B 1 10 ? 13.93632  17.44437  -3.32053  1.000 61.01617  ? 10  ASP B CG  1 
ATOM   658  O  OD1 . ASP B 1 10 ? 14.23132  17.49900  -2.10454  1.000 55.42762  ? 10  ASP B OD1 1 
ATOM   659  O  OD2 . ASP B 1 10 ? 14.31237  18.30991  -4.13947  1.000 74.23035  ? 10  ASP B OD2 1 
ATOM   660  N  N   . GLN B 1 11 ? 14.44839  14.83909  -1.17297  1.000 33.15234  ? 11  GLN B N   1 
ATOM   661  C  CA  . GLN B 1 11 ? 14.33485  14.52443  0.24446   1.000 28.95934  ? 11  GLN B CA  1 
ATOM   662  C  C   . GLN B 1 11 ? 13.38594  15.46287  0.97756   1.000 26.32413  ? 11  GLN B C   1 
ATOM   663  O  O   . GLN B 1 11 ? 12.94630  15.13038  2.08219   1.000 25.27444  ? 11  GLN B O   1 
ATOM   664  C  CB  . GLN B 1 11 ? 15.71767  14.54532  0.88927   1.000 28.80260  ? 11  GLN B CB  1 
ATOM   665  C  CG  . GLN B 1 11 ? 16.64215  13.44725  0.37688   1.000 25.06290  ? 11  GLN B CG  1 
ATOM   666  C  CD  . GLN B 1 11 ? 17.84986  13.27743  1.26008   1.000 32.13432  ? 11  GLN B CD  1 
ATOM   667  O  OE1 . GLN B 1 11 ? 18.19841  14.18057  2.02371   1.000 28.17982  ? 11  GLN B OE1 1 
ATOM   668  N  NE2 . GLN B 1 11 ? 18.50470  12.12652  1.16234   1.000 32.26184  ? 11  GLN B NE2 1 
ATOM   669  N  N   . GLU B 1 12 ? 13.04601  16.61529  0.39302   1.000 27.68941  ? 12  GLU B N   1 
ATOM   670  C  CA  . GLU B 1 12 ? 12.07224  17.49811  1.03348   1.000 29.24992  ? 12  GLU B CA  1 
ATOM   671  C  C   . GLU B 1 12 ? 10.65089  16.93847  0.97460   1.000 32.28498  ? 12  GLU B C   1 
ATOM   672  O  O   . GLU B 1 12 ? 9.77815   17.39907  1.72183   1.000 27.52229  ? 12  GLU B O   1 
ATOM   673  C  CB  . GLU B 1 12 ? 12.11642  18.88812  0.39784   1.000 37.26905  ? 12  GLU B CB  1 
ATOM   674  C  CG  . GLU B 1 12 ? 11.70107  18.92383  -1.05879  1.000 47.01478  ? 12  GLU B CG  1 
ATOM   675  C  CD  . GLU B 1 12 ? 11.93824  20.28056  -1.70431  1.000 70.65065  ? 12  GLU B CD  1 
ATOM   676  O  OE1 . GLU B 1 12 ? 12.32795  20.31432  -2.89319  1.000 69.07950  ? 12  GLU B OE1 1 
ATOM   677  O  OE2 . GLU B 1 12 ? 11.73781  21.31110  -1.02473  1.000 72.50412  ? 12  GLU B OE2 1 
ATOM   678  N  N   . ASN B 1 13 ? 10.39659  15.94984  0.12241   1.000 22.83944  ? 13  ASN B N   1 
ATOM   679  C  CA  . ASN B 1 13 ? 9.07969   15.33256  0.02819   1.000 23.74395  ? 13  ASN B CA  1 
ATOM   680  C  C   . ASN B 1 13 ? 8.98868   14.03779  0.82506   1.000 23.19230  ? 13  ASN B C   1 
ATOM   681  O  O   . ASN B 1 13 ? 8.01665   13.28990  0.68267   1.000 22.13590  ? 13  ASN B O   1 
ATOM   682  C  CB  . ASN B 1 13 ? 8.74808   15.06938  -1.43438  1.000 22.37823  ? 13  ASN B CB  1 
ATOM   683  C  CG  . ASN B 1 13 ? 8.77149   16.33320  -2.25803  1.000 27.60485  ? 13  ASN B CG  1 
ATOM   684  O  OD1 . ASN B 1 13 ? 8.56260   17.42652  -1.73420  1.000 26.15631  ? 13  ASN B OD1 1 
ATOM   685  N  ND2 . ASN B 1 13 ? 9.06860   16.19898  -3.54495  1.000 37.54430  ? 13  ASN B ND2 1 
ATOM   686  N  N   . MET B 1 14 ? 9.96028   13.77646  1.67952   1.000 18.70131  ? 14  MET B N   1 
ATOM   687  C  CA  . MET B 1 14 ? 10.18294  12.45687  2.23717   1.000 16.50366  ? 14  MET B CA  1 
ATOM   688  C  C   . MET B 1 14 ? 9.90768   12.49039  3.73241   1.000 18.25839  ? 14  MET B C   1 
ATOM   689  O  O   . MET B 1 14 ? 10.13914  13.49982  4.40272   1.000 21.02859  ? 14  MET B O   1 
ATOM   690  C  CB  . MET B 1 14 ? 11.63001  12.05043  1.95000   1.000 19.14485  ? 14  MET B CB  1 
ATOM   691  C  CG  . MET B 1 14 ? 11.81656  11.53620  0.52618   1.000 20.73368  ? 14  MET B CG  1 
ATOM   692  S  SD  . MET B 1 14 ? 13.40258  10.71153  0.31966   1.000 28.70337  ? 14  MET B SD  1 
ATOM   693  C  CE  . MET B 1 14 ? 13.55212  10.72429  -1.46451  1.000 33.68227  ? 14  MET B CE  1 
ATOM   694  N  N   . LEU B 1 15 ? 9.40493   11.39148  4.26303   1.000 20.84063  ? 15  LEU B N   1 
ATOM   695  C  CA  . LEU B 1 15 ? 9.26258   11.28466  5.70101   1.000 21.86549  ? 15  LEU B CA  1 
ATOM   696  C  C   . LEU B 1 15 ? 9.98483   10.03858  6.19567   1.000 21.36838  ? 15  LEU B C   1 
ATOM   697  O  O   . LEU B 1 15 ? 10.19248  9.07881   5.45202   1.000 23.54156  ? 15  LEU B O   1 
ATOM   698  C  CB  . LEU B 1 15 ? 7.78233   11.27264  6.12143   1.000 30.44242  ? 15  LEU B CB  1 
ATOM   699  C  CG  . LEU B 1 15 ? 6.73761   10.23688  5.69800   1.000 26.32777  ? 15  LEU B CG  1 
ATOM   700  C  CD1 . LEU B 1 15 ? 7.03237   8.82192   6.20778   1.000 35.33062  ? 15  LEU B CD1 1 
ATOM   701  C  CD2 . LEU B 1 15 ? 5.37517   10.67169  6.19731   1.000 31.52446  ? 15  LEU B CD2 1 
ATOM   702  N  N   . LYS B 1 16 ? 10.36397  10.07162  7.46788   1.000 21.95475  ? 16  LYS B N   1 
ATOM   703  C  CA  . LYS B 1 16 ? 10.92198  8.92519   8.16712   1.000 18.87109  ? 16  LYS B CA  1 
ATOM   704  C  C   . LYS B 1 16 ? 9.81223   8.32096   9.01293   1.000 19.31431  ? 16  LYS B C   1 
ATOM   705  O  O   . LYS B 1 16 ? 9.10122   9.05221   9.70706   1.000 16.18263  ? 16  LYS B O   1 
ATOM   706  C  CB  . LYS B 1 16 ? 12.08590  9.35894   9.06049   1.000 27.83410  ? 16  LYS B CB  1 
ATOM   707  C  CG  . LYS B 1 16 ? 13.44896  9.34306   8.40185   1.000 37.32861  ? 16  LYS B CG  1 
ATOM   708  C  CD  . LYS B 1 16 ? 14.53267  9.80780   9.37842   1.000 38.84514  ? 16  LYS B CD  1 
ATOM   709  C  CE  . LYS B 1 16 ? 14.33559  9.22575   10.76669  1.000 46.24295  ? 16  LYS B CE  1 
ATOM   710  N  NZ  . LYS B 1 16 ? 15.55824  9.38354   11.60464  1.000 62.44920  ? 16  LYS B NZ  1 
ATOM   711  N  N   . ILE B 1 17 ? 9.65509   6.99951   8.95465   1.000 18.70964  ? 17  ILE B N   1 
ATOM   712  C  CA  . ILE B 1 17 ? 8.63728   6.30786   9.73918   1.000 18.96413  ? 17  ILE B CA  1 
ATOM   713  C  C   . ILE B 1 17 ? 9.26614   5.08974   10.40766  1.000 20.16207  ? 17  ILE B C   1 
ATOM   714  O  O   . ILE B 1 17 ? 10.00074  4.32996   9.76457   1.000 18.67706  ? 17  ILE B O   1 
ATOM   715  C  CB  . ILE B 1 17 ? 7.42198   5.90817   8.87684   1.000 20.16978  ? 17  ILE B CB  1 
ATOM   716  C  CG1 . ILE B 1 17 ? 6.35636   5.21700   9.72848   1.000 17.42229  ? 17  ILE B CG1 1 
ATOM   717  C  CG2 . ILE B 1 17 ? 7.83165   5.03766   7.68633   1.000 19.98128  ? 17  ILE B CG2 1 
ATOM   718  C  CD1 . ILE B 1 17 ? 4.99669   5.11644   9.04092   1.000 21.08859  ? 17  ILE B CD1 1 
ATOM   719  N  N   . SER B 1 18 ? 8.99786   4.91827   11.70216  1.000 17.30932  ? 18  SER B N   1 
ATOM   720  C  CA  . SER B 1 18 ? 9.56874   3.80778   12.45449  1.000 15.70664  ? 18  SER B CA  1 
ATOM   721  C  C   . SER B 1 18 ? 8.59726   3.37387   13.54630  1.000 22.11067  ? 18  SER B C   1 
ATOM   722  O  O   . SER B 1 18 ? 7.61148   4.05706   13.84456  1.000 20.94515  ? 18  SER B O   1 
ATOM   723  C  CB  . SER B 1 18 ? 10.92952  4.17868   13.05977  1.000 21.34964  ? 18  SER B CB  1 
ATOM   724  O  OG  . SER B 1 18 ? 10.80240  5.17028   14.06476  1.000 24.04841  ? 18  SER B OG  1 
ATOM   725  N  N   . GLY B 1 19 ? 8.88492   2.21043   14.14045  1.000 22.28151  ? 19  GLY B N   1 
ATOM   726  C  CA  . GLY B 1 19 ? 8.09290   1.69255   15.23813  1.000 19.15166  ? 19  GLY B CA  1 
ATOM   727  C  C   . GLY B 1 19 ? 6.97853   0.74388   14.84883  1.000 19.38709  ? 19  GLY B C   1 
ATOM   728  O  O   . GLY B 1 19 ? 6.36277   0.14080   15.73843  1.000 29.89784  ? 19  GLY B O   1 
ATOM   729  N  N   . TYR B 1 20 ? 6.70107   0.57876   13.55783  1.000 20.17441  ? 20  TYR B N   1 
ATOM   730  C  CA  . TYR B 1 20 ? 5.67873   -0.36365  13.13169  1.000 21.34606  ? 20  TYR B CA  1 
ATOM   731  C  C   . TYR B 1 20 ? 6.17259   -1.80198  13.31663  1.000 26.42742  ? 20  TYR B C   1 
ATOM   732  O  O   . TYR B 1 20 ? 7.37356   -2.04306  13.47192  1.000 22.31892  ? 20  TYR B O   1 
ATOM   733  C  CB  . TYR B 1 20 ? 5.29537   -0.11054  11.66894  1.000 17.02234  ? 20  TYR B CB  1 
ATOM   734  C  CG  . TYR B 1 20 ? 6.48009   -0.01702  10.73289  1.000 20.14394  ? 20  TYR B CG  1 
ATOM   735  C  CD1 . TYR B 1 20 ? 7.06255   -1.15931  10.20143  1.000 21.18424  ? 20  TYR B CD1 1 
ATOM   736  C  CD2 . TYR B 1 20 ? 7.01220   1.21132   10.38410  1.000 20.87927  ? 20  TYR B CD2 1 
ATOM   737  C  CE1 . TYR B 1 20 ? 8.14533   -1.08209  9.35998   1.000 18.53035  ? 20  TYR B CE1 1 
ATOM   738  C  CE2 . TYR B 1 20 ? 8.08764   1.30616   9.53489   1.000 21.88924  ? 20  TYR B CE2 1 
ATOM   739  C  CZ  . TYR B 1 20 ? 8.65091   0.15184   9.02373   1.000 20.56302  ? 20  TYR B CZ  1 
ATOM   740  O  OH  . TYR B 1 20 ? 9.72657   0.23440   8.17764   1.000 19.25949  ? 20  TYR B OH  1 
ATOM   741  N  N   . PRO B 1 21 ? 5.26169   -2.77650  13.32277  1.000 22.75908  ? 21  PRO B N   1 
ATOM   742  C  CA  . PRO B 1 21 ? 5.69270   -4.17820  13.43558  1.000 21.37345  ? 21  PRO B CA  1 
ATOM   743  C  C   . PRO B 1 21 ? 6.61085   -4.57530  12.28844  1.000 21.30084  ? 21  PRO B C   1 
ATOM   744  O  O   . PRO B 1 21 ? 6.31865   -4.32361  11.11717  1.000 24.29821  ? 21  PRO B O   1 
ATOM   745  C  CB  . PRO B 1 21 ? 4.37606   -4.96418  13.40688  1.000 23.87379  ? 21  PRO B CB  1 
ATOM   746  C  CG  . PRO B 1 21 ? 3.32951   -3.98141  13.82198  1.000 25.54757  ? 21  PRO B CG  1 
ATOM   747  C  CD  . PRO B 1 21 ? 3.79423   -2.64288  13.34229  1.000 22.36730  ? 21  PRO B CD  1 
ATOM   748  N  N   . GLY B 1 22 ? 7.72887   -5.21434  12.64095  1.000 20.80079  ? 22  GLY B N   1 
ATOM   749  C  CA  . GLY B 1 22 ? 8.72661   -5.58767  11.65414  1.000 20.52971  ? 22  GLY B CA  1 
ATOM   750  C  C   . GLY B 1 22 ? 8.23089   -6.55659  10.60167  1.000 23.73630  ? 22  GLY B C   1 
ATOM   751  O  O   . GLY B 1 22 ? 8.87875   -6.71384  9.56319   1.000 25.43906  ? 22  GLY B O   1 
ATOM   752  N  N   . MET B 1 23 ? 7.09875   -7.21223  10.84083  1.000 21.53574  ? 23  MET B N   1 
ATOM   753  C  CA  . MET B 1 23 ? 6.55298   -8.14605  9.86349   1.000 25.27463  ? 23  MET B CA  1 
ATOM   754  C  C   . MET B 1 23 ? 5.84775   -7.46207  8.69282   1.000 33.97486  ? 23  MET B C   1 
ATOM   755  O  O   . MET B 1 23 ? 5.41069   -8.15972  7.77039   1.000 34.15084  ? 23  MET B O   1 
ATOM   756  C  CB  . MET B 1 23 ? 5.60408   -9.12691  10.56310  1.000 35.96247  ? 23  MET B CB  1 
ATOM   757  C  CG  . MET B 1 23 ? 4.25731   -8.55199  10.96354  1.000 44.49891  ? 23  MET B CG  1 
ATOM   758  S  SD  . MET B 1 23 ? 3.30444   -9.67984  12.01394  1.000 69.35505  ? 23  MET B SD  1 
ATOM   759  C  CE  . MET B 1 23 ? 4.11312   -11.25561 11.71080  1.000 39.79463  ? 23  MET B CE  1 
ATOM   760  N  N   . LEU B 1 24 ? 5.73576   -6.13126  8.68628   1.000 25.92168  ? 24  LEU B N   1 
ATOM   761  C  CA  . LEU B 1 24 ? 5.18040   -5.42953  7.53193   1.000 22.45363  ? 24  LEU B CA  1 
ATOM   762  C  C   . LEU B 1 24 ? 6.18410   -5.37876  6.38848   1.000 28.27784  ? 24  LEU B C   1 
ATOM   763  O  O   . LEU B 1 24 ? 7.37628   -5.14412  6.60095   1.000 29.72506  ? 24  LEU B O   1 
ATOM   764  C  CB  . LEU B 1 24 ? 4.77270   -4.00164  7.90253   1.000 20.43467  ? 24  LEU B CB  1 
ATOM   765  C  CG  . LEU B 1 24 ? 3.65764   -3.80463  8.92641   1.000 23.28369  ? 24  LEU B CG  1 
ATOM   766  C  CD1 . LEU B 1 24 ? 3.20168   -2.34581  8.90372   1.000 23.82385  ? 24  LEU B CD1 1 
ATOM   767  C  CD2 . LEU B 1 24 ? 2.49248   -4.73968  8.64024   1.000 32.43145  ? 24  LEU B CD2 1 
ATOM   768  N  N   . ASN B 1 25 ? 5.69666   -5.58272  5.16866   1.000 25.01567  ? 25  ASN B N   1 
ATOM   769  C  CA  . ASN B 1 25 ? 6.52040   -5.41017  3.98298   1.000 34.86058  ? 25  ASN B CA  1 
ATOM   770  C  C   . ASN B 1 25 ? 6.29607   -3.99719  3.43451   1.000 25.25096  ? 25  ASN B C   1 
ATOM   771  O  O   . ASN B 1 25 ? 5.60736   -3.17930  4.05583   1.000 26.46050  ? 25  ASN B O   1 
ATOM   772  C  CB  . ASN B 1 25 ? 6.22418   -6.51437  2.95685   1.000 32.08793  ? 25  ASN B CB  1 
ATOM   773  C  CG  . ASN B 1 25 ? 4.78393   -6.51130  2.46024   1.000 32.30151  ? 25  ASN B CG  1 
ATOM   774  O  OD1 . ASN B 1 25 ? 4.05193   -5.53179  2.60200   1.000 23.94421  ? 25  ASN B OD1 1 
ATOM   775  N  ND2 . ASN B 1 25 ? 4.37085   -7.63044  1.87727   1.000 28.97058  ? 25  ASN B ND2 1 
ATOM   776  N  N   . THR B 1 26 ? 6.87753   -3.69578  2.26242   1.000 22.88671  ? 26  THR B N   1 
ATOM   777  C  CA  . THR B 1 26 ? 6.77299   -2.33954  1.72415   1.000 25.47201  ? 26  THR B CA  1 
ATOM   778  C  C   . THR B 1 26 ? 5.32741   -1.96593  1.42026   1.000 26.45482  ? 26  THR B C   1 
ATOM   779  O  O   . THR B 1 26 ? 4.91957   -0.81425  1.62539   1.000 23.31299  ? 26  THR B O   1 
ATOM   780  C  CB  . THR B 1 26 ? 7.62480   -2.18550  0.46558   1.000 35.96736  ? 26  THR B CB  1 
ATOM   781  O  OG1 . THR B 1 26 ? 7.30033   -3.23026  -0.45589  1.000 46.49857  ? 26  THR B OG1 1 
ATOM   782  C  CG2 . THR B 1 26 ? 9.10244   -2.24324  0.80669   1.000 39.85017  ? 26  THR B CG2 1 
ATOM   783  N  N   . PHE B 1 27 ? 4.53504   -2.91909  0.92333   1.000 19.94800  ? 27  PHE B N   1 
ATOM   784  C  CA  . PHE B 1 27 ? 3.13046   -2.62252  0.66241   1.000 19.33923  ? 27  PHE B CA  1 
ATOM   785  C  C   . PHE B 1 27 ? 2.38605   -2.31570  1.95301   1.000 22.33261  ? 27  PHE B C   1 
ATOM   786  O  O   . PHE B 1 27 ? 1.52267   -1.42709  1.97999   1.000 20.95187  ? 27  PHE B O   1 
ATOM   787  C  CB  . PHE B 1 27 ? 2.47113   -3.78366  -0.08151  1.000 25.55820  ? 27  PHE B CB  1 
ATOM   788  C  CG  . PHE B 1 27 ? 2.90929   -3.90115  -1.51207  1.000 25.84219  ? 27  PHE B CG  1 
ATOM   789  C  CD1 . PHE B 1 27 ? 2.67138   -2.87024  -2.40504  1.000 30.45050  ? 27  PHE B CD1 1 
ATOM   790  C  CD2 . PHE B 1 27 ? 3.58617   -5.02199  -1.95627  1.000 30.04562  ? 27  PHE B CD2 1 
ATOM   791  C  CE1 . PHE B 1 27 ? 3.08393   -2.96567  -3.72563  1.000 37.68123  ? 27  PHE B CE1 1 
ATOM   792  C  CE2 . PHE B 1 27 ? 3.99507   -5.12455  -3.27506  1.000 28.34821  ? 27  PHE B CE2 1 
ATOM   793  C  CZ  . PHE B 1 27 ? 3.74658   -4.09546  -4.15735  1.000 26.87354  ? 27  PHE B CZ  1 
ATOM   794  N  N   . GLY B 1 28 ? 2.71037   -3.03458  3.03462   1.000 21.58072  ? 28  GLY B N   1 
ATOM   795  C  CA  . GLY B 1 28 ? 2.04471   -2.79097  4.30177   1.000 19.84454  ? 28  GLY B CA  1 
ATOM   796  C  C   . GLY B 1 28 ? 2.38142   -1.43901  4.89019   1.000 21.82867  ? 28  GLY B C   1 
ATOM   797  O  O   . GLY B 1 28 ? 1.54399   -0.82064  5.56103   1.000 17.41286  ? 28  GLY B O   1 
ATOM   798  N  N   . ILE B 1 29 ? 3.60134   -0.95943  4.64999   1.000 18.50105  ? 29  ILE B N   1 
ATOM   799  C  CA  . ILE B 1 29 ? 3.96392   0.38350   5.08923   1.000 18.98509  ? 29  ILE B CA  1 
ATOM   800  C  C   . ILE B 1 29 ? 3.14460   1.42778   4.33587   1.000 21.31667  ? 29  ILE B C   1 
ATOM   801  O  O   . ILE B 1 29 ? 2.63999   2.38797   4.93181   1.000 22.27655  ? 29  ILE B O   1 
ATOM   802  C  CB  . ILE B 1 29 ? 5.47875   0.59487   4.92777   1.000 18.36540  ? 29  ILE B CB  1 
ATOM   803  C  CG1 . ILE B 1 29 ? 6.21878   -0.39452  5.82250   1.000 17.69790  ? 29  ILE B CG1 1 
ATOM   804  C  CG2 . ILE B 1 29 ? 5.88377   2.01377   5.31497   1.000 24.81704  ? 29  ILE B CG2 1 
ATOM   805  C  CD1 . ILE B 1 29 ? 7.65608   -0.55641  5.46324   1.000 27.82516  ? 29  ILE B CD1 1 
ATOM   806  N  N   . ALA B 1 30 ? 2.97223   1.24905   3.02388   1.000 17.13800  ? 30  ALA B N   1 
ATOM   807  C  CA  . ALA B 1 30 ? 2.06615   2.12396   2.28602   1.000 19.54580  ? 30  ALA B CA  1 
ATOM   808  C  C   . ALA B 1 30 ? 0.65333   2.04415   2.84538   1.000 20.02823  ? 30  ALA B C   1 
ATOM   809  O  O   . ALA B 1 30 ? -0.03875  3.06145   2.95799   1.000 19.06640  ? 30  ALA B O   1 
ATOM   810  C  CB  . ALA B 1 30 ? 2.07394   1.76044   0.80038   1.000 23.41106  ? 30  ALA B CB  1 
ATOM   811  N  N   . GLN B 1 31 ? 0.20138   0.83927   3.19715   1.000 18.57354  ? 31  GLN B N   1 
ATOM   812  C  CA  . GLN B 1 31 ? -1.15112  0.70020   3.72443   1.000 18.26985  ? 31  GLN B CA  1 
ATOM   813  C  C   . GLN B 1 31 ? -1.30733  1.41949   5.06023   1.000 21.92427  ? 31  GLN B C   1 
ATOM   814  O  O   . GLN B 1 31 ? -2.37065  1.99740   5.32870   1.000 23.18294  ? 31  GLN B O   1 
ATOM   815  C  CB  . GLN B 1 31 ? -1.50470  -0.77896  3.84501   1.000 19.82811  ? 31  GLN B CB  1 
ATOM   816  C  CG  . GLN B 1 31 ? -1.74449  -1.46621  2.50610   1.000 19.04677  ? 31  GLN B CG  1 
ATOM   817  C  CD  . GLN B 1 31 ? -1.88889  -2.96908  2.66651   1.000 22.66791  ? 31  GLN B CD  1 
ATOM   818  O  OE1 . GLN B 1 31 ? -1.13106  -3.59769  3.40078   1.000 25.18995  ? 31  GLN B OE1 1 
ATOM   819  N  NE2 . GLN B 1 31 ? -2.87151  -3.54654  1.99444   1.000 23.09262  ? 31  GLN B NE2 1 
ATOM   820  N  N   . LEU B 1 32 ? -0.25810  1.41291   5.89185   1.000 19.87894  ? 32  LEU B N   1 
ATOM   821  C  CA  . LEU B 1 32 ? -0.25166  2.19773   7.12871   1.000 23.08800  ? 32  LEU B CA  1 
ATOM   822  C  C   . LEU B 1 32 ? -0.62267  3.64956   6.88257   1.000 30.11751  ? 32  LEU B C   1 
ATOM   823  O  O   . LEU B 1 32 ? -1.26508  4.29056   7.72419   1.000 22.64936  ? 32  LEU B O   1 
ATOM   824  C  CB  . LEU B 1 32 ? 1.13105   2.16560   7.77205   1.000 26.14460  ? 32  LEU B CB  1 
ATOM   825  C  CG  . LEU B 1 32 ? 1.50755   1.10742   8.77728   1.000 29.96326  ? 32  LEU B CG  1 
ATOM   826  C  CD1 . LEU B 1 32 ? 2.91954   1.39561   9.26013   1.000 29.67607  ? 32  LEU B CD1 1 
ATOM   827  C  CD2 . LEU B 1 32 ? 0.51861   1.16172   9.91675   1.000 25.53428  ? 32  LEU B CD2 1 
ATOM   828  N  N   . LEU B 1 33 ? -0.18506  4.19410   5.75114   1.000 20.98615  ? 33  LEU B N   1 
ATOM   829  C  CA  . LEU B 1 33 ? -0.25310  5.61568   5.46659   1.000 24.04883  ? 33  LEU B CA  1 
ATOM   830  C  C   . LEU B 1 33 ? -1.46021  5.99729   4.62000   1.000 22.57695  ? 33  LEU B C   1 
ATOM   831  O  O   . LEU B 1 33 ? -1.53464  7.13898   4.15631   1.000 22.06221  ? 33  LEU B O   1 
ATOM   832  C  CB  . LEU B 1 33 ? 1.03745   6.05568   4.77741   1.000 20.01771  ? 33  LEU B CB  1 
ATOM   833  C  CG  . LEU B 1 33 ? 2.27970   5.87627   5.65265   1.000 26.84432  ? 33  LEU B CG  1 
ATOM   834  C  CD1 . LEU B 1 33 ? 3.51766   6.16166   4.84865   1.000 27.29816  ? 33  LEU B CD1 1 
ATOM   835  C  CD2 . LEU B 1 33 ? 2.19725   6.82533   6.83686   1.000 30.98485  ? 33  LEU B CD2 1 
ATOM   836  N  N   . THR B 1 34 ? -2.40151  5.07835   4.41451   1.000 18.95947  ? 34  THR B N   1 
ATOM   837  C  CA  . THR B 1 34 ? -3.58835  5.39921   3.63070   1.000 22.59814  ? 34  THR B CA  1 
ATOM   838  C  C   . THR B 1 34 ? -4.27435  6.61622   4.24869   1.000 24.09848  ? 34  THR B C   1 
ATOM   839  O  O   . THR B 1 34 ? -4.32219  6.73297   5.47777   1.000 23.43999  ? 34  THR B O   1 
ATOM   840  C  CB  . THR B 1 34 ? -4.54906  4.20488   3.60170   1.000 24.32006  ? 34  THR B CB  1 
ATOM   841  O  OG1 . THR B 1 34 ? -3.81166  3.00535   3.34695   1.000 29.99265  ? 34  THR B OG1 1 
ATOM   842  C  CG2 . THR B 1 34 ? -5.57853  4.35930   2.49285   1.000 22.04734  ? 34  THR B CG2 1 
ATOM   843  N  N   . PRO B 1 35 ? -4.79781  7.55471   3.43744   1.000 26.36888  ? 35  PRO B N   1 
ATOM   844  C  CA  . PRO B 1 35 ? -4.87377  7.57786   1.97679   1.000 18.96109  ? 35  PRO B CA  1 
ATOM   845  C  C   . PRO B 1 35 ? -3.84094  8.46688   1.30994   1.000 22.08765  ? 35  PRO B C   1 
ATOM   846  O  O   . PRO B 1 35 ? -4.08419  8.92769   0.19716   1.000 23.19436  ? 35  PRO B O   1 
ATOM   847  C  CB  . PRO B 1 35 ? -6.26241  8.14149   1.74649   1.000 19.90935  ? 35  PRO B CB  1 
ATOM   848  C  CG  . PRO B 1 35 ? -6.30101  9.23705   2.77594   1.000 26.51388  ? 35  PRO B CG  1 
ATOM   849  C  CD  . PRO B 1 35 ? -5.59403  8.66110   4.00176   1.000 22.35926  ? 35  PRO B CD  1 
ATOM   850  N  N   . TYR B 1 36 ? -2.71315  8.70713   1.97358   1.000 21.90281  ? 36  TYR B N   1 
ATOM   851  C  CA  . TYR B 1 36 ? -1.67231  9.52850   1.37283   1.000 18.80197  ? 36  TYR B CA  1 
ATOM   852  C  C   . TYR B 1 36 ? -1.10730  8.84723   0.13583   1.000 15.93861  ? 36  TYR B C   1 
ATOM   853  O  O   . TYR B 1 36 ? -0.85189  7.63960   0.13019   1.000 23.09321  ? 36  TYR B O   1 
ATOM   854  C  CB  . TYR B 1 36 ? -0.55568  9.79029   2.38109   1.000 18.03335  ? 36  TYR B CB  1 
ATOM   855  C  CG  . TYR B 1 36 ? -0.93192  10.79960  3.43435   1.000 20.27214  ? 36  TYR B CG  1 
ATOM   856  C  CD1 . TYR B 1 36 ? -1.62711  10.41833  4.56982   1.000 20.55644  ? 36  TYR B CD1 1 
ATOM   857  C  CD2 . TYR B 1 36 ? -0.58487  12.13596  3.29678   1.000 23.86318  ? 36  TYR B CD2 1 
ATOM   858  C  CE1 . TYR B 1 36 ? -1.97709  11.34440  5.53792   1.000 21.21548  ? 36  TYR B CE1 1 
ATOM   859  C  CE2 . TYR B 1 36 ? -0.92634  13.06294  4.26462   1.000 21.79783  ? 36  TYR B CE2 1 
ATOM   860  C  CZ  . TYR B 1 36 ? -1.62033  12.65933  5.37496   1.000 20.11590  ? 36  TYR B CZ  1 
ATOM   861  O  OH  . TYR B 1 36 ? -1.96347  13.57881  6.33718   1.000 25.01550  ? 36  TYR B OH  1 
ATOM   862  N  N   . ARG B 1 37 ? -0.89345  9.62933   -0.91512  1.000 16.39104  ? 37  ARG B N   1 
ATOM   863  C  CA  . ARG B 1 37 ? -0.24652  9.07947   -2.09797  1.000 19.75304  ? 37  ARG B CA  1 
ATOM   864  C  C   . ARG B 1 37 ? 1.22419   8.81117   -1.80036  1.000 19.97394  ? 37  ARG B C   1 
ATOM   865  O  O   . ARG B 1 37 ? 1.95394   9.70718   -1.36340  1.000 18.83632  ? 37  ARG B O   1 
ATOM   866  C  CB  . ARG B 1 37 ? -0.38047  10.03361  -3.27723  1.000 21.02548  ? 37  ARG B CB  1 
ATOM   867  C  CG  . ARG B 1 37 ? 0.40028   9.57581   -4.48804  1.000 27.69826  ? 37  ARG B CG  1 
ATOM   868  C  CD  . ARG B 1 37 ? -0.20736  10.08856  -5.76321  1.000 36.39817  ? 37  ARG B CD  1 
ATOM   869  N  NE  . ARG B 1 37 ? 0.67214   9.82305   -6.89312  1.000 46.08286  ? 37  ARG B NE  1 
ATOM   870  C  CZ  . ARG B 1 37 ? 0.46190   8.87306   -7.79268  1.000 37.74208  ? 37  ARG B CZ  1 
ATOM   871  N  NH1 . ARG B 1 37 ? -0.56953  8.04960   -7.69944  1.000 42.08002  ? 37  ARG B NH1 1 
ATOM   872  N  NH2 . ARG B 1 37 ? 1.31057   8.74259   -8.80740  1.000 43.35009  ? 37  ARG B NH2 1 
ATOM   873  N  N   . VAL B 1 38 ? 1.66025   7.57757   -2.03062  1.000 18.20885  ? 38  VAL B N   1 
ATOM   874  C  CA  . VAL B 1 38 ? 3.04160   7.17126   -1.79107  1.000 16.40196  ? 38  VAL B CA  1 
ATOM   875  C  C   . VAL B 1 38 ? 3.69591   6.94413   -3.14795  1.000 21.26282  ? 38  VAL B C   1 
ATOM   876  O  O   . VAL B 1 38 ? 3.19057   6.16328   -3.96168  1.000 22.78274  ? 38  VAL B O   1 
ATOM   877  C  CB  . VAL B 1 38 ? 3.11978   5.90215   -0.92448  1.000 20.46467  ? 38  VAL B CB  1 
ATOM   878  C  CG1 . VAL B 1 38 ? 4.55733   5.41677   -0.81404  1.000 20.84143  ? 38  VAL B CG1 1 
ATOM   879  C  CG2 . VAL B 1 38 ? 2.51593   6.13925   0.45838   1.000 20.66544  ? 38  VAL B CG2 1 
ATOM   880  N  N   . ASN B 1 39 ? 4.81965   7.61432   -3.39806  1.000 22.13949  ? 39  ASN B N   1 
ATOM   881  C  CA  . ASN B 1 39 ? 5.52851   7.44646   -4.66373  1.000 21.44019  ? 39  ASN B CA  1 
ATOM   882  C  C   . ASN B 1 39 ? 6.73928   6.53263   -4.57727  1.000 22.65835  ? 39  ASN B C   1 
ATOM   883  O  O   . ASN B 1 39 ? 7.27549   6.14725   -5.61991  1.000 26.47443  ? 39  ASN B O   1 
ATOM   884  C  CB  . ASN B 1 39 ? 5.95143   8.80994   -5.22163  1.000 23.41361  ? 39  ASN B CB  1 
ATOM   885  C  CG  . ASN B 1 39 ? 4.75605   9.69385   -5.54355  1.000 30.62972  ? 39  ASN B CG  1 
ATOM   886  O  OD1 . ASN B 1 39 ? 3.79341   9.24617   -6.17738  1.000 31.57749  ? 39  ASN B OD1 1 
ATOM   887  N  ND2 . ASN B 1 39 ? 4.80842   10.94840  -5.11011  1.000 31.37365  ? 39  ASN B ND2 1 
ATOM   888  N  N   . GLY B 1 40 ? 7.18009   6.17919   -3.38186  1.000 17.47159  ? 40  GLY B N   1 
ATOM   889  C  CA  . GLY B 1 40 ? 8.27467   5.23711   -3.23687  1.000 18.07110  ? 40  GLY B CA  1 
ATOM   890  C  C   . GLY B 1 40 ? 8.54496   5.00281   -1.76770  1.000 20.60076  ? 40  GLY B C   1 
ATOM   891  O  O   . GLY B 1 40 ? 8.16658   5.80729   -0.91081  1.000 18.22091  ? 40  GLY B O   1 
ATOM   892  N  N   . ILE B 1 41 ? 9.20005   3.87415   -1.48931  1.000 20.24981  ? 41  ILE B N   1 
ATOM   893  C  CA  . ILE B 1 41 ? 9.51605   3.46525   -0.12174  1.000 18.46527  ? 41  ILE B CA  1 
ATOM   894  C  C   . ILE B 1 41 ? 10.86957  2.76979   -0.11996  1.000 25.57416  ? 41  ILE B C   1 
ATOM   895  O  O   . ILE B 1 41 ? 11.11686  1.87524   -0.93585  1.000 24.25292  ? 41  ILE B O   1 
ATOM   896  C  CB  . ILE B 1 41 ? 8.43816   2.53191   0.46955   1.000 19.21627  ? 41  ILE B CB  1 
ATOM   897  C  CG1 . ILE B 1 41 ? 7.08557   3.25346   0.57248   1.000 22.76402  ? 41  ILE B CG1 1 
ATOM   898  C  CG2 . ILE B 1 41 ? 8.88054   1.99511   1.85090   1.000 20.90903  ? 41  ILE B CG2 1 
ATOM   899  C  CD1 . ILE B 1 41 ? 5.93712   2.36921   1.00935   1.000 26.62687  ? 41  ILE B CD1 1 
ATOM   900  N  N   . THR B 1 42 ? 11.74200  3.18044   0.79667   1.000 20.86660  ? 42  THR B N   1 
ATOM   901  C  CA  . THR B 1 42 ? 13.02656  2.52675   1.02309   1.000 21.18076  ? 42  THR B CA  1 
ATOM   902  C  C   . THR B 1 42 ? 13.07554  2.00344   2.44995   1.000 22.43756  ? 42  THR B C   1 
ATOM   903  O  O   . THR B 1 42 ? 13.02148  2.78853   3.39998   1.000 20.01439  ? 42  THR B O   1 
ATOM   904  C  CB  . THR B 1 42 ? 14.19290  3.48705   0.79694   1.000 23.61632  ? 42  THR B CB  1 
ATOM   905  O  OG1 . THR B 1 42 ? 14.18537  3.95301   -0.55285  1.000 28.07673  ? 42  THR B OG1 1 
ATOM   906  C  CG2 . THR B 1 42 ? 15.52174  2.78247   1.07791   1.000 27.38659  ? 42  THR B CG2 1 
ATOM   907  N  N   . ILE B 1 43 ? 13.19757  0.68453   2.59863   1.000 22.21858  ? 43  ILE B N   1 
ATOM   908  C  CA  . ILE B 1 43 ? 13.41092  0.09360   3.91441   1.000 17.12186  ? 43  ILE B CA  1 
ATOM   909  C  C   . ILE B 1 43 ? 14.80752  0.45991   4.40319   1.000 24.70614  ? 43  ILE B C   1 
ATOM   910  O  O   . ILE B 1 43 ? 15.79167  0.31400   3.66797   1.000 26.66700  ? 43  ILE B O   1 
ATOM   911  C  CB  . ILE B 1 43 ? 13.23478  -1.43133  3.85099   1.000 22.40344  ? 43  ILE B CB  1 
ATOM   912  C  CG1 . ILE B 1 43 ? 11.86383  -1.80555  3.29612   1.000 27.34862  ? 43  ILE B CG1 1 
ATOM   913  C  CG2 . ILE B 1 43 ? 13.40779  -2.04332  5.22963   1.000 19.32366  ? 43  ILE B CG2 1 
ATOM   914  C  CD1 . ILE B 1 43 ? 10.74067  -1.36444  4.15068   1.000 26.00558  ? 43  ILE B CD1 1 
ATOM   915  N  N   . THR B 1 44 ? 14.90415  0.95077   5.64372   1.000 17.37064  ? 44  THR B N   1 
ATOM   916  C  CA  . THR B 1 44 ? 16.19174  1.30364   6.23040   1.000 20.53958  ? 44  THR B CA  1 
ATOM   917  C  C   . THR B 1 44 ? 16.56775  0.42867   7.41691   1.000 25.77936  ? 44  THR B C   1 
ATOM   918  O  O   . THR B 1 44 ? 17.71409  0.49550   7.88121   1.000 29.23242  ? 44  THR B O   1 
ATOM   919  C  CB  . THR B 1 44 ? 16.20785  2.77744   6.67647   1.000 24.37369  ? 44  THR B CB  1 
ATOM   920  O  OG1 . THR B 1 44 ? 15.18369  3.00586   7.65385   1.000 24.61297  ? 44  THR B OG1 1 
ATOM   921  C  CG2 . THR B 1 44 ? 15.98360  3.69779   5.49535   1.000 23.65341  ? 44  THR B CG2 1 
ATOM   922  N  N   . GLY B 1 45 ? 15.64509  -0.37674  7.92152   1.000 21.55735  ? 45  GLY B N   1 
ATOM   923  C  CA  . GLY B 1 45 ? 15.92853  -1.20098  9.07625   1.000 21.22017  ? 45  GLY B CA  1 
ATOM   924  C  C   . GLY B 1 45 ? 14.81153  -2.19457  9.28260   1.000 23.51482  ? 45  GLY B C   1 
ATOM   925  O  O   . GLY B 1 45 ? 13.87635  -2.27712  8.48602   1.000 24.24877  ? 45  GLY B O   1 
ATOM   926  N  N   . ALA B 1 46 ? 14.91565  -2.95046  10.37415  1.000 19.84876  ? 46  ALA B N   1 
ATOM   927  C  CA  . ALA B 1 46 ? 13.88910  -3.94646  10.66666  1.000 25.82022  ? 46  ALA B CA  1 
ATOM   928  C  C   . ALA B 1 46 ? 12.53067  -3.29718  10.90562  1.000 22.32794  ? 46  ALA B C   1 
ATOM   929  O  O   . ALA B 1 46 ? 11.48917  -3.88474  10.58577  1.000 20.29713  ? 46  ALA B O   1 
ATOM   930  C  CB  . ALA B 1 46 ? 14.30691  -4.77809  11.87669  1.000 26.11319  ? 46  ALA B CB  1 
ATOM   931  N  N   . GLN B 1 47 ? 12.51988  -2.08926  11.46019  1.000 18.93340  ? 47  GLN B N   1 
ATOM   932  C  CA  . GLN B 1 47 ? 11.28050  -1.39253  11.78305  1.000 19.84670  ? 47  GLN B CA  1 
ATOM   933  C  C   . GLN B 1 47 ? 11.36323  0.07767   11.39340  1.000 22.48626  ? 47  GLN B C   1 
ATOM   934  O  O   . GLN B 1 47 ? 10.79776  0.93676   12.07247  1.000 19.63659  ? 47  GLN B O   1 
ATOM   935  C  CB  . GLN B 1 47 ? 10.95265  -1.49618  13.27231  1.000 21.54321  ? 47  GLN B CB  1 
ATOM   936  C  CG  . GLN B 1 47 ? 10.63089  -2.87943  13.77432  1.000 23.74480  ? 47  GLN B CG  1 
ATOM   937  C  CD  . GLN B 1 47 ? 10.40514  -2.88539  15.26241  1.000 30.36211  ? 47  GLN B CD  1 
ATOM   938  O  OE1 . GLN B 1 47 ? 11.32226  -3.14637  16.03321  1.000 28.19961  ? 47  GLN B OE1 1 
ATOM   939  N  NE2 . GLN B 1 47 ? 9.18366   -2.58301  15.67870  1.000 25.16139  ? 47  GLN B NE2 1 
ATOM   940  N  N   . SER B 1 48 ? 12.07413  0.39682   10.31449  1.000 18.87924  ? 48  SER B N   1 
ATOM   941  C  CA  . SER B 1 48 ? 12.17693  1.78051   9.86609   1.000 19.67092  ? 48  SER B CA  1 
ATOM   942  C  C   . SER B 1 48 ? 12.23503  1.83703   8.34477   1.000 20.65847  ? 48  SER B C   1 
ATOM   943  O  O   . SER B 1 48 ? 12.65109  0.88018   7.68233   1.000 18.52997  ? 48  SER B O   1 
ATOM   944  C  CB  . SER B 1 48 ? 13.39605  2.46650   10.48928  1.000 21.15557  ? 48  SER B CB  1 
ATOM   945  O  OG  . SER B 1 48 ? 14.59080  1.84132   10.06210  1.000 25.27875  ? 48  SER B OG  1 
ATOM   946  N  N   . ALA B 1 49 ? 11.82310  2.98644   7.79905   1.000 14.42509  ? 49  ALA B N   1 
ATOM   947  C  CA  . ALA B 1 49 ? 11.75530  3.19829   6.35800   1.000 16.31848  ? 49  ALA B CA  1 
ATOM   948  C  C   . ALA B 1 49 ? 11.73915  4.69695   6.07357   1.000 20.67107  ? 49  ALA B C   1 
ATOM   949  O  O   . ALA B 1 49 ? 11.52386  5.51719   6.96876   1.000 17.63538  ? 49  ALA B O   1 
ATOM   950  C  CB  . ALA B 1 49 ? 10.51841  2.52125   5.75773   1.000 16.25612  ? 49  ALA B CB  1 
ATOM   951  N  N   . VAL B 1 50 ? 11.98618  5.04321   4.81118   1.000 14.82301  ? 50  VAL B N   1 
ATOM   952  C  CA  . VAL B 1 50 ? 11.79615  6.39423   4.29226   1.000 19.03513  ? 50  VAL B CA  1 
ATOM   953  C  C   . VAL B 1 50 ? 10.76400  6.31940   3.17244   1.000 20.32349  ? 50  VAL B C   1 
ATOM   954  O  O   . VAL B 1 50 ? 10.84391  5.43913   2.30527   1.000 18.69522  ? 50  VAL B O   1 
ATOM   955  C  CB  . VAL B 1 50 ? 13.11656  7.01091   3.79528   1.000 17.79345  ? 50  VAL B CB  1 
ATOM   956  C  CG1 . VAL B 1 50 ? 12.85740  8.36370   3.14969   1.000 22.54389  ? 50  VAL B CG1 1 
ATOM   957  C  CG2 . VAL B 1 50 ? 14.08119  7.17555   4.95598   1.000 20.76415  ? 50  VAL B CG2 1 
ATOM   958  N  N   . VAL B 1 51 ? 9.79060   7.23106   3.20234   1.000 17.38533  ? 51  VAL B N   1 
ATOM   959  C  CA  . VAL B 1 51 ? 8.65008   7.23060   2.28709   1.000 18.90729  ? 51  VAL B CA  1 
ATOM   960  C  C   . VAL B 1 51 ? 8.60562   8.55400   1.53245   1.000 20.30281  ? 51  VAL B C   1 
ATOM   961  O  O   . VAL B 1 51 ? 8.66612   9.62522   2.14803   1.000 17.30801  ? 51  VAL B O   1 
ATOM   962  C  CB  . VAL B 1 51 ? 7.32522   7.02466   3.04166   1.000 17.36879  ? 51  VAL B CB  1 
ATOM   963  C  CG1 . VAL B 1 51 ? 6.15307   7.07530   2.06988   1.000 22.16048  ? 51  VAL B CG1 1 
ATOM   964  C  CG2 . VAL B 1 51 ? 7.34141   5.73651   3.83100   1.000 18.09253  ? 51  VAL B CG2 1 
ATOM   965  N  N   . ALA B 1 52 ? 8.45531   8.48268   0.20792   1.000 16.59250  ? 52  ALA B N   1 
ATOM   966  C  CA  . ALA B 1 52 ? 8.33345   9.67657   -0.62814  1.000 17.33708  ? 52  ALA B CA  1 
ATOM   967  C  C   . ALA B 1 52 ? 6.86480   10.03478  -0.82214  1.000 21.32037  ? 52  ALA B C   1 
ATOM   968  O  O   . ALA B 1 52 ? 6.11416   9.26672   -1.43314  1.000 19.31164  ? 52  ALA B O   1 
ATOM   969  C  CB  . ALA B 1 52 ? 8.99278   9.46006   -1.98952  1.000 20.32445  ? 52  ALA B CB  1 
ATOM   970  N  N   . LEU B 1 53 ? 6.46340   11.21306  -0.33444  1.000 16.42166  ? 53  LEU B N   1 
ATOM   971  C  CA  . LEU B 1 53 ? 5.11092   11.71170  -0.52930  1.000 21.27300  ? 53  LEU B CA  1 
ATOM   972  C  C   . LEU B 1 53 ? 5.10203   12.74265  -1.65976  1.000 18.74367  ? 53  LEU B C   1 
ATOM   973  O  O   . LEU B 1 53 ? 6.09795   12.93090  -2.36426  1.000 20.86849  ? 53  LEU B O   1 
ATOM   974  C  CB  . LEU B 1 53 ? 4.56158   12.28127  0.77729   1.000 21.49327  ? 53  LEU B CB  1 
ATOM   975  C  CG  . LEU B 1 53 ? 4.53353   11.30042  1.95433   1.000 19.07522  ? 53  LEU B CG  1 
ATOM   976  C  CD1 . LEU B 1 53 ? 3.85683   11.93824  3.16263   1.000 20.64019  ? 53  LEU B CD1 1 
ATOM   977  C  CD2 . LEU B 1 53 ? 3.83962   9.99754   1.57545   1.000 18.23364  ? 53  LEU B CD2 1 
ATOM   978  N  N   . GLU B 1 54 ? 3.96302   13.41620  -1.85332  1.000 20.10632  ? 54  GLU B N   1 
ATOM   979  C  CA  . GLU B 1 54 ? 3.84334   14.29796  -3.01280  1.000 24.87151  ? 54  GLU B CA  1 
ATOM   980  C  C   . GLU B 1 54 ? 4.59160   15.61859  -2.82594  1.000 21.95528  ? 54  GLU B C   1 
ATOM   981  O  O   . GLU B 1 54 ? 5.21888   16.11521  -3.76990  1.000 21.73206  ? 54  GLU B O   1 
ATOM   982  C  CB  . GLU B 1 54 ? 2.36901   14.55992  -3.31563  1.000 26.26629  ? 54  GLU B CB  1 
ATOM   983  C  CG  . GLU B 1 54 ? 1.67954   13.39877  -4.00547  1.000 32.39457  ? 54  GLU B CG  1 
ATOM   984  C  CD  . GLU B 1 54 ? 1.80292   13.46814  -5.51996  1.000 57.78661  ? 54  GLU B CD  1 
ATOM   985  O  OE1 . GLU B 1 54 ? 2.73445   12.83347  -6.06548  1.000 51.43713  ? 54  GLU B OE1 1 
ATOM   986  O  OE2 . GLU B 1 54 ? 0.98107   14.17431  -6.15880  1.000 56.10332  ? 54  GLU B OE2 1 
ATOM   987  N  N   . ASN B 1 55 ? 4.53089   16.21256  -1.63526  1.000 23.39156  ? 55  ASN B N   1 
ATOM   988  C  CA  . ASN B 1 55 ? 5.15443   17.51132  -1.39967  1.000 20.49417  ? 55  ASN B CA  1 
ATOM   989  C  C   . ASN B 1 55 ? 5.30114   17.73481  0.10380   1.000 20.97455  ? 55  ASN B C   1 
ATOM   990  O  O   . ASN B 1 55 ? 4.95226   16.87489  0.91896   1.000 20.77625  ? 55  ASN B O   1 
ATOM   991  C  CB  . ASN B 1 55 ? 4.34945   18.63610  -2.06086  1.000 24.25257  ? 55  ASN B CB  1 
ATOM   992  C  CG  . ASN B 1 55 ? 2.90844   18.67984  -1.59456  1.000 22.65678  ? 55  ASN B CG  1 
ATOM   993  O  OD1 . ASN B 1 55 ? 2.62582   18.67055  -0.39512  1.000 22.81393  ? 55  ASN B OD1 1 
ATOM   994  N  ND2 . ASN B 1 55 ? 1.98161   18.73110  -2.54772  1.000 23.43880  ? 55  ASN B ND2 1 
ATOM   995  N  N   . LYS B 1 56 ? 5.81390   18.92212  0.46026   1.000 19.75707  ? 56  LYS B N   1 
ATOM   996  C  CA  . LYS B 1 56 ? 6.06229   19.26727  1.85925   1.000 22.55523  ? 56  LYS B CA  1 
ATOM   997  C  C   . LYS B 1 56 ? 4.77512   19.34276  2.67106   1.000 20.80519  ? 56  LYS B C   1 
ATOM   998  O  O   . LYS B 1 56 ? 4.78824   19.05631  3.87735   1.000 19.33260  ? 56  LYS B O   1 
ATOM   999  C  CB  . LYS B 1 56 ? 6.80131   20.60913  1.93697   1.000 25.68088  ? 56  LYS B CB  1 
ATOM   1000 C  CG  . LYS B 1 56 ? 7.35150   21.00731  3.31177   1.000 52.08168  ? 56  LYS B CG  1 
ATOM   1001 C  CD  . LYS B 1 56 ? 7.75402   19.82929  4.18466   1.000 53.03922  ? 56  LYS B CD  1 
ATOM   1002 C  CE  . LYS B 1 56 ? 9.21509   19.48535  3.97488   1.000 55.24815  ? 56  LYS B CE  1 
ATOM   1003 N  NZ  . LYS B 1 56 ? 9.50037   18.08384  4.34919   1.000 27.73133  ? 56  LYS B NZ  1 
ATOM   1004 N  N   . PHE B 1 57 ? 3.66610   19.75922  2.04754   1.000 18.64501  ? 57  PHE B N   1 
ATOM   1005 C  CA  . PHE B 1 57 ? 2.40327   19.83255  2.77994   1.000 24.06711  ? 57  PHE B CA  1 
ATOM   1006 C  C   . PHE B 1 57 ? 1.95256   18.45406  3.22509   1.000 22.48725  ? 57  PHE B C   1 
ATOM   1007 O  O   . PHE B 1 57 ? 1.43037   18.29009  4.33457   1.000 20.14223  ? 57  PHE B O   1 
ATOM   1008 C  CB  . PHE B 1 57 ? 1.31586   20.47057  1.92218   1.000 21.74058  ? 57  PHE B CB  1 
ATOM   1009 C  CG  . PHE B 1 57 ? 1.56412   21.90447  1.60280   1.000 20.63477  ? 57  PHE B CG  1 
ATOM   1010 C  CD1 . PHE B 1 57 ? 1.31693   22.88916  2.54753   1.000 27.88796  ? 57  PHE B CD1 1 
ATOM   1011 C  CD2 . PHE B 1 57 ? 2.06762   22.26991  0.36994   1.000 21.50362  ? 57  PHE B CD2 1 
ATOM   1012 C  CE1 . PHE B 1 57 ? 1.54910   24.22240  2.25592   1.000 30.26519  ? 57  PHE B CE1 1 
ATOM   1013 C  CE2 . PHE B 1 57 ? 2.30099   23.59605  0.07617   1.000 28.47226  ? 57  PHE B CE2 1 
ATOM   1014 C  CZ  . PHE B 1 57 ? 2.03912   24.57340  1.02204   1.000 26.97967  ? 57  PHE B CZ  1 
ATOM   1015 N  N   . GLN B 1 58 ? 2.11188   17.45950  2.35072   1.000 17.53917  ? 58  GLN B N   1 
ATOM   1016 C  CA  . GLN B 1 58 ? 1.74426   16.09704  2.69945   1.000 19.38862  ? 58  GLN B CA  1 
ATOM   1017 C  C   . GLN B 1 58 ? 2.64424   15.56283  3.80403   1.000 16.86236  ? 58  GLN B C   1 
ATOM   1018 O  O   . GLN B 1 58 ? 2.16561   14.90083  4.72786   1.000 17.39218  ? 58  GLN B O   1 
ATOM   1019 C  CB  . GLN B 1 58 ? 1.81786   15.19698  1.46712   1.000 19.15159  ? 58  GLN B CB  1 
ATOM   1020 C  CG  . GLN B 1 58 ? 0.93861   15.60455  0.30854   1.000 24.02518  ? 58  GLN B CG  1 
ATOM   1021 C  CD  . GLN B 1 58 ? -0.52369  15.62703  0.66840   1.000 28.73824  ? 58  GLN B CD  1 
ATOM   1022 O  OE1 . GLN B 1 58 ? -0.97788  14.84735  1.50069   1.000 31.87329  ? 58  GLN B OE1 1 
ATOM   1023 N  NE2 . GLN B 1 58 ? -1.27855  16.50504  0.02099   1.000 28.37678  ? 58  GLN B NE2 1 
ATOM   1024 N  N   . VAL B 1 59 ? 3.94696   15.86239  3.73876   1.000 14.18199  ? 59  VAL B N   1 
ATOM   1025 C  CA  . VAL B 1 59 ? 4.86379   15.43091  4.79206   1.000 15.92086  ? 59  VAL B CA  1 
ATOM   1026 C  C   . VAL B 1 59 ? 4.42929   16.00773  6.13278   1.000 18.53934  ? 59  VAL B C   1 
ATOM   1027 O  O   . VAL B 1 59 ? 4.32103   15.28974  7.13402   1.000 17.87936  ? 59  VAL B O   1 
ATOM   1028 C  CB  . VAL B 1 59 ? 6.30836   15.83591  4.44821   1.000 19.21223  ? 59  VAL B CB  1 
ATOM   1029 C  CG1 . VAL B 1 59 ? 7.23788   15.56034  5.62825   1.000 19.11621  ? 59  VAL B CG1 1 
ATOM   1030 C  CG2 . VAL B 1 59 ? 6.78009   15.10765  3.18861   1.000 16.10527  ? 59  VAL B CG2 1 
ATOM   1031 N  N   . TYR B 1 60 ? 4.15120   17.31329  6.16716   1.000 17.96945  ? 60  TYR B N   1 
ATOM   1032 C  CA  . TYR B 1 60 ? 3.74297   17.93786  7.42122   1.000 16.02796  ? 60  TYR B CA  1 
ATOM   1033 C  C   . TYR B 1 60 ? 2.45087   17.32118  7.95359   1.000 17.19792  ? 60  TYR B C   1 
ATOM   1034 O  O   . TYR B 1 60 ? 2.35335   17.00633  9.14423   1.000 18.24445  ? 60  TYR B O   1 
ATOM   1035 C  CB  . TYR B 1 60 ? 3.58506   19.44855  7.23476   1.000 24.22862  ? 60  TYR B CB  1 
ATOM   1036 C  CG  . TYR B 1 60 ? 3.06463   20.15277  8.47366   1.000 27.69827  ? 60  TYR B CG  1 
ATOM   1037 C  CD1 . TYR B 1 60 ? 3.91986   20.44688  9.53315   1.000 36.33712  ? 60  TYR B CD1 1 
ATOM   1038 C  CD2 . TYR B 1 60 ? 1.72166   20.52373  8.58979   1.000 38.71718  ? 60  TYR B CD2 1 
ATOM   1039 C  CE1 . TYR B 1 60 ? 3.45873   21.08427  10.67366  1.000 37.87574  ? 60  TYR B CE1 1 
ATOM   1040 C  CE2 . TYR B 1 60 ? 1.25265   21.16873  9.73152   1.000 39.62054  ? 60  TYR B CE2 1 
ATOM   1041 C  CZ  . TYR B 1 60 ? 2.13179   21.44299  10.76696  1.000 36.95499  ? 60  TYR B CZ  1 
ATOM   1042 O  OH  . TYR B 1 60 ? 1.69129   22.07790  11.90677  1.000 57.77864  ? 60  TYR B OH  1 
ATOM   1043 N  N   . GLN B 1 61 ? 1.44805   17.12850  7.09102   1.000 19.01989  ? 61  GLN B N   1 
ATOM   1044 C  CA  . GLN B 1 61 ? 0.18196   16.59519  7.58621   1.000 20.78544  ? 61  GLN B CA  1 
ATOM   1045 C  C   . GLN B 1 61 ? 0.29906   15.12542  7.96561   1.000 18.77998  ? 61  GLN B C   1 
ATOM   1046 O  O   . GLN B 1 61 ? -0.36673  14.67681  8.90540   1.000 17.65233  ? 61  GLN B O   1 
ATOM   1047 C  CB  . GLN B 1 61 ? -0.93140  16.77632  6.55943   1.000 19.24613  ? 61  GLN B CB  1 
ATOM   1048 C  CG  . GLN B 1 61 ? -2.31943  16.56301  7.15474   1.000 21.03051  ? 61  GLN B CG  1 
ATOM   1049 C  CD  . GLN B 1 61 ? -2.61938  17.54422  8.26744   1.000 25.08230  ? 61  GLN B CD  1 
ATOM   1050 O  OE1 . GLN B 1 61 ? -2.41454  18.74828  8.11524   1.000 30.81576  ? 61  GLN B OE1 1 
ATOM   1051 N  NE2 . GLN B 1 61 ? -3.07836  17.03373  9.40404   1.000 23.96455  ? 61  GLN B NE2 1 
ATOM   1052 N  N   . ALA B 1 62 ? 1.12052   14.36020  7.24668   1.000 17.36420  ? 62  ALA B N   1 
ATOM   1053 C  CA  . ALA B 1 62 ? 1.33038   12.96716  7.62001   1.000 19.73263  ? 62  ALA B CA  1 
ATOM   1054 C  C   . ALA B 1 62 ? 1.98117   12.86642  8.99261   1.000 18.72684  ? 62  ALA B C   1 
ATOM   1055 O  O   . ALA B 1 62 ? 1.64588   11.97485  9.77911   1.000 19.42563  ? 62  ALA B O   1 
ATOM   1056 C  CB  . ALA B 1 62 ? 2.17906   12.25828  6.56701   1.000 20.52486  ? 62  ALA B CB  1 
ATOM   1057 N  N   . VAL B 1 63 ? 2.90013   13.78646  9.30964   1.000 17.44850  ? 63  VAL B N   1 
ATOM   1058 C  CA  . VAL B 1 63 ? 3.51613   13.78667  10.63736  1.000 18.31516  ? 63  VAL B CA  1 
ATOM   1059 C  C   . VAL B 1 63 ? 2.46520   14.07266  11.70621  1.000 21.31964  ? 63  VAL B C   1 
ATOM   1060 O  O   . VAL B 1 63 ? 2.40777   13.39372  12.73693  1.000 23.05179  ? 63  VAL B O   1 
ATOM   1061 C  CB  . VAL B 1 63 ? 4.67963   14.79422  10.70055  1.000 19.00909  ? 63  VAL B CB  1 
ATOM   1062 C  CG1 . VAL B 1 63 ? 5.13869   14.97927  12.14611  1.000 19.77632  ? 63  VAL B CG1 1 
ATOM   1063 C  CG2 . VAL B 1 63 ? 5.84795   14.32430  9.83963   1.000 18.59084  ? 63  VAL B CG2 1 
ATOM   1064 N  N   . GLN B 1 64 ? 1.61021   15.08009  11.47384  1.000 21.57126  ? 64  GLN B N   1 
ATOM   1065 C  CA  . GLN B 1 64 ? 0.54585   15.38863  12.43194  1.000 21.12456  ? 64  GLN B CA  1 
ATOM   1066 C  C   . GLN B 1 64 ? -0.39400  14.20415  12.62244  1.000 23.75993  ? 64  GLN B C   1 
ATOM   1067 O  O   . GLN B 1 64 ? -0.84134  13.92390  13.74106  1.000 24.03780  ? 64  GLN B O   1 
ATOM   1068 C  CB  . GLN B 1 64 ? -0.26497  16.60928  11.97433  1.000 21.32765  ? 64  GLN B CB  1 
ATOM   1069 C  CG  . GLN B 1 64 ? 0.52130   17.87697  11.71497  1.000 26.66525  ? 64  GLN B CG  1 
ATOM   1070 C  CD  . GLN B 1 64 ? 1.59324   18.13034  12.74418  1.000 40.10954  ? 64  GLN B CD  1 
ATOM   1071 O  OE1 . GLN B 1 64 ? 1.31845   18.15873  13.94720  1.000 38.85433  ? 64  GLN B OE1 1 
ATOM   1072 N  NE2 . GLN B 1 64 ? 2.82928   18.32914  12.28007  1.000 39.04658  ? 64  GLN B NE2 1 
ATOM   1073 N  N   . ASP B 1 65 ? -0.70954  13.50321  11.53840  1.000 15.83161  ? 65  ASP B N   1 
ATOM   1074 C  CA  . ASP B 1 65 ? -1.72241  12.45563  11.56746  1.000 16.55621  ? 65  ASP B CA  1 
ATOM   1075 C  C   . ASP B 1 65 ? -1.20413  11.18145  12.22534  1.000 24.70873  ? 65  ASP B C   1 
ATOM   1076 O  O   . ASP B 1 65 ? -1.95219  10.50141  12.93969  1.000 22.66313  ? 65  ASP B O   1 
ATOM   1077 C  CB  . ASP B 1 65 ? -2.17693  12.16210  10.13656  1.000 22.54585  ? 65  ASP B CB  1 
ATOM   1078 C  CG  . ASP B 1 65 ? -3.12851  13.21771  9.59281   1.000 35.27379  ? 65  ASP B CG  1 
ATOM   1079 O  OD1 . ASP B 1 65 ? -3.31327  14.26027  10.26047  1.000 27.55840  ? 65  ASP B OD1 1 
ATOM   1080 O  OD2 . ASP B 1 65 ? -3.64268  13.03275  8.46530   1.000 28.90446  ? 65  ASP B OD2 1 
ATOM   1081 N  N   . PHE B 1 66 ? 0.07106   10.83983  11.99282  1.000 17.43928  ? 66  PHE B N   1 
ATOM   1082 C  CA  . PHE B 1 66 ? 0.58131   9.51030   12.29837  1.000 20.46346  ? 66  PHE B CA  1 
ATOM   1083 C  C   . PHE B 1 66 ? 1.64275   9.45572   13.39033  1.000 20.44825  ? 66  PHE B C   1 
ATOM   1084 O  O   . PHE B 1 66 ? 1.83819   8.38160   13.96637  1.000 18.92593  ? 66  PHE B O   1 
ATOM   1085 C  CB  . PHE B 1 66 ? 1.15779   8.85527   11.03147  1.000 20.21693  ? 66  PHE B CB  1 
ATOM   1086 C  CG  . PHE B 1 66 ? 0.12579   8.55473   9.97997   1.000 19.89945  ? 66  PHE B CG  1 
ATOM   1087 C  CD1 . PHE B 1 66 ? -0.85422  7.60605   10.21091  1.000 31.65232  ? 66  PHE B CD1 1 
ATOM   1088 C  CD2 . PHE B 1 66 ? 0.14692   9.20712   8.76059   1.000 22.35199  ? 66  PHE B CD2 1 
ATOM   1089 C  CE1 . PHE B 1 66 ? -1.80694  7.32159   9.24398   1.000 29.40348  ? 66  PHE B CE1 1 
ATOM   1090 C  CE2 . PHE B 1 66 ? -0.80208  8.93065   7.79120   1.000 21.01810  ? 66  PHE B CE2 1 
ATOM   1091 C  CZ  . PHE B 1 66 ? -1.77949  7.98645   8.03567   1.000 29.05658  ? 66  PHE B CZ  1 
ATOM   1092 N  N   . ASN B 1 67 ? 2.34728   10.54903  13.67919  1.000 17.23844  ? 67  ASN B N   1 
ATOM   1093 C  CA  . ASN B 1 67 ? 3.33304   10.49653  14.75395  1.000 17.05423  ? 67  ASN B CA  1 
ATOM   1094 C  C   . ASN B 1 67 ? 2.64515   10.18291  16.07716  1.000 25.45008  ? 67  ASN B C   1 
ATOM   1095 O  O   . ASN B 1 67 ? 1.71117   10.88211  16.48186  1.000 22.35025  ? 67  ASN B O   1 
ATOM   1096 C  CB  . ASN B 1 67 ? 4.10086   11.80916  14.86799  1.000 19.18177  ? 67  ASN B CB  1 
ATOM   1097 C  CG  . ASN B 1 67 ? 5.28438   11.70271  15.82137  1.000 22.11723  ? 67  ASN B CG  1 
ATOM   1098 O  OD1 . ASN B 1 67 ? 5.95744   10.67886  15.87019  1.000 17.64521  ? 67  ASN B OD1 1 
ATOM   1099 N  ND2 . ASN B 1 67 ? 5.53834   12.75910  16.58566  1.000 20.72534  ? 67  ASN B ND2 1 
ATOM   1100 N  N   . GLY B 1 68 ? 3.11674   9.13537   16.75019  1.000 20.21787  ? 68  GLY B N   1 
ATOM   1101 C  CA  . GLY B 1 68 ? 2.56788   8.71453   18.02068  1.000 20.19571  ? 68  GLY B CA  1 
ATOM   1102 C  C   . GLY B 1 68 ? 1.41032   7.74041   17.93532  1.000 26.34341  ? 68  GLY B C   1 
ATOM   1103 O  O   . GLY B 1 68 ? 0.94009   7.27787   18.98053  1.000 27.06207  ? 68  GLY B O   1 
ATOM   1104 N  N   . LYS B 1 69 ? 0.92860   7.42059   16.73594  1.000 22.45809  ? 69  LYS B N   1 
ATOM   1105 C  CA  . LYS B 1 69 ? -0.22517  6.53604   16.60207  1.000 22.41572  ? 69  LYS B CA  1 
ATOM   1106 C  C   . LYS B 1 69 ? 0.07498   5.16691   17.20146  1.000 25.90433  ? 69  LYS B C   1 
ATOM   1107 O  O   . LYS B 1 69 ? 1.10904   4.56332   16.90666  1.000 22.57563  ? 69  LYS B O   1 
ATOM   1108 C  CB  . LYS B 1 69 ? -0.60565  6.39285   15.12750  1.000 25.73133  ? 69  LYS B CB  1 
ATOM   1109 C  CG  . LYS B 1 69 ? -1.96443  5.75738   14.87571  1.000 39.72348  ? 69  LYS B CG  1 
ATOM   1110 C  CD  . LYS B 1 69 ? -2.03469  5.17794   13.45860  1.000 39.90571  ? 69  LYS B CD  1 
ATOM   1111 C  CE  . LYS B 1 69 ? -3.37080  4.49062   13.18468  1.000 56.75136  ? 69  LYS B CE  1 
ATOM   1112 N  NZ  . LYS B 1 69 ? -3.85876  4.74922   11.79847  1.000 44.74415  ? 69  LYS B NZ  1 
ATOM   1113 N  N   . LYS B 1 70 ? -0.83291  4.68029   18.04986  1.000 26.85522  ? 70  LYS B N   1 
ATOM   1114 C  CA  . LYS B 1 70 ? -0.68343  3.37909   18.69443  1.000 30.18134  ? 70  LYS B CA  1 
ATOM   1115 C  C   . LYS B 1 70 ? -1.27078  2.30727   17.78961  1.000 30.90280  ? 70  LYS B C   1 
ATOM   1116 O  O   . LYS B 1 70 ? -2.45523  2.36388   17.44318  1.000 38.68234  ? 70  LYS B O   1 
ATOM   1117 C  CB  . LYS B 1 70 ? -1.37148  3.35386   20.05962  1.000 32.38629  ? 70  LYS B CB  1 
ATOM   1118 C  CG  . LYS B 1 70 ? -0.53762  2.71864   21.16132  1.000 44.01074  ? 70  LYS B CG  1 
ATOM   1119 C  CD  . LYS B 1 70 ? -1.38246  2.30036   22.36695  1.000 48.76470  ? 70  LYS B CD  1 
ATOM   1120 C  CE  . LYS B 1 70 ? -2.39329  3.37572   22.75213  1.000 72.70062  ? 70  LYS B CE  1 
ATOM   1121 N  NZ  . LYS B 1 70 ? -2.83543  3.27411   24.17626  1.000 62.80554  ? 70  LYS B NZ  1 
ATOM   1122 N  N   . LEU B 1 71 ? -0.44259  1.34145   17.40032  1.000 25.25507  ? 71  LEU B N   1 
ATOM   1123 C  CA  . LEU B 1 71 ? -0.90199  0.25645   16.54694  1.000 27.15269  ? 71  LEU B CA  1 
ATOM   1124 C  C   . LEU B 1 71 ? -1.34002  -0.95156  17.36420  1.000 28.00780  ? 71  LEU B C   1 
ATOM   1125 O  O   . LEU B 1 71 ? -2.30933  -1.62355  17.00220  1.000 39.94072  ? 71  LEU B O   1 
ATOM   1126 C  CB  . LEU B 1 71 ? 0.19900   -0.12820  15.55501  1.000 34.19587  ? 71  LEU B CB  1 
ATOM   1127 C  CG  . LEU B 1 71 ? 0.67212   1.02124   14.65545  1.000 29.87166  ? 71  LEU B CG  1 
ATOM   1128 C  CD1 . LEU B 1 71 ? 1.69876   0.53312   13.65123  1.000 28.06431  ? 71  LEU B CD1 1 
ATOM   1129 C  CD2 . LEU B 1 71 ? -0.49712  1.64178   13.93888  1.000 23.61897  ? 71  LEU B CD2 1 
ATOM   1130 N  N   . ASP B 1 72 ? -0.65105  -1.22623  18.46604  1.000 33.00475  ? 72  ASP B N   1 
ATOM   1131 C  CA  . ASP B 1 72 ? -1.03286  -2.26826  19.41322  1.000 34.45569  ? 72  ASP B CA  1 
ATOM   1132 C  C   . ASP B 1 72 ? -0.32571  -1.98837  20.73638  1.000 43.40366  ? 72  ASP B C   1 
ATOM   1133 O  O   . ASP B 1 72 ? 0.24326   -0.91059  20.94213  1.000 36.90663  ? 72  ASP B O   1 
ATOM   1134 C  CB  . ASP B 1 72 ? -0.74440  -3.66924  18.84810  1.000 41.02855  ? 72  ASP B CB  1 
ATOM   1135 C  CG  . ASP B 1 72 ? 0.74617   -4.01203  18.77833  1.000 44.75784  ? 72  ASP B CG  1 
ATOM   1136 O  OD1 . ASP B 1 72 ? 1.59871   -3.29655  19.34243  1.000 53.77207  ? 72  ASP B OD1 1 
ATOM   1137 O  OD2 . ASP B 1 72 ? 1.07177   -5.03722  18.14412  1.000 56.36511  ? 72  ASP B OD2 1 
ATOM   1138 N  N   . ARG B 1 73 ? -0.34597  -2.97564  21.63288  1.000 51.28728  ? 73  ARG B N   1 
ATOM   1139 C  CA  . ARG B 1 73 ? 0.22893   -2.78412  22.95910  1.000 48.87972  ? 73  ARG B CA  1 
ATOM   1140 C  C   . ARG B 1 73 ? 1.72522   -2.50130  22.88954  1.000 41.88999  ? 73  ARG B C   1 
ATOM   1141 O  O   . ARG B 1 73 ? 2.25566   -1.75987  23.72323  1.000 48.94104  ? 73  ARG B O   1 
ATOM   1142 C  CB  . ARG B 1 73 ? -0.05871  -4.01879  23.82153  1.000 62.74146  ? 73  ARG B CB  1 
ATOM   1143 C  CG  . ARG B 1 73 ? -0.05803  -3.77808  25.32801  1.000 82.18015  ? 73  ARG B CG  1 
ATOM   1144 C  CD  . ARG B 1 73 ? 1.32442   -3.97944  25.92641  1.000 79.13265  ? 73  ARG B CD  1 
ATOM   1145 N  NE  . ARG B 1 73 ? 1.26520   -4.26555  27.35435  1.000 90.64584  ? 73  ARG B NE  1 
ATOM   1146 C  CZ  . ARG B 1 73 ? 2.31495   -4.60024  28.09136  1.000 98.33514  ? 73  ARG B CZ  1 
ATOM   1147 N  NH1 . ARG B 1 73 ? 3.52589   -4.69530  27.56593  1.000 95.33909  ? 73  ARG B NH1 1 
ATOM   1148 N  NH2 . ARG B 1 73 ? 2.14562   -4.84769  29.38699  1.000 106.15644 ? 73  ARG B NH2 1 
ATOM   1149 N  N   . ASN B 1 74 ? 2.41621   -3.05479  21.89662  1.000 40.09425  ? 74  ASN B N   1 
ATOM   1150 C  CA  . ASN B 1 74 ? 3.86980   -2.99930  21.83953  1.000 40.84466  ? 74  ASN B CA  1 
ATOM   1151 C  C   . ASN B 1 74 ? 4.41541   -2.08628  20.74553  1.000 45.20328  ? 74  ASN B C   1 
ATOM   1152 O  O   . ASN B 1 74 ? 5.63857   -1.93750  20.64447  1.000 42.31961  ? 74  ASN B O   1 
ATOM   1153 C  CB  . ASN B 1 74 ? 4.43819   -4.41518  21.65128  1.000 47.84374  ? 74  ASN B CB  1 
ATOM   1154 C  CG  . ASN B 1 74 ? 3.96357   -5.39345  22.72686  1.000 56.26093  ? 74  ASN B CG  1 
ATOM   1155 O  OD1 . ASN B 1 74 ? 3.83931   -5.03880  23.90127  1.000 54.79182  ? 74  ASN B OD1 1 
ATOM   1156 N  ND2 . ASN B 1 74 ? 3.70612   -6.63353  22.32392  1.000 53.39147  ? 74  ASN B ND2 1 
ATOM   1157 N  N   . HIS B 1 75 ? 3.56246   -1.46888  19.92770  1.000 33.72466  ? 75  HIS B N   1 
ATOM   1158 C  CA  . HIS B 1 75 ? 4.02627   -0.72235  18.76184  1.000 25.83078  ? 75  HIS B CA  1 
ATOM   1159 C  C   . HIS B 1 75 ? 3.33365   0.62805   18.68946  1.000 28.44149  ? 75  HIS B C   1 
ATOM   1160 O  O   . HIS B 1 75 ? 2.10503   0.70254   18.74873  1.000 31.03320  ? 75  HIS B O   1 
ATOM   1161 C  CB  . HIS B 1 75 ? 3.76314   -1.50557  17.47698  1.000 27.80423  ? 75  HIS B CB  1 
ATOM   1162 C  CG  . HIS B 1 75 ? 4.45506   -2.82905  17.43392  1.000 27.60327  ? 75  HIS B CG  1 
ATOM   1163 N  ND1 . HIS B 1 75 ? 3.86653   -3.98612  17.89622  1.000 38.66866  ? 75  HIS B ND1 1 
ATOM   1164 C  CD2 . HIS B 1 75 ? 5.68806   -3.18049  16.99969  1.000 32.41601  ? 75  HIS B CD2 1 
ATOM   1165 C  CE1 . HIS B 1 75 ? 4.70446   -4.99531  17.74118  1.000 42.10023  ? 75  HIS B CE1 1 
ATOM   1166 N  NE2 . HIS B 1 75 ? 5.81733   -4.53377  17.19951  1.000 39.90792  ? 75  HIS B NE2 1 
ATOM   1167 N  N   . LYS B 1 76 ? 4.12566   1.68783   18.55639  1.000 28.77898  ? 76  LYS B N   1 
ATOM   1168 C  CA  . LYS B 1 76 ? 3.63312   3.03641   18.32801  1.000 26.75281  ? 76  LYS B CA  1 
ATOM   1169 C  C   . LYS B 1 76 ? 4.51809   3.67161   17.26702  1.000 24.67811  ? 76  LYS B C   1 
ATOM   1170 O  O   . LYS B 1 76 ? 5.72158   3.40980   17.22414  1.000 25.96643  ? 76  LYS B O   1 
ATOM   1171 C  CB  . LYS B 1 76 ? 3.63477   3.85472   19.62498  1.000 27.31189  ? 76  LYS B CB  1 
ATOM   1172 C  CG  . LYS B 1 76 ? 5.02884   4.11100   20.18203  1.000 43.19291  ? 76  LYS B CG  1 
ATOM   1173 C  CD  . LYS B 1 76 ? 5.02885   5.01168   21.41221  1.000 45.65366  ? 76  LYS B CD  1 
ATOM   1174 C  CE  . LYS B 1 76 ? 6.45858   5.40891   21.79748  1.000 47.14259  ? 76  LYS B CE  1 
ATOM   1175 N  NZ  . LYS B 1 76 ? 7.28943   5.78925   20.60717  1.000 49.82490  ? 76  LYS B NZ  1 
ATOM   1176 N  N   . LEU B 1 77 ? 3.91966   4.47574   16.39352  1.000 21.68114  ? 77  LEU B N   1 
ATOM   1177 C  CA  . LEU B 1 77 ? 4.65832   5.04769   15.27145  1.000 16.66717  ? 77  LEU B CA  1 
ATOM   1178 C  C   . LEU B 1 77 ? 5.45149   6.28125   15.68368  1.000 20.08494  ? 77  LEU B C   1 
ATOM   1179 O  O   . LEU B 1 77 ? 4.95716   7.14346   16.41370  1.000 25.72025  ? 77  LEU B O   1 
ATOM   1180 C  CB  . LEU B 1 77 ? 3.71485   5.43490   14.13039  1.000 17.08068  ? 77  LEU B CB  1 
ATOM   1181 C  CG  . LEU B 1 77 ? 3.01229   4.35805   13.32209  1.000 16.06297  ? 77  LEU B CG  1 
ATOM   1182 C  CD1 . LEU B 1 77 ? 2.16784   4.99364   12.22834  1.000 22.23237  ? 77  LEU B CD1 1 
ATOM   1183 C  CD2 . LEU B 1 77 ? 4.05460   3.44304   12.72989  1.000 22.26721  ? 77  LEU B CD2 1 
ATOM   1184 N  N   . GLN B 1 78 ? 6.68374   6.36687   15.18266  1.000 20.02042  ? 78  GLN B N   1 
ATOM   1185 C  CA  . GLN B 1 78 ? 7.47372   7.59213   15.18146  1.000 21.58362  ? 78  GLN B CA  1 
ATOM   1186 C  C   . GLN B 1 78 ? 7.58684   8.07381   13.73536  1.000 23.24420  ? 78  GLN B C   1 
ATOM   1187 O  O   . GLN B 1 78 ? 8.12907   7.35703   12.88666  1.000 18.92137  ? 78  GLN B O   1 
ATOM   1188 C  CB  . GLN B 1 78 ? 8.85456   7.34285   15.78889  1.000 22.73894  ? 78  GLN B CB  1 
ATOM   1189 C  CG  . GLN B 1 78 ? 8.82430   6.71750   17.18842  1.000 41.05714  ? 78  GLN B CG  1 
ATOM   1190 C  CD  . GLN B 1 78 ? 9.11193   5.20831   17.19144  1.000 62.75499  ? 78  GLN B CD  1 
ATOM   1191 O  OE1 . GLN B 1 78 ? 10.09814  4.74383   16.60760  1.000 52.95973  ? 78  GLN B OE1 1 
ATOM   1192 N  NE2 . GLN B 1 78 ? 8.25677   4.44175   17.87774  1.000 38.29185  ? 78  GLN B NE2 1 
ATOM   1193 N  N   . VAL B 1 79 ? 7.05843   9.27119   13.45539  1.000 21.29658  ? 79  VAL B N   1 
ATOM   1194 C  CA  . VAL B 1 79 ? 7.01022   9.83999   12.10905  1.000 16.07732  ? 79  VAL B CA  1 
ATOM   1195 C  C   . VAL B 1 79 ? 7.60191   11.24294  12.15125  1.000 16.52410  ? 79  VAL B C   1 
ATOM   1196 O  O   . VAL B 1 79 ? 7.24539   12.04546  13.02070  1.000 18.69037  ? 79  VAL B O   1 
ATOM   1197 C  CB  . VAL B 1 79 ? 5.56951   9.87879   11.56095  1.000 16.82870  ? 79  VAL B CB  1 
ATOM   1198 C  CG1 . VAL B 1 79 ? 5.54887   10.37581  10.11953  1.000 15.60042  ? 79  VAL B CG1 1 
ATOM   1199 C  CG2 . VAL B 1 79 ? 4.93158   8.50282   11.66102  1.000 18.49594  ? 79  VAL B CG2 1 
ATOM   1200 N  N   . SER B 1 80 ? 8.50408   11.54378  11.21926  1.000 13.77201  ? 80  SER B N   1 
ATOM   1201 C  CA  . SER B 1 80 ? 9.06379   12.88759  11.15744  1.000 20.04618  ? 80  SER B CA  1 
ATOM   1202 C  C   . SER B 1 80 ? 9.45493   13.23400  9.72812   1.000 16.35107  ? 80  SER B C   1 
ATOM   1203 O  O   . SER B 1 80 ? 9.61005   12.36254  8.87106   1.000 16.77693  ? 80  SER B O   1 
ATOM   1204 C  CB  . SER B 1 80 ? 10.27713  13.02432  12.08395  1.000 28.73763  ? 80  SER B CB  1 
ATOM   1205 O  OG  . SER B 1 80 ? 11.28361  12.08630  11.74436  1.000 24.38537  ? 80  SER B OG  1 
ATOM   1206 N  N   . SER B 1 81 ? 9.62848   14.52715  9.48394   1.000 13.61942  ? 81  SER B N   1 
ATOM   1207 C  CA  . SER B 1 81 ? 10.19497  14.95867  8.21693   1.000 19.26605  ? 81  SER B CA  1 
ATOM   1208 C  C   . SER B 1 81 ? 11.63304  14.45325  8.11003   1.000 25.43551  ? 81  SER B C   1 
ATOM   1209 O  O   . SER B 1 81 ? 12.38838  14.48503  9.08556   1.000 24.45965  ? 81  SER B O   1 
ATOM   1210 C  CB  . SER B 1 81 ? 10.14937  16.48677  8.12551   1.000 20.10636  ? 81  SER B CB  1 
ATOM   1211 O  OG  . SER B 1 81 ? 10.76529  16.94140  6.93663   1.000 33.00274  ? 81  SER B OG  1 
ATOM   1212 N  N   . LEU B 1 82 ? 12.01384  13.97039  6.92159   1.000 23.38182  ? 82  LEU B N   1 
ATOM   1213 C  CA  . LEU B 1 82 ? 13.38786  13.51190  6.72189   1.000 20.24600  ? 82  LEU B CA  1 
ATOM   1214 C  C   . LEU B 1 82 ? 14.38013  14.65730  6.87384   1.000 26.62609  ? 82  LEU B C   1 
ATOM   1215 O  O   . LEU B 1 82 ? 15.38081  14.53237  7.58877   1.000 37.02481  ? 82  LEU B O   1 
ATOM   1216 C  CB  . LEU B 1 82 ? 13.54070  12.85108  5.35416   1.000 22.06609  ? 82  LEU B CB  1 
ATOM   1217 C  CG  . LEU B 1 82 ? 14.96245  12.36975  5.05948   1.000 24.52244  ? 82  LEU B CG  1 
ATOM   1218 C  CD1 . LEU B 1 82 ? 15.32001  11.22067  5.97186   1.000 28.30074  ? 82  LEU B CD1 1 
ATOM   1219 C  CD2 . LEU B 1 82 ? 15.06945  11.93624  3.61104   1.000 26.46088  ? 82  LEU B CD2 1 
ATOM   1220 N  N   . VAL B 1 83 ? 14.12732  15.78055  6.19912   1.000 33.00804  ? 83  VAL B N   1 
ATOM   1221 C  CA  . VAL B 1 83 ? 14.95326  16.97234  6.35142   1.000 35.72878  ? 83  VAL B CA  1 
ATOM   1222 C  C   . VAL B 1 83 ? 14.33118  17.86395  7.41191   1.000 46.65576  ? 83  VAL B C   1 
ATOM   1223 O  O   . VAL B 1 83 ? 13.10581  18.03511  7.46889   1.000 38.24231  ? 83  VAL B O   1 
ATOM   1224 C  CB  . VAL B 1 83 ? 15.12668  17.71966  5.01293   1.000 41.33267  ? 83  VAL B CB  1 
ATOM   1225 C  CG1 . VAL B 1 83 ? 15.54772  16.75573  3.91926   1.000 42.21778  ? 83  VAL B CG1 1 
ATOM   1226 C  CG2 . VAL B 1 83 ? 13.84113  18.44903  4.60953   1.000 44.27555  ? 83  VAL B CG2 1 
ATOM   1227 N  N   . VAL B 1 84 ? 15.18226  18.41220  8.27318   1.000 55.34297  ? 84  VAL B N   1 
ATOM   1228 C  CA  . VAL B 1 84 ? 14.74318  19.26283  9.37122   1.000 74.47512  ? 84  VAL B CA  1 
ATOM   1229 C  C   . VAL B 1 84 ? 14.91788  20.73770  9.01519   1.000 92.43056  ? 84  VAL B C   1 
ATOM   1230 O  O   . VAL B 1 84 ? 15.81343  21.11052  8.25405   1.000 92.79734  ? 84  VAL B O   1 
ATOM   1231 C  CB  . VAL B 1 84 ? 15.50240  18.92473  10.66806  1.000 70.43054  ? 84  VAL B CB  1 
ATOM   1232 O  OXT . VAL B 1 84 ? 14.16709  21.59485  9.48483   1.000 84.01735  ? 84  VAL B OXT 1 
HETATM 1233 CL CL  . CL  C 2 .  ? -7.96572  -2.04273  -17.78259 1.000 50.05899  ? 101 CL  A CL  1 
HETATM 1234 CL CL  . CL  D 2 .  ? -6.84440  4.94832   -1.52899  1.000 65.52754  ? 102 CL  A CL  1 
HETATM 1235 O  O   . HOH E 3 .  ? -9.66165  2.90179   -18.52819 1.000 40.02031  ? 201 HOH A O   1 
HETATM 1236 O  O   . HOH E 3 .  ? -18.83879 -12.99356 -3.83097  1.000 47.16481  ? 202 HOH A O   1 
HETATM 1237 O  O   . HOH E 3 .  ? -3.99910  0.11000   -13.17570 1.000 31.05812  ? 203 HOH A O   1 
HETATM 1238 O  O   . HOH E 3 .  ? -15.93762 -1.96213  -13.03056 1.000 34.81182  ? 204 HOH A O   1 
HETATM 1239 O  O   . HOH E 3 .  ? -12.10284 -9.64563  -11.78909 1.000 38.05118  ? 205 HOH A O   1 
HETATM 1240 O  O   . HOH E 3 .  ? -3.33541  -11.35591 2.07450   1.000 26.12499  ? 206 HOH A O   1 
HETATM 1241 O  O   . HOH E 3 .  ? -6.23185  -17.17174 -7.39433  1.000 21.24225  ? 207 HOH A O   1 
HETATM 1242 O  O   . HOH E 3 .  ? -7.69769  -18.64727 -5.22452  1.000 24.53712  ? 208 HOH A O   1 
HETATM 1243 O  O   . HOH E 3 .  ? -11.22054 -14.61907 -12.32681 1.000 32.28141  ? 209 HOH A O   1 
HETATM 1244 O  O   . HOH E 3 .  ? -0.14734  -16.21027 -13.41341 1.000 44.81620  ? 210 HOH A O   1 
HETATM 1245 O  O   . HOH E 3 .  ? -18.35047 -6.16000  -9.90844  1.000 46.54250  ? 211 HOH A O   1 
HETATM 1246 O  O   . HOH E 3 .  ? -9.59899  -0.79630  2.11077   1.000 36.03570  ? 212 HOH A O   1 
HETATM 1247 O  O   . HOH E 3 .  ? 3.16723   -20.47474 -10.18569 1.000 52.71627  ? 213 HOH A O   1 
HETATM 1248 O  O   . HOH E 3 .  ? -14.00979 -3.46640  -14.24181 1.000 38.02298  ? 214 HOH A O   1 
HETATM 1249 O  O   . HOH E 3 .  ? -3.30904  -20.69255 -0.66480  1.000 35.69203  ? 215 HOH A O   1 
HETATM 1250 O  O   . HOH E 3 .  ? -6.90626  -14.18881 -16.26858 1.000 27.65393  ? 216 HOH A O   1 
HETATM 1251 O  O   . HOH E 3 .  ? -5.80655  -0.48392  -20.50745 1.000 47.76854  ? 217 HOH A O   1 
HETATM 1252 O  O   . HOH E 3 .  ? -18.56572 -5.69337  -1.98836  1.000 44.23744  ? 218 HOH A O   1 
HETATM 1253 O  O   . HOH E 3 .  ? 2.94060   -3.51533  -15.66838 1.000 46.39094  ? 219 HOH A O   1 
HETATM 1254 O  O   . HOH E 3 .  ? -5.55848  -17.22067 6.25308   1.000 35.36732  ? 220 HOH A O   1 
HETATM 1255 O  O   . HOH E 3 .  ? 3.24571   -3.71720  -12.49901 1.000 37.61172  ? 221 HOH A O   1 
HETATM 1256 O  O   . HOH E 3 .  ? -15.28730 10.17727  -10.75376 1.000 49.28746  ? 222 HOH A O   1 
HETATM 1257 O  O   . HOH E 3 .  ? -0.30544  5.77181   -3.22692  1.000 23.81370  ? 223 HOH A O   1 
HETATM 1258 O  O   . HOH E 3 .  ? -1.90268  6.21282   -5.78749  1.000 32.60934  ? 224 HOH A O   1 
HETATM 1259 O  O   . HOH E 3 .  ? -15.73326 -12.66007 -8.39105  1.000 27.18542  ? 225 HOH A O   1 
HETATM 1260 O  O   . HOH E 3 .  ? -3.65455  2.56024   -12.53600 1.000 38.81937  ? 226 HOH A O   1 
HETATM 1261 O  O   . HOH E 3 .  ? -10.06665 -18.37664 -3.22100  1.000 34.12841  ? 227 HOH A O   1 
HETATM 1262 O  O   . HOH E 3 .  ? -12.21338 -17.10472 3.25469   1.000 37.06960  ? 228 HOH A O   1 
HETATM 1263 O  O   . HOH E 3 .  ? 10.37145  -5.52129  -8.88574  1.000 55.67038  ? 229 HOH A O   1 
HETATM 1264 O  O   . HOH E 3 .  ? -15.39231 1.27802   -12.78980 1.000 30.87884  ? 230 HOH A O   1 
HETATM 1265 O  O   . HOH E 3 .  ? -11.17239 -7.85518  -13.65947 1.000 39.16907  ? 231 HOH A O   1 
HETATM 1266 O  O   . HOH E 3 .  ? -4.16174  -10.78501 4.83987   1.000 29.43341  ? 232 HOH A O   1 
HETATM 1267 O  O   . HOH E 3 .  ? -14.20593 3.66255   -14.55289 1.000 33.35082  ? 233 HOH A O   1 
HETATM 1268 O  O   . HOH E 3 .  ? -6.49588  -8.09220  -13.99936 1.000 40.57657  ? 234 HOH A O   1 
HETATM 1269 O  O   . HOH E 3 .  ? -14.03606 -14.90637 -7.73888  1.000 27.33425  ? 235 HOH A O   1 
HETATM 1270 O  O   . HOH E 3 .  ? -19.12663 -8.91801  -3.17499  1.000 39.90602  ? 236 HOH A O   1 
HETATM 1271 O  O   . HOH E 3 .  ? -19.23175 -10.78513 -4.81620  1.000 38.18779  ? 237 HOH A O   1 
HETATM 1272 O  O   . HOH E 3 .  ? -1.10290  -6.79724  -19.54719 1.000 40.07543  ? 238 HOH A O   1 
HETATM 1273 O  O   . HOH E 3 .  ? -10.00700 6.50680   -14.46053 1.000 37.41213  ? 239 HOH A O   1 
HETATM 1274 O  O   . HOH E 3 .  ? -12.11046 -1.42956  -15.57641 1.000 40.99411  ? 240 HOH A O   1 
HETATM 1275 O  O   . HOH E 3 .  ? -14.37847 -9.27910  6.51887   1.000 41.42174  ? 241 HOH A O   1 
HETATM 1276 O  O   . HOH E 3 .  ? -10.41531 -2.57868  -16.92650 1.000 38.61428  ? 242 HOH A O   1 
HETATM 1277 O  O   . HOH E 3 .  ? -17.76223 -13.61509 -6.61567  1.000 48.23256  ? 243 HOH A O   1 
HETATM 1278 O  O   . HOH E 3 .  ? -12.43399 -18.01525 -4.66180  1.000 36.51127  ? 244 HOH A O   1 
HETATM 1279 O  O   . HOH E 3 .  ? -12.33301 -19.63017 -16.38735 1.000 46.11142  ? 245 HOH A O   1 
HETATM 1280 O  O   . HOH E 3 .  ? -11.25481 -20.77801 -2.28776  1.000 52.05907  ? 246 HOH A O   1 
HETATM 1281 O  O   . HOH E 3 .  ? 0.44795   -6.65658  6.13440   1.000 48.03608  ? 247 HOH A O   1 
HETATM 1282 O  O   . HOH E 3 .  ? -9.18922  -7.81287  -14.91330 1.000 42.73070  ? 248 HOH A O   1 
HETATM 1283 O  O   . HOH E 3 .  ? -12.72595 -21.04595 -0.62679  1.000 52.57032  ? 249 HOH A O   1 
HETATM 1284 O  O   . HOH F 3 .  ? -0.58590  18.13657  15.09799  1.000 46.95977  ? 101 HOH B O   1 
HETATM 1285 O  O   . HOH F 3 .  ? 10.90452  -2.02934  7.98094   1.000 24.11502  ? 102 HOH B O   1 
HETATM 1286 O  O   . HOH F 3 .  ? 16.85363  11.46498  -3.21752  1.000 46.03936  ? 103 HOH B O   1 
HETATM 1287 O  O   . HOH F 3 .  ? 11.28142  9.72406   12.93348  1.000 43.42648  ? 104 HOH B O   1 
HETATM 1288 O  O   . HOH F 3 .  ? 11.63086  15.82788  4.27651   1.000 25.38089  ? 105 HOH B O   1 
HETATM 1289 O  O   . HOH F 3 .  ? 9.36422   -4.33862  8.16745   1.000 33.40494  ? 106 HOH B O   1 
HETATM 1290 O  O   . HOH F 3 .  ? 13.79028  -4.00250  15.54652  1.000 31.83615  ? 107 HOH B O   1 
HETATM 1291 O  O   . HOH F 3 .  ? -1.05828  18.79853  -1.31328  1.000 35.91583  ? 108 HOH B O   1 
HETATM 1292 O  O   . HOH F 3 .  ? 7.79883   12.22034  -4.32252  1.000 31.20570  ? 109 HOH B O   1 
HETATM 1293 O  O   . HOH F 3 .  ? 6.57740   6.53691   -8.18823  1.000 35.46670  ? 110 HOH B O   1 
HETATM 1294 O  O   . HOH F 3 .  ? 0.38403   20.54913  5.39027   1.000 34.22698  ? 111 HOH B O   1 
HETATM 1295 O  O   . HOH F 3 .  ? 17.11636  -2.97828  11.94851  1.000 26.12568  ? 112 HOH B O   1 
HETATM 1296 O  O   . HOH F 3 .  ? -5.68270  14.46972  7.37665   1.000 37.58534  ? 113 HOH B O   1 
HETATM 1297 O  O   . HOH F 3 .  ? 16.05119  12.98348  9.77967   1.000 41.86970  ? 114 HOH B O   1 
HETATM 1298 O  O   . HOH F 3 .  ? 7.95626   14.54533  13.98310  1.000 26.28048  ? 115 HOH B O   1 
HETATM 1299 O  O   . HOH F 3 .  ? -4.49948  1.41769   7.03244   1.000 38.91316  ? 116 HOH B O   1 
HETATM 1300 O  O   . HOH F 3 .  ? 8.95429   16.21956  11.60341  1.000 27.00107  ? 117 HOH B O   1 
HETATM 1301 O  O   . HOH F 3 .  ? 1.46308   12.38568  -0.71686  1.000 22.66736  ? 118 HOH B O   1 
HETATM 1302 O  O   . HOH F 3 .  ? 13.87902  5.71139   8.47071   1.000 31.84494  ? 119 HOH B O   1 
HETATM 1303 O  O   . HOH F 3 .  ? 18.41453  16.92982  1.49392   1.000 30.12534  ? 120 HOH B O   1 
HETATM 1304 O  O   . HOH F 3 .  ? -4.00163  5.03087   7.69801   1.000 29.17815  ? 121 HOH B O   1 
HETATM 1305 O  O   . HOH F 3 .  ? -5.84614  10.91701  -0.74176  1.000 30.28466  ? 122 HOH B O   1 
HETATM 1306 O  O   . HOH F 3 .  ? 3.80642   7.38392   -8.30628  1.000 38.77992  ? 123 HOH B O   1 
HETATM 1307 O  O   . HOH F 3 .  ? 3.06859   15.70304  -7.39430  1.000 40.30791  ? 124 HOH B O   1 
HETATM 1308 O  O   . HOH F 3 .  ? -1.44546  12.44668  -0.73766  1.000 26.11891  ? 125 HOH B O   1 
HETATM 1309 O  O   . HOH F 3 .  ? 0.88032   -5.58621  2.85073   1.000 22.36508  ? 126 HOH B O   1 
HETATM 1310 O  O   . HOH F 3 .  ? -1.35981  -5.35699  5.67631   1.000 35.25665  ? 127 HOH B O   1 
HETATM 1311 O  O   . HOH F 3 .  ? 19.97150  1.22762   6.22100   1.000 47.23104  ? 128 HOH B O   1 
HETATM 1312 O  O   . HOH F 3 .  ? 6.73839   20.90643  -1.44858  1.000 40.28039  ? 129 HOH B O   1 
HETATM 1313 O  O   . HOH F 3 .  ? 7.28810   0.58112   18.45807  1.000 35.32428  ? 130 HOH B O   1 
HETATM 1314 O  O   . HOH F 3 .  ? 16.16149  -1.07461  1.12502   1.000 34.17168  ? 131 HOH B O   1 
HETATM 1315 O  O   . HOH F 3 .  ? 2.46162   -6.17699  4.98471   1.000 33.57477  ? 132 HOH B O   1 
HETATM 1316 O  O   . HOH F 3 .  ? 16.98485  15.64543  -2.45346  1.000 42.69261  ? 133 HOH B O   1 
HETATM 1317 O  O   . HOH F 3 .  ? 6.19910   -9.82861  1.06544   1.000 45.00341  ? 134 HOH B O   1 
HETATM 1318 O  O   . HOH F 3 .  ? 18.43372  1.40555   2.83808   1.000 40.42434  ? 135 HOH B O   1 
HETATM 1319 O  O   . HOH F 3 .  ? 7.92109   -6.04531  15.69224  1.000 24.12494  ? 136 HOH B O   1 
HETATM 1320 O  O   . HOH F 3 .  ? 5.77101   18.45486  12.88609  1.000 47.04754  ? 137 HOH B O   1 
HETATM 1321 O  O   . HOH F 3 .  ? 13.24965  -1.04012  0.12960   1.000 37.03072  ? 138 HOH B O   1 
HETATM 1322 O  O   . HOH F 3 .  ? -5.71168  5.47471   9.51696   1.000 41.68018  ? 139 HOH B O   1 
HETATM 1323 O  O   . HOH F 3 .  ? 14.67316  -0.35245  12.70064  1.000 31.05389  ? 140 HOH B O   1 
HETATM 1324 O  O   . HOH F 3 .  ? 7.56960   -4.30379  -3.31249  1.000 48.32381  ? 141 HOH B O   1 
HETATM 1325 O  O   . HOH F 3 .  ? 2.00731   18.36235  -5.65532  1.000 46.67049  ? 142 HOH B O   1 
HETATM 1326 O  O   . HOH F 3 .  ? -3.57700  13.09739  1.81081   1.000 30.43815  ? 143 HOH B O   1 
HETATM 1327 O  O   . HOH F 3 .  ? -2.65075  10.25500  16.02081  1.000 34.90966  ? 144 HOH B O   1 
HETATM 1328 O  O   . HOH F 3 .  ? 10.02276  13.19698  -4.81051  1.000 42.35445  ? 145 HOH B O   1 
HETATM 1329 O  O   . HOH F 3 .  ? 9.20594   -5.23605  17.42491  1.000 48.14218  ? 146 HOH B O   1 
HETATM 1330 O  O   . HOH F 3 .  ? 3.36429   15.14388  16.33680  1.000 28.99506  ? 147 HOH B O   1 
HETATM 1331 O  O   . HOH F 3 .  ? 11.59701  1.33321   15.80170  1.000 35.95542  ? 148 HOH B O   1 
HETATM 1332 O  O   . HOH F 3 .  ? 13.44764  1.29313   14.36098  1.000 40.18884  ? 149 HOH B O   1 
HETATM 1333 O  O   . HOH F 3 .  ? 16.18991  18.69167  0.69528   1.000 45.82154  ? 150 HOH B O   1 
HETATM 1334 O  O   . HOH F 3 .  ? 10.97569  -6.86278  15.77289  1.000 39.20787  ? 151 HOH B O   1 
HETATM 1335 O  O   . HOH F 3 .  ? 7.21884   19.49369  7.98750   1.000 43.51665  ? 152 HOH B O   1 
HETATM 1336 O  O   . HOH F 3 .  ? 6.76952   17.90978  10.38175  1.000 39.84450  ? 153 HOH B O   1 
HETATM 1337 O  O   . HOH F 3 .  ? 17.81974  -0.20577  12.24014  1.000 44.41223  ? 154 HOH B O   1 
HETATM 1338 O  O   . HOH F 3 .  ? 6.55009   16.98235  14.87880  1.000 54.96916  ? 155 HOH B O   1 
HETATM 1339 O  O   . HOH F 3 .  ? 18.77674  0.87274   0.09119   1.000 53.27675  ? 156 HOH B O   1 
HETATM 1340 O  O   . HOH F 3 .  ? 17.59486  1.11807   -2.29835  1.000 55.58395  ? 157 HOH B O   1 
# 
